data_6H0Q
#
_entry.id   6H0Q
#
_entity_poly.entity_id   1
_entity_poly.type   'polypeptide(L)'
_entity_poly.pdbx_seq_one_letter_code
;GAASAATDLAARLNGLSPQQQQQTLATLVAAATATVLGHHTPESISPATAFKDLGIDSLTALELRNTLTHNTGLDLPPTL
IFDHPTPHALTQHLHTRLTQSH
;
_entity_poly.pdbx_strand_id   A
#
# COMPACT_ATOMS: atom_id res chain seq x y z
N GLY A 1 -17.16 -7.51 -0.80
CA GLY A 1 -16.58 -8.64 -0.04
C GLY A 1 -15.50 -9.35 -0.82
N ALA A 2 -14.48 -9.82 -0.11
CA ALA A 2 -13.37 -10.53 -0.74
C ALA A 2 -12.72 -11.47 0.26
N ALA A 3 -12.55 -12.72 -0.14
CA ALA A 3 -11.89 -13.72 0.71
C ALA A 3 -10.40 -13.72 0.46
N SER A 4 -9.97 -12.84 -0.44
CA SER A 4 -8.58 -12.68 -0.81
C SER A 4 -8.44 -11.61 -1.88
N ALA A 5 -8.11 -10.41 -1.48
CA ALA A 5 -7.83 -9.35 -2.44
C ALA A 5 -6.38 -9.44 -2.90
N ALA A 6 -5.68 -10.45 -2.40
CA ALA A 6 -4.30 -10.70 -2.81
C ALA A 6 -4.31 -11.38 -4.16
N THR A 7 -5.43 -12.01 -4.47
CA THR A 7 -5.59 -12.67 -5.73
C THR A 7 -6.32 -11.72 -6.69
N ASP A 8 -6.68 -10.55 -6.18
CA ASP A 8 -7.25 -9.49 -6.99
C ASP A 8 -6.17 -8.47 -7.27
N LEU A 9 -5.30 -8.32 -6.32
CA LEU A 9 -4.20 -7.40 -6.43
C LEU A 9 -3.22 -7.91 -7.44
N ALA A 10 -2.76 -9.12 -7.18
CA ALA A 10 -1.89 -9.83 -8.10
C ALA A 10 -2.58 -10.04 -9.45
N ALA A 11 -3.84 -9.62 -9.53
CA ALA A 11 -4.58 -9.65 -10.77
C ALA A 11 -4.30 -8.40 -11.57
N ARG A 12 -4.19 -7.24 -10.90
CA ARG A 12 -3.74 -6.02 -11.55
C ARG A 12 -2.32 -6.20 -12.04
N LEU A 13 -1.56 -6.95 -11.25
CA LEU A 13 -0.13 -7.13 -11.46
C LEU A 13 0.10 -8.18 -12.52
N ASN A 14 -0.75 -9.19 -12.47
CA ASN A 14 -0.77 -10.26 -13.46
C ASN A 14 -0.72 -9.72 -14.89
N GLY A 15 0.29 -10.13 -15.62
CA GLY A 15 0.44 -9.69 -16.98
C GLY A 15 1.35 -8.49 -17.11
N LEU A 16 1.75 -7.93 -15.98
CA LEU A 16 2.57 -6.73 -15.98
C LEU A 16 3.99 -7.03 -15.53
N SER A 17 4.86 -6.07 -15.80
CA SER A 17 6.26 -6.15 -15.41
C SER A 17 6.43 -5.58 -14.01
N PRO A 18 7.56 -5.88 -13.34
CA PRO A 18 7.79 -5.51 -11.93
C PRO A 18 7.48 -4.04 -11.63
N GLN A 19 7.98 -3.13 -12.44
CA GLN A 19 7.73 -1.70 -12.25
C GLN A 19 6.26 -1.35 -12.51
N GLN A 20 5.64 -2.06 -13.45
CA GLN A 20 4.22 -1.84 -13.75
C GLN A 20 3.38 -2.34 -12.58
N GLN A 21 3.70 -3.56 -12.14
CA GLN A 21 3.09 -4.18 -10.97
C GLN A 21 3.30 -3.33 -9.74
N GLN A 22 4.43 -2.64 -9.72
CA GLN A 22 4.77 -1.74 -8.66
C GLN A 22 3.79 -0.60 -8.65
N GLN A 23 3.70 0.05 -9.80
CA GLN A 23 2.80 1.18 -10.05
C GLN A 23 1.40 0.99 -9.48
N THR A 24 0.84 -0.19 -9.64
CA THR A 24 -0.48 -0.47 -9.11
C THR A 24 -0.54 -0.26 -7.60
N LEU A 25 0.45 -0.78 -6.89
CA LEU A 25 0.53 -0.54 -5.46
C LEU A 25 0.97 0.88 -5.23
N ALA A 26 1.90 1.32 -6.07
CA ALA A 26 2.43 2.67 -6.02
C ALA A 26 1.40 3.69 -6.48
N THR A 27 0.18 3.20 -6.61
CA THR A 27 -0.96 4.01 -6.92
C THR A 27 -2.03 3.78 -5.87
N LEU A 28 -2.28 2.50 -5.60
CA LEU A 28 -3.26 2.07 -4.63
C LEU A 28 -2.83 2.40 -3.22
N VAL A 29 -1.58 2.14 -2.93
CA VAL A 29 -1.03 2.38 -1.61
C VAL A 29 -1.04 3.86 -1.33
N ALA A 30 -0.84 4.62 -2.38
CA ALA A 30 -0.89 6.06 -2.30
C ALA A 30 -2.32 6.52 -2.29
N ALA A 31 -3.17 5.76 -2.96
CA ALA A 31 -4.59 6.01 -2.95
C ALA A 31 -5.12 5.80 -1.55
N ALA A 32 -4.56 4.77 -0.93
CA ALA A 32 -4.77 4.48 0.46
C ALA A 32 -4.37 5.66 1.33
N THR A 33 -3.17 6.20 1.11
CA THR A 33 -2.71 7.33 1.89
C THR A 33 -3.40 8.62 1.44
N ALA A 34 -3.92 8.60 0.23
CA ALA A 34 -4.71 9.70 -0.26
C ALA A 34 -6.03 9.74 0.49
N THR A 35 -6.47 8.58 0.92
CA THR A 35 -7.65 8.46 1.73
C THR A 35 -7.37 8.95 3.15
N VAL A 36 -6.29 8.45 3.76
CA VAL A 36 -5.99 8.72 5.17
C VAL A 36 -5.87 10.21 5.45
N LEU A 37 -5.43 10.98 4.46
CA LEU A 37 -5.20 12.40 4.66
C LEU A 37 -6.31 13.26 4.04
N GLY A 38 -7.33 12.61 3.50
CA GLY A 38 -8.41 13.33 2.85
C GLY A 38 -7.95 14.06 1.59
N HIS A 39 -7.13 13.40 0.78
CA HIS A 39 -6.63 13.97 -0.46
C HIS A 39 -7.29 13.31 -1.67
N HIS A 40 -7.91 12.16 -1.43
CA HIS A 40 -8.63 11.38 -2.45
C HIS A 40 -7.69 10.78 -3.49
N THR A 41 -6.98 11.60 -4.25
CA THR A 41 -6.17 11.10 -5.33
C THR A 41 -4.72 10.86 -4.89
N PRO A 42 -4.13 9.77 -5.41
CA PRO A 42 -2.74 9.39 -5.16
C PRO A 42 -1.76 10.35 -5.81
N GLU A 43 -2.29 11.18 -6.69
CA GLU A 43 -1.49 12.17 -7.41
C GLU A 43 -0.89 13.18 -6.45
N SER A 44 -1.54 13.39 -5.32
CA SER A 44 -1.03 14.28 -4.29
C SER A 44 -0.07 13.54 -3.36
N ILE A 45 -0.21 12.22 -3.35
CA ILE A 45 0.56 11.36 -2.46
C ILE A 45 1.88 10.95 -3.10
N SER A 46 2.94 11.69 -2.79
CA SER A 46 4.25 11.38 -3.30
C SER A 46 4.82 10.18 -2.56
N PRO A 47 5.68 9.38 -3.23
CA PRO A 47 6.08 8.07 -2.73
C PRO A 47 7.34 8.14 -1.91
N ALA A 48 7.95 9.30 -1.91
CA ALA A 48 9.25 9.46 -1.32
C ALA A 48 9.23 10.59 -0.29
N THR A 49 8.04 11.12 -0.04
CA THR A 49 7.81 12.13 0.95
C THR A 49 7.98 11.56 2.36
N ALA A 50 7.36 10.39 2.56
CA ALA A 50 7.29 9.65 3.82
C ALA A 50 5.95 9.85 4.48
N PHE A 51 5.40 8.74 4.95
CA PHE A 51 4.13 8.74 5.65
C PHE A 51 4.12 9.72 6.80
N LYS A 52 5.20 9.72 7.56
CA LYS A 52 5.37 10.68 8.62
C LYS A 52 5.19 12.09 8.11
N ASP A 53 5.78 12.34 6.95
CA ASP A 53 5.79 13.66 6.35
C ASP A 53 4.46 13.93 5.66
N LEU A 54 3.72 12.86 5.41
CA LEU A 54 2.45 12.92 4.73
C LEU A 54 1.33 13.25 5.69
N GLY A 55 1.51 12.88 6.94
CA GLY A 55 0.48 13.12 7.93
C GLY A 55 0.08 11.86 8.66
N ILE A 56 0.69 10.75 8.29
CA ILE A 56 0.46 9.48 8.95
C ILE A 56 0.79 9.62 10.45
N ASP A 57 -0.22 9.42 11.27
CA ASP A 57 -0.14 9.72 12.70
C ASP A 57 -0.43 8.49 13.56
N SER A 58 0.02 7.32 13.11
CA SER A 58 -0.26 6.04 13.77
C SER A 58 -1.71 5.60 13.55
N LEU A 59 -2.64 6.51 13.72
CA LEU A 59 -4.05 6.24 13.49
C LEU A 59 -4.29 6.05 12.01
N THR A 60 -3.78 6.99 11.24
CA THR A 60 -3.89 6.91 9.81
C THR A 60 -2.88 5.94 9.25
N ALA A 61 -1.96 5.53 10.12
CA ALA A 61 -1.04 4.47 9.77
C ALA A 61 -1.76 3.14 9.87
N LEU A 62 -2.65 3.03 10.85
CA LEU A 62 -3.48 1.86 10.99
C LEU A 62 -4.55 1.87 9.91
N GLU A 63 -5.16 3.01 9.68
CA GLU A 63 -6.15 3.15 8.64
C GLU A 63 -5.50 2.93 7.28
N LEU A 64 -4.24 3.36 7.16
CA LEU A 64 -3.43 3.01 6.00
C LEU A 64 -3.37 1.51 5.91
N ARG A 65 -3.04 0.94 7.05
CA ARG A 65 -2.82 -0.50 7.20
C ARG A 65 -4.10 -1.25 6.83
N ASN A 66 -5.19 -0.78 7.40
CA ASN A 66 -6.52 -1.31 7.17
C ASN A 66 -6.88 -1.32 5.69
N THR A 67 -6.44 -0.31 4.96
CA THR A 67 -6.69 -0.26 3.53
C THR A 67 -5.72 -1.16 2.78
N LEU A 68 -4.43 -0.98 3.02
CA LEU A 68 -3.37 -1.75 2.35
C LEU A 68 -3.64 -3.22 2.42
N THR A 69 -3.70 -3.73 3.63
CA THR A 69 -3.90 -5.14 3.88
C THR A 69 -5.17 -5.65 3.21
N HIS A 70 -6.16 -4.78 3.13
CA HIS A 70 -7.45 -5.15 2.57
C HIS A 70 -7.37 -5.24 1.05
N ASN A 71 -6.57 -4.37 0.44
CA ASN A 71 -6.42 -4.36 -1.02
C ASN A 71 -5.38 -5.37 -1.49
N THR A 72 -4.48 -5.77 -0.61
CA THR A 72 -3.39 -6.65 -0.99
C THR A 72 -3.52 -8.01 -0.36
N GLY A 73 -4.39 -8.12 0.63
CA GLY A 73 -4.71 -9.42 1.18
C GLY A 73 -3.69 -9.90 2.18
N LEU A 74 -2.74 -9.05 2.49
CA LEU A 74 -1.64 -9.41 3.34
C LEU A 74 -1.97 -9.22 4.81
N ASP A 75 -1.12 -9.78 5.65
CA ASP A 75 -1.34 -9.75 7.09
C ASP A 75 -0.11 -9.22 7.81
N LEU A 76 0.12 -7.94 7.63
CA LEU A 76 1.23 -7.27 8.31
C LEU A 76 0.69 -6.35 9.42
N PRO A 77 1.23 -6.51 10.64
CA PRO A 77 0.86 -5.69 11.80
C PRO A 77 0.97 -4.17 11.55
N PRO A 78 0.26 -3.39 12.38
CA PRO A 78 0.22 -1.90 12.36
C PRO A 78 1.57 -1.19 12.29
N THR A 79 2.65 -1.92 12.40
CA THR A 79 3.96 -1.31 12.40
C THR A 79 4.52 -1.30 10.99
N LEU A 80 3.60 -1.40 10.03
CA LEU A 80 3.94 -1.44 8.62
C LEU A 80 4.49 -0.10 8.17
N ILE A 81 3.92 0.98 8.70
CA ILE A 81 4.40 2.33 8.37
C ILE A 81 5.72 2.60 9.07
N PHE A 82 5.80 2.10 10.29
CA PHE A 82 7.00 2.24 11.10
C PHE A 82 8.16 1.46 10.49
N ASP A 83 7.84 0.40 9.78
CA ASP A 83 8.85 -0.43 9.12
C ASP A 83 9.09 0.03 7.68
N HIS A 84 8.03 0.55 7.06
CA HIS A 84 8.10 1.04 5.69
C HIS A 84 7.51 2.45 5.64
N PRO A 85 8.36 3.48 5.73
CA PRO A 85 7.91 4.84 6.00
C PRO A 85 7.53 5.67 4.78
N THR A 86 7.52 5.10 3.58
CA THR A 86 7.10 5.86 2.41
C THR A 86 6.11 5.06 1.57
N PRO A 87 5.25 5.73 0.76
CA PRO A 87 4.34 5.03 -0.14
C PRO A 87 5.08 4.06 -1.06
N HIS A 88 6.31 4.44 -1.41
CA HIS A 88 7.21 3.58 -2.16
C HIS A 88 7.56 2.37 -1.32
N ALA A 89 7.98 2.61 -0.08
CA ALA A 89 8.32 1.57 0.87
C ALA A 89 7.18 0.57 1.08
N LEU A 90 6.01 1.09 1.45
CA LEU A 90 4.83 0.25 1.64
C LEU A 90 4.54 -0.55 0.39
N THR A 91 4.65 0.10 -0.75
CA THR A 91 4.45 -0.56 -2.02
C THR A 91 5.45 -1.68 -2.19
N GLN A 92 6.73 -1.36 -1.97
CA GLN A 92 7.80 -2.34 -2.02
C GLN A 92 7.46 -3.56 -1.18
N HIS A 93 6.93 -3.30 0.01
CA HIS A 93 6.52 -4.37 0.91
C HIS A 93 5.54 -5.33 0.23
N LEU A 94 4.41 -4.80 -0.25
CA LEU A 94 3.35 -5.65 -0.79
C LEU A 94 3.71 -6.16 -2.19
N HIS A 95 4.65 -5.48 -2.82
CA HIS A 95 5.11 -5.87 -4.16
C HIS A 95 6.06 -7.04 -4.04
N THR A 96 6.76 -7.09 -2.93
CA THR A 96 7.72 -8.12 -2.65
C THR A 96 7.03 -9.29 -1.97
N ARG A 97 6.12 -8.97 -1.05
CA ARG A 97 5.39 -9.97 -0.29
C ARG A 97 4.47 -10.78 -1.19
N LEU A 98 4.16 -10.24 -2.37
CA LEU A 98 3.41 -10.97 -3.38
C LEU A 98 3.96 -12.38 -3.58
N THR A 99 5.28 -12.48 -3.59
CA THR A 99 5.93 -13.76 -3.71
C THR A 99 6.48 -14.21 -2.35
N GLN A 100 7.00 -13.25 -1.59
CA GLN A 100 7.54 -13.54 -0.26
C GLN A 100 6.44 -13.66 0.78
N SER A 101 5.49 -14.54 0.55
CA SER A 101 4.41 -14.76 1.49
C SER A 101 3.89 -16.18 1.36
N HIS A 102 2.83 -16.48 2.09
CA HIS A 102 2.28 -17.82 2.11
C HIS A 102 0.96 -17.87 1.36
N GLY A 1 -16.72 -5.73 -4.27
CA GLY A 1 -16.18 -6.41 -3.07
C GLY A 1 -15.04 -7.35 -3.41
N ALA A 2 -14.00 -7.32 -2.61
CA ALA A 2 -12.84 -8.16 -2.82
C ALA A 2 -12.56 -9.02 -1.61
N ALA A 3 -12.88 -10.31 -1.73
CA ALA A 3 -12.61 -11.28 -0.68
C ALA A 3 -11.12 -11.49 -0.55
N SER A 4 -10.61 -12.35 -1.41
CA SER A 4 -9.21 -12.64 -1.48
C SER A 4 -8.52 -11.65 -2.43
N ALA A 5 -8.20 -10.48 -1.91
CA ALA A 5 -7.67 -9.40 -2.73
C ALA A 5 -6.19 -9.57 -3.04
N ALA A 6 -5.56 -10.61 -2.51
CA ALA A 6 -4.15 -10.86 -2.82
C ALA A 6 -4.03 -11.58 -4.14
N THR A 7 -5.11 -12.23 -4.53
CA THR A 7 -5.16 -12.90 -5.81
C THR A 7 -5.92 -12.03 -6.78
N ASP A 8 -6.29 -10.83 -6.31
CA ASP A 8 -6.83 -9.80 -7.18
C ASP A 8 -5.77 -8.76 -7.40
N LEU A 9 -5.00 -8.52 -6.37
CA LEU A 9 -3.95 -7.54 -6.44
C LEU A 9 -2.90 -8.00 -7.41
N ALA A 10 -2.37 -9.18 -7.12
CA ALA A 10 -1.41 -9.84 -7.98
C ALA A 10 -2.01 -10.11 -9.36
N ALA A 11 -3.30 -9.80 -9.51
CA ALA A 11 -3.98 -9.93 -10.78
C ALA A 11 -3.76 -8.66 -11.60
N ARG A 12 -3.71 -7.50 -10.94
CA ARG A 12 -3.31 -6.26 -11.60
C ARG A 12 -1.86 -6.35 -12.03
N LEU A 13 -1.09 -7.06 -11.21
CA LEU A 13 0.34 -7.15 -11.36
C LEU A 13 0.69 -8.19 -12.39
N ASN A 14 -0.07 -9.26 -12.38
CA ASN A 14 0.04 -10.33 -13.36
C ASN A 14 -0.07 -9.79 -14.78
N GLY A 15 0.91 -10.12 -15.59
CA GLY A 15 0.95 -9.63 -16.95
C GLY A 15 1.82 -8.39 -17.06
N LEU A 16 2.13 -7.80 -15.93
CA LEU A 16 2.88 -6.57 -15.89
C LEU A 16 4.32 -6.82 -15.48
N SER A 17 5.16 -5.84 -15.75
CA SER A 17 6.55 -5.88 -15.35
C SER A 17 6.67 -5.45 -13.90
N PRO A 18 7.75 -5.84 -13.21
CA PRO A 18 7.93 -5.56 -11.77
C PRO A 18 7.62 -4.10 -11.40
N GLN A 19 8.14 -3.17 -12.19
CA GLN A 19 7.92 -1.75 -11.96
C GLN A 19 6.46 -1.37 -12.18
N GLN A 20 5.82 -2.02 -13.14
CA GLN A 20 4.41 -1.77 -13.46
C GLN A 20 3.55 -2.30 -12.32
N GLN A 21 3.89 -3.51 -11.90
CA GLN A 21 3.28 -4.15 -10.75
C GLN A 21 3.40 -3.26 -9.53
N GLN A 22 4.54 -2.60 -9.42
CA GLN A 22 4.79 -1.67 -8.34
C GLN A 22 3.82 -0.50 -8.44
N GLN A 23 3.66 0.03 -9.65
CA GLN A 23 2.79 1.18 -9.91
C GLN A 23 1.37 0.99 -9.42
N THR A 24 0.83 -0.22 -9.56
CA THR A 24 -0.49 -0.53 -9.06
C THR A 24 -0.58 -0.27 -7.57
N LEU A 25 0.42 -0.71 -6.83
CA LEU A 25 0.48 -0.44 -5.40
C LEU A 25 0.88 1.01 -5.21
N ALA A 26 1.79 1.45 -6.04
CA ALA A 26 2.27 2.82 -6.04
C ALA A 26 1.18 3.79 -6.51
N THR A 27 0.00 3.25 -6.67
CA THR A 27 -1.19 3.99 -7.01
C THR A 27 -2.23 3.75 -5.93
N LEU A 28 -2.43 2.47 -5.62
CA LEU A 28 -3.38 2.04 -4.64
C LEU A 28 -2.95 2.40 -3.23
N VAL A 29 -1.69 2.16 -2.95
CA VAL A 29 -1.14 2.42 -1.64
C VAL A 29 -1.13 3.92 -1.38
N ALA A 30 -0.96 4.66 -2.44
CA ALA A 30 -0.99 6.11 -2.37
C ALA A 30 -2.43 6.58 -2.39
N ALA A 31 -3.28 5.81 -3.03
CA ALA A 31 -4.71 6.03 -3.00
C ALA A 31 -5.20 5.81 -1.58
N ALA A 32 -4.61 4.80 -0.97
CA ALA A 32 -4.80 4.49 0.43
C ALA A 32 -4.36 5.66 1.31
N THR A 33 -3.19 6.21 1.04
CA THR A 33 -2.71 7.32 1.84
C THR A 33 -3.37 8.63 1.39
N ALA A 34 -3.88 8.64 0.18
CA ALA A 34 -4.70 9.74 -0.26
C ALA A 34 -5.97 9.75 0.58
N THR A 35 -6.47 8.56 0.83
CA THR A 35 -7.63 8.37 1.65
C THR A 35 -7.39 8.85 3.08
N VAL A 36 -6.33 8.32 3.71
CA VAL A 36 -6.06 8.57 5.12
C VAL A 36 -6.01 10.06 5.44
N LEU A 37 -5.52 10.85 4.51
CA LEU A 37 -5.31 12.28 4.75
C LEU A 37 -6.47 13.13 4.25
N GLY A 38 -7.58 12.50 3.88
CA GLY A 38 -8.72 13.25 3.40
C GLY A 38 -8.55 13.78 2.00
N HIS A 39 -7.80 13.04 1.19
CA HIS A 39 -7.58 13.39 -0.21
C HIS A 39 -8.13 12.26 -1.09
N HIS A 40 -7.88 12.35 -2.38
CA HIS A 40 -8.23 11.26 -3.28
C HIS A 40 -7.19 11.12 -4.38
N THR A 41 -6.22 12.02 -4.40
CA THR A 41 -5.15 11.96 -5.38
C THR A 41 -3.94 11.21 -4.88
N PRO A 42 -3.61 10.09 -5.53
CA PRO A 42 -2.37 9.36 -5.30
C PRO A 42 -1.20 10.12 -5.93
N GLU A 43 -1.55 11.10 -6.75
CA GLU A 43 -0.57 11.98 -7.37
C GLU A 43 0.02 12.92 -6.33
N SER A 44 -0.85 13.42 -5.46
CA SER A 44 -0.46 14.32 -4.38
C SER A 44 0.31 13.55 -3.31
N ILE A 45 0.11 12.24 -3.32
CA ILE A 45 0.79 11.35 -2.39
C ILE A 45 2.15 10.94 -2.94
N SER A 46 3.14 11.77 -2.70
CA SER A 46 4.49 11.51 -3.17
C SER A 46 5.06 10.28 -2.45
N PRO A 47 5.90 9.49 -3.13
CA PRO A 47 6.31 8.17 -2.67
C PRO A 47 7.57 8.22 -1.85
N ALA A 48 8.18 9.40 -1.83
CA ALA A 48 9.46 9.55 -1.22
C ALA A 48 9.44 10.67 -0.18
N THR A 49 8.26 11.26 -0.02
CA THR A 49 8.02 12.25 1.00
C THR A 49 8.07 11.64 2.39
N ALA A 50 7.43 10.46 2.48
CA ALA A 50 7.29 9.66 3.71
C ALA A 50 5.92 9.84 4.31
N PHE A 51 5.35 8.74 4.75
CA PHE A 51 4.06 8.71 5.42
C PHE A 51 4.02 9.67 6.59
N LYS A 52 5.06 9.62 7.38
CA LYS A 52 5.22 10.53 8.50
C LYS A 52 5.07 11.96 8.02
N ASP A 53 5.70 12.25 6.90
CA ASP A 53 5.74 13.58 6.34
C ASP A 53 4.44 13.89 5.61
N LEU A 54 3.63 12.86 5.45
CA LEU A 54 2.35 12.95 4.76
C LEU A 54 1.24 13.24 5.74
N GLY A 55 1.42 12.84 6.99
CA GLY A 55 0.41 13.05 7.98
C GLY A 55 0.05 11.76 8.68
N ILE A 56 0.70 10.69 8.26
CA ILE A 56 0.53 9.39 8.88
C ILE A 56 1.06 9.42 10.31
N ASP A 57 0.16 9.53 11.27
CA ASP A 57 0.57 9.47 12.67
C ASP A 57 -0.27 8.46 13.44
N SER A 58 0.15 7.20 13.38
CA SER A 58 -0.48 6.09 14.11
C SER A 58 -1.87 5.75 13.55
N LEU A 59 -2.83 6.67 13.75
CA LEU A 59 -4.22 6.43 13.36
C LEU A 59 -4.31 6.17 11.88
N THR A 60 -3.75 7.07 11.10
CA THR A 60 -3.81 6.94 9.67
C THR A 60 -2.79 5.94 9.18
N ALA A 61 -1.91 5.51 10.08
CA ALA A 61 -0.99 4.44 9.76
C ALA A 61 -1.71 3.11 9.87
N LEU A 62 -2.60 3.03 10.86
CA LEU A 62 -3.44 1.86 11.04
C LEU A 62 -4.53 1.85 9.98
N GLU A 63 -5.15 3.00 9.73
CA GLU A 63 -6.14 3.12 8.69
C GLU A 63 -5.49 2.88 7.33
N LEU A 64 -4.23 3.30 7.19
CA LEU A 64 -3.44 2.93 6.03
C LEU A 64 -3.39 1.42 5.97
N ARG A 65 -3.04 0.86 7.11
CA ARG A 65 -2.87 -0.58 7.27
C ARG A 65 -4.14 -1.30 6.88
N ASN A 66 -5.23 -0.83 7.45
CA ASN A 66 -6.55 -1.37 7.23
C ASN A 66 -6.94 -1.35 5.76
N THR A 67 -6.49 -0.34 5.02
CA THR A 67 -6.72 -0.29 3.60
C THR A 67 -5.77 -1.23 2.86
N LEU A 68 -4.47 -1.05 3.10
CA LEU A 68 -3.44 -1.84 2.44
C LEU A 68 -3.73 -3.33 2.50
N THR A 69 -3.77 -3.84 3.72
CA THR A 69 -3.90 -5.26 3.95
C THR A 69 -5.20 -5.80 3.35
N HIS A 70 -6.17 -4.91 3.15
CA HIS A 70 -7.43 -5.27 2.53
C HIS A 70 -7.28 -5.40 1.03
N ASN A 71 -6.58 -4.44 0.42
CA ASN A 71 -6.45 -4.39 -1.04
C ASN A 71 -5.40 -5.36 -1.55
N THR A 72 -4.53 -5.79 -0.67
CA THR A 72 -3.45 -6.68 -1.03
C THR A 72 -3.68 -8.06 -0.49
N GLY A 73 -4.72 -8.18 0.33
CA GLY A 73 -5.19 -9.49 0.71
C GLY A 73 -4.37 -10.08 1.82
N LEU A 74 -3.47 -9.27 2.32
CA LEU A 74 -2.54 -9.68 3.32
C LEU A 74 -3.17 -9.66 4.69
N ASP A 75 -2.45 -10.18 5.66
CA ASP A 75 -2.96 -10.28 7.01
C ASP A 75 -1.87 -9.94 8.02
N LEU A 76 -1.35 -8.73 7.89
CA LEU A 76 -0.30 -8.27 8.79
C LEU A 76 -0.80 -7.10 9.63
N PRO A 77 -0.34 -7.04 10.89
CA PRO A 77 -0.72 -5.98 11.85
C PRO A 77 -0.13 -4.61 11.46
N PRO A 78 -0.39 -3.56 12.29
CA PRO A 78 0.23 -2.23 12.11
C PRO A 78 1.76 -2.26 12.11
N THR A 79 2.38 -1.10 12.42
CA THR A 79 3.83 -0.92 12.36
C THR A 79 4.39 -1.17 10.97
N LEU A 80 3.51 -1.21 9.98
CA LEU A 80 3.93 -1.33 8.58
C LEU A 80 4.53 -0.02 8.12
N ILE A 81 3.96 1.08 8.59
CA ILE A 81 4.46 2.41 8.25
C ILE A 81 5.79 2.66 8.95
N PHE A 82 5.89 2.10 10.15
CA PHE A 82 7.08 2.21 10.96
C PHE A 82 8.25 1.42 10.36
N ASP A 83 7.92 0.37 9.61
CA ASP A 83 8.94 -0.43 8.93
C ASP A 83 9.15 0.08 7.51
N HIS A 84 8.07 0.57 6.91
CA HIS A 84 8.10 1.07 5.54
C HIS A 84 7.49 2.47 5.51
N PRO A 85 8.33 3.50 5.68
CA PRO A 85 7.86 4.85 5.95
C PRO A 85 7.53 5.69 4.72
N THR A 86 7.57 5.13 3.52
CA THR A 86 7.22 5.89 2.33
C THR A 86 6.22 5.12 1.49
N PRO A 87 5.37 5.79 0.68
CA PRO A 87 4.45 5.10 -0.24
C PRO A 87 5.19 4.14 -1.15
N HIS A 88 6.44 4.49 -1.47
CA HIS A 88 7.35 3.61 -2.17
C HIS A 88 7.63 2.37 -1.31
N ALA A 89 8.05 2.62 -0.07
CA ALA A 89 8.36 1.57 0.89
C ALA A 89 7.21 0.61 1.12
N LEU A 90 6.06 1.14 1.53
CA LEU A 90 4.88 0.32 1.77
C LEU A 90 4.56 -0.53 0.57
N THR A 91 4.66 0.10 -0.58
CA THR A 91 4.43 -0.57 -1.82
C THR A 91 5.41 -1.72 -2.00
N GLN A 92 6.68 -1.44 -1.70
CA GLN A 92 7.72 -2.45 -1.76
C GLN A 92 7.40 -3.63 -0.85
N HIS A 93 6.75 -3.33 0.28
CA HIS A 93 6.34 -4.35 1.23
C HIS A 93 5.34 -5.33 0.61
N LEU A 94 4.25 -4.80 0.07
CA LEU A 94 3.20 -5.63 -0.51
C LEU A 94 3.62 -6.19 -1.86
N HIS A 95 4.54 -5.51 -2.52
CA HIS A 95 5.05 -5.97 -3.81
C HIS A 95 5.99 -7.14 -3.56
N THR A 96 6.56 -7.15 -2.37
CA THR A 96 7.46 -8.19 -1.95
C THR A 96 6.65 -9.41 -1.53
N ARG A 97 5.53 -9.15 -0.87
CA ARG A 97 4.66 -10.20 -0.38
C ARG A 97 4.05 -11.01 -1.51
N LEU A 98 4.16 -10.50 -2.72
CA LEU A 98 3.73 -11.23 -3.89
C LEU A 98 4.79 -12.21 -4.41
N THR A 99 5.98 -12.18 -3.83
CA THR A 99 7.10 -12.90 -4.41
C THR A 99 7.92 -13.66 -3.38
N GLN A 100 7.55 -13.54 -2.13
CA GLN A 100 8.21 -14.29 -1.07
C GLN A 100 7.20 -14.96 -0.15
N SER A 101 5.99 -15.12 -0.65
CA SER A 101 4.92 -15.71 0.13
C SER A 101 4.83 -17.20 -0.12
N HIS A 102 4.22 -17.89 0.81
CA HIS A 102 4.07 -19.33 0.70
C HIS A 102 2.62 -19.72 0.99
N GLY A 1 -15.08 -8.93 1.65
CA GLY A 1 -14.18 -8.75 2.81
C GLY A 1 -12.72 -8.76 2.39
N ALA A 2 -11.90 -9.42 3.19
CA ALA A 2 -10.48 -9.51 2.91
C ALA A 2 -10.00 -10.94 3.14
N ALA A 3 -10.76 -11.89 2.63
CA ALA A 3 -10.41 -13.30 2.73
C ALA A 3 -9.14 -13.58 1.96
N SER A 4 -9.12 -13.12 0.73
CA SER A 4 -8.05 -13.42 -0.19
C SER A 4 -7.98 -12.39 -1.29
N ALA A 5 -7.83 -11.13 -0.90
CA ALA A 5 -7.74 -10.03 -1.86
C ALA A 5 -6.32 -9.88 -2.37
N ALA A 6 -5.44 -10.75 -1.91
CA ALA A 6 -4.08 -10.78 -2.40
C ALA A 6 -4.05 -11.31 -3.82
N THR A 7 -4.73 -12.43 -4.05
CA THR A 7 -4.93 -12.92 -5.40
C THR A 7 -5.83 -11.98 -6.22
N ASP A 8 -6.26 -10.87 -5.62
CA ASP A 8 -6.98 -9.84 -6.36
C ASP A 8 -6.02 -8.74 -6.70
N LEU A 9 -5.13 -8.47 -5.76
CA LEU A 9 -4.13 -7.47 -5.95
C LEU A 9 -3.18 -7.92 -7.04
N ALA A 10 -2.61 -9.08 -6.78
CA ALA A 10 -1.73 -9.74 -7.73
C ALA A 10 -2.48 -10.05 -9.03
N ALA A 11 -3.78 -9.77 -9.05
CA ALA A 11 -4.57 -9.90 -10.25
C ALA A 11 -4.35 -8.67 -11.13
N ARG A 12 -4.26 -7.50 -10.50
CA ARG A 12 -3.88 -6.28 -11.20
C ARG A 12 -2.47 -6.40 -11.75
N LEU A 13 -1.65 -7.11 -10.99
CA LEU A 13 -0.23 -7.18 -11.25
C LEU A 13 0.06 -8.22 -12.31
N ASN A 14 -0.59 -9.34 -12.15
CA ASN A 14 -0.55 -10.40 -13.13
C ASN A 14 -0.96 -9.88 -14.50
N GLY A 15 -0.05 -10.01 -15.45
CA GLY A 15 -0.26 -9.42 -16.75
C GLY A 15 0.64 -8.22 -16.96
N LEU A 16 1.22 -7.74 -15.86
CA LEU A 16 2.08 -6.58 -15.89
C LEU A 16 3.54 -6.96 -15.67
N SER A 17 4.41 -6.03 -16.01
CA SER A 17 5.82 -6.14 -15.71
C SER A 17 6.05 -5.76 -14.25
N PRO A 18 7.13 -6.26 -13.64
CA PRO A 18 7.39 -6.08 -12.20
C PRO A 18 7.21 -4.64 -11.72
N GLN A 19 7.78 -3.69 -12.47
CA GLN A 19 7.68 -2.27 -12.12
C GLN A 19 6.23 -1.77 -12.24
N GLN A 20 5.50 -2.31 -13.19
CA GLN A 20 4.09 -1.93 -13.38
C GLN A 20 3.25 -2.52 -12.25
N GLN A 21 3.58 -3.75 -11.90
CA GLN A 21 2.99 -4.41 -10.76
C GLN A 21 3.22 -3.58 -9.51
N GLN A 22 4.38 -2.95 -9.45
CA GLN A 22 4.69 -2.01 -8.38
C GLN A 22 3.79 -0.80 -8.46
N GLN A 23 3.67 -0.22 -9.65
CA GLN A 23 2.86 0.96 -9.90
C GLN A 23 1.43 0.85 -9.38
N THR A 24 0.82 -0.31 -9.56
CA THR A 24 -0.52 -0.54 -9.06
C THR A 24 -0.59 -0.31 -7.56
N LEU A 25 0.40 -0.80 -6.84
CA LEU A 25 0.50 -0.56 -5.41
C LEU A 25 0.95 0.87 -5.19
N ALA A 26 1.89 1.27 -6.01
CA ALA A 26 2.45 2.62 -5.97
C ALA A 26 1.42 3.66 -6.41
N THR A 27 0.20 3.20 -6.58
CA THR A 27 -0.93 4.02 -6.89
C THR A 27 -2.01 3.78 -5.84
N LEU A 28 -2.26 2.51 -5.58
CA LEU A 28 -3.25 2.07 -4.62
C LEU A 28 -2.84 2.41 -3.20
N VAL A 29 -1.59 2.17 -2.90
CA VAL A 29 -1.06 2.43 -1.58
C VAL A 29 -1.08 3.92 -1.30
N ALA A 30 -0.89 4.67 -2.35
CA ALA A 30 -0.97 6.11 -2.28
C ALA A 30 -2.41 6.56 -2.29
N ALA A 31 -3.24 5.78 -2.95
CA ALA A 31 -4.68 5.98 -2.94
C ALA A 31 -5.18 5.76 -1.53
N ALA A 32 -4.60 4.75 -0.90
CA ALA A 32 -4.78 4.48 0.51
C ALA A 32 -4.37 5.66 1.36
N THR A 33 -3.18 6.21 1.09
CA THR A 33 -2.70 7.33 1.88
C THR A 33 -3.37 8.64 1.43
N ALA A 34 -3.93 8.62 0.24
CA ALA A 34 -4.75 9.73 -0.21
C ALA A 34 -6.00 9.78 0.66
N THR A 35 -6.50 8.59 1.00
CA THR A 35 -7.67 8.44 1.82
C THR A 35 -7.41 8.88 3.26
N VAL A 36 -6.33 8.36 3.84
CA VAL A 36 -6.02 8.57 5.26
C VAL A 36 -5.98 10.04 5.62
N LEU A 37 -5.47 10.86 4.71
CA LEU A 37 -5.28 12.27 4.99
C LEU A 37 -6.55 13.07 4.69
N GLY A 38 -7.24 12.71 3.63
CA GLY A 38 -8.50 13.37 3.31
C GLY A 38 -8.57 13.82 1.87
N HIS A 39 -7.94 13.06 0.99
CA HIS A 39 -7.92 13.36 -0.44
C HIS A 39 -8.30 12.10 -1.21
N HIS A 40 -8.23 12.17 -2.52
CA HIS A 40 -8.49 11.00 -3.35
C HIS A 40 -7.43 10.90 -4.44
N THR A 41 -6.45 11.77 -4.39
CA THR A 41 -5.37 11.73 -5.36
C THR A 41 -4.14 10.99 -4.84
N PRO A 42 -3.85 9.85 -5.45
CA PRO A 42 -2.62 9.09 -5.19
C PRO A 42 -1.42 9.78 -5.83
N GLU A 43 -1.73 10.67 -6.77
CA GLU A 43 -0.73 11.44 -7.48
C GLU A 43 -0.05 12.43 -6.54
N SER A 44 -0.89 13.13 -5.78
CA SER A 44 -0.43 14.11 -4.80
C SER A 44 0.34 13.42 -3.68
N ILE A 45 0.05 12.14 -3.50
CA ILE A 45 0.72 11.33 -2.49
C ILE A 45 2.09 10.91 -3.00
N SER A 46 3.07 11.77 -2.82
CA SER A 46 4.42 11.48 -3.26
C SER A 46 4.97 10.25 -2.53
N PRO A 47 5.78 9.44 -3.20
CA PRO A 47 6.16 8.12 -2.73
C PRO A 47 7.43 8.17 -1.92
N ALA A 48 8.02 9.36 -1.89
CA ALA A 48 9.31 9.53 -1.31
C ALA A 48 9.30 10.64 -0.27
N THR A 49 8.12 11.20 -0.06
CA THR A 49 7.91 12.22 0.95
C THR A 49 8.05 11.64 2.36
N ALA A 50 7.42 10.46 2.50
CA ALA A 50 7.32 9.68 3.75
C ALA A 50 5.97 9.87 4.36
N PHE A 51 5.40 8.75 4.80
CA PHE A 51 4.12 8.72 5.48
C PHE A 51 4.08 9.68 6.64
N LYS A 52 5.14 9.66 7.43
CA LYS A 52 5.30 10.59 8.53
C LYS A 52 5.12 12.02 8.04
N ASP A 53 5.73 12.29 6.90
CA ASP A 53 5.74 13.62 6.32
C ASP A 53 4.46 13.88 5.54
N LEU A 54 3.64 12.86 5.44
CA LEU A 54 2.37 12.94 4.74
C LEU A 54 1.24 13.25 5.71
N GLY A 55 1.44 12.87 6.96
CA GLY A 55 0.40 13.09 7.95
C GLY A 55 0.06 11.80 8.65
N ILE A 56 0.72 10.74 8.25
CA ILE A 56 0.54 9.44 8.87
C ILE A 56 1.03 9.44 10.31
N ASP A 57 0.12 9.42 11.26
CA ASP A 57 0.49 9.24 12.65
C ASP A 57 -0.43 8.21 13.31
N SER A 58 0.10 7.00 13.51
CA SER A 58 -0.60 5.90 14.21
C SER A 58 -1.98 5.56 13.62
N LEU A 59 -2.97 6.39 13.92
CA LEU A 59 -4.35 6.17 13.49
C LEU A 59 -4.43 5.97 11.99
N THR A 60 -3.88 6.92 11.27
CA THR A 60 -3.92 6.89 9.83
C THR A 60 -2.90 5.92 9.28
N ALA A 61 -1.97 5.51 10.13
CA ALA A 61 -1.04 4.47 9.77
C ALA A 61 -1.73 3.12 9.85
N LEU A 62 -2.64 2.99 10.81
CA LEU A 62 -3.45 1.80 10.92
C LEU A 62 -4.53 1.82 9.85
N GLU A 63 -5.16 2.97 9.64
CA GLU A 63 -6.15 3.11 8.61
C GLU A 63 -5.50 2.93 7.23
N LEU A 64 -4.24 3.38 7.12
CA LEU A 64 -3.43 3.07 5.95
C LEU A 64 -3.34 1.57 5.80
N ARG A 65 -3.09 0.95 6.94
CA ARG A 65 -2.91 -0.48 7.04
C ARG A 65 -4.20 -1.19 6.67
N ASN A 66 -5.27 -0.72 7.26
CA ASN A 66 -6.60 -1.25 7.04
C ASN A 66 -6.97 -1.24 5.56
N THR A 67 -6.53 -0.23 4.84
CA THR A 67 -6.75 -0.17 3.41
C THR A 67 -5.73 -1.03 2.66
N LEU A 68 -4.45 -0.82 2.94
CA LEU A 68 -3.39 -1.53 2.24
C LEU A 68 -3.58 -3.03 2.37
N THR A 69 -3.78 -3.50 3.60
CA THR A 69 -4.02 -4.90 3.88
C THR A 69 -5.21 -5.43 3.11
N HIS A 70 -6.25 -4.62 3.03
CA HIS A 70 -7.48 -5.05 2.40
C HIS A 70 -7.31 -5.23 0.90
N ASN A 71 -6.47 -4.39 0.31
CA ASN A 71 -6.26 -4.44 -1.13
C ASN A 71 -5.15 -5.39 -1.53
N THR A 72 -4.33 -5.80 -0.57
CA THR A 72 -3.19 -6.65 -0.86
C THR A 72 -3.33 -8.00 -0.20
N GLY A 73 -4.28 -8.12 0.71
CA GLY A 73 -4.60 -9.40 1.27
C GLY A 73 -3.64 -9.83 2.35
N LEU A 74 -2.79 -8.92 2.75
CA LEU A 74 -1.75 -9.21 3.71
C LEU A 74 -2.19 -8.90 5.12
N ASP A 75 -2.30 -9.94 5.90
CA ASP A 75 -2.82 -9.85 7.24
C ASP A 75 -1.69 -9.61 8.24
N LEU A 76 -1.14 -8.42 8.19
CA LEU A 76 -0.13 -7.99 9.15
C LEU A 76 -0.66 -6.86 10.01
N PRO A 77 -0.22 -6.82 11.28
CA PRO A 77 -0.58 -5.75 12.21
C PRO A 77 0.04 -4.40 11.81
N PRO A 78 -0.17 -3.32 12.60
CA PRO A 78 0.46 -2.00 12.37
C PRO A 78 1.99 -2.05 12.31
N THR A 79 2.63 -0.89 12.55
CA THR A 79 4.08 -0.73 12.46
C THR A 79 4.62 -1.05 11.07
N LEU A 80 3.74 -1.15 10.09
CA LEU A 80 4.15 -1.31 8.70
C LEU A 80 4.67 0.00 8.16
N ILE A 81 4.07 1.10 8.61
CA ILE A 81 4.50 2.43 8.21
C ILE A 81 5.86 2.77 8.83
N PHE A 82 6.05 2.27 10.04
CA PHE A 82 7.29 2.47 10.76
C PHE A 82 8.43 1.64 10.17
N ASP A 83 8.07 0.51 9.58
CA ASP A 83 9.06 -0.35 8.91
C ASP A 83 9.24 0.10 7.46
N HIS A 84 8.17 0.62 6.89
CA HIS A 84 8.17 1.11 5.51
C HIS A 84 7.57 2.50 5.47
N PRO A 85 8.39 3.53 5.66
CA PRO A 85 7.93 4.88 5.94
C PRO A 85 7.59 5.72 4.72
N THR A 86 7.59 5.15 3.52
CA THR A 86 7.21 5.91 2.35
C THR A 86 6.19 5.13 1.53
N PRO A 87 5.32 5.79 0.73
CA PRO A 87 4.39 5.09 -0.15
C PRO A 87 5.12 4.12 -1.07
N HIS A 88 6.34 4.48 -1.45
CA HIS A 88 7.22 3.59 -2.18
C HIS A 88 7.54 2.37 -1.32
N ALA A 89 7.97 2.63 -0.09
CA ALA A 89 8.31 1.57 0.87
C ALA A 89 7.17 0.60 1.11
N LEU A 90 6.01 1.11 1.55
CA LEU A 90 4.85 0.25 1.79
C LEU A 90 4.54 -0.58 0.58
N THR A 91 4.62 0.07 -0.57
CA THR A 91 4.40 -0.59 -1.83
C THR A 91 5.37 -1.75 -2.01
N GLN A 92 6.65 -1.45 -1.77
CA GLN A 92 7.71 -2.45 -1.86
C GLN A 92 7.42 -3.64 -0.95
N HIS A 93 6.89 -3.34 0.22
CA HIS A 93 6.51 -4.37 1.19
C HIS A 93 5.52 -5.36 0.57
N LEU A 94 4.39 -4.86 0.08
CA LEU A 94 3.34 -5.72 -0.44
C LEU A 94 3.72 -6.28 -1.81
N HIS A 95 4.59 -5.58 -2.52
CA HIS A 95 5.03 -5.99 -3.86
C HIS A 95 5.99 -7.16 -3.73
N THR A 96 6.65 -7.23 -2.60
CA THR A 96 7.57 -8.28 -2.29
C THR A 96 6.83 -9.43 -1.63
N ARG A 97 5.89 -9.08 -0.75
CA ARG A 97 5.13 -10.07 0.01
C ARG A 97 4.10 -10.78 -0.85
N LEU A 98 3.84 -10.25 -2.04
CA LEU A 98 3.03 -10.97 -3.02
C LEU A 98 3.50 -12.41 -3.17
N THR A 99 4.74 -12.57 -3.59
CA THR A 99 5.33 -13.88 -3.72
C THR A 99 5.79 -14.40 -2.35
N GLN A 100 6.34 -13.50 -1.54
CA GLN A 100 6.77 -13.84 -0.19
C GLN A 100 5.60 -13.80 0.77
N SER A 101 4.77 -14.84 0.72
CA SER A 101 3.60 -14.89 1.56
C SER A 101 3.39 -16.33 2.04
N HIS A 102 2.20 -16.62 2.53
CA HIS A 102 1.89 -17.95 3.03
C HIS A 102 0.42 -18.29 2.73
N GLY A 1 -17.48 -10.76 -1.94
CA GLY A 1 -16.70 -9.57 -1.57
C GLY A 1 -15.23 -9.71 -1.92
N ALA A 2 -14.37 -9.26 -1.03
CA ALA A 2 -12.92 -9.32 -1.26
C ALA A 2 -12.35 -10.64 -0.77
N ALA A 3 -12.73 -11.73 -1.45
CA ALA A 3 -12.21 -13.06 -1.13
C ALA A 3 -10.76 -13.17 -1.58
N SER A 4 -9.85 -12.86 -0.66
CA SER A 4 -8.41 -12.85 -0.95
C SER A 4 -8.10 -11.81 -2.02
N ALA A 5 -7.91 -10.58 -1.58
CA ALA A 5 -7.56 -9.51 -2.51
C ALA A 5 -6.10 -9.61 -2.90
N ALA A 6 -5.44 -10.65 -2.42
CA ALA A 6 -4.05 -10.91 -2.76
C ALA A 6 -3.97 -11.62 -4.09
N THR A 7 -5.06 -12.29 -4.43
CA THR A 7 -5.16 -12.97 -5.70
C THR A 7 -5.99 -12.11 -6.64
N ASP A 8 -6.31 -10.91 -6.18
CA ASP A 8 -6.95 -9.89 -6.99
C ASP A 8 -5.97 -8.79 -7.25
N LEU A 9 -5.12 -8.55 -6.27
CA LEU A 9 -4.10 -7.56 -6.39
C LEU A 9 -3.09 -8.01 -7.42
N ALA A 10 -2.56 -9.19 -7.15
CA ALA A 10 -1.64 -9.86 -8.08
C ALA A 10 -2.35 -10.18 -9.40
N ALA A 11 -3.59 -9.76 -9.52
CA ALA A 11 -4.32 -9.84 -10.76
C ALA A 11 -4.11 -8.57 -11.57
N ARG A 12 -4.04 -7.42 -10.90
CA ARG A 12 -3.65 -6.17 -11.55
C ARG A 12 -2.21 -6.26 -12.01
N LEU A 13 -1.44 -6.98 -11.22
CA LEU A 13 -0.01 -7.09 -11.42
C LEU A 13 0.25 -8.13 -12.49
N ASN A 14 -0.59 -9.15 -12.47
CA ASN A 14 -0.60 -10.19 -13.48
C ASN A 14 -0.68 -9.62 -14.89
N GLY A 15 0.30 -9.94 -15.70
CA GLY A 15 0.35 -9.44 -17.06
C GLY A 15 1.25 -8.24 -17.19
N LEU A 16 1.65 -7.70 -16.05
CA LEU A 16 2.44 -6.48 -16.03
C LEU A 16 3.90 -6.80 -15.71
N SER A 17 4.75 -5.82 -15.96
CA SER A 17 6.14 -5.88 -15.60
C SER A 17 6.31 -5.56 -14.12
N PRO A 18 7.39 -6.00 -13.49
CA PRO A 18 7.62 -5.79 -12.05
C PRO A 18 7.38 -4.34 -11.64
N GLN A 19 7.91 -3.40 -12.43
CA GLN A 19 7.74 -1.97 -12.15
C GLN A 19 6.29 -1.54 -12.33
N GLN A 20 5.59 -2.12 -13.29
CA GLN A 20 4.17 -1.80 -13.52
C GLN A 20 3.35 -2.36 -12.38
N GLN A 21 3.69 -3.58 -12.00
CA GLN A 21 3.10 -4.24 -10.85
C GLN A 21 3.26 -3.37 -9.61
N GLN A 22 4.42 -2.74 -9.54
CA GLN A 22 4.74 -1.82 -8.46
C GLN A 22 3.82 -0.61 -8.52
N GLN A 23 3.64 -0.06 -9.73
CA GLN A 23 2.85 1.14 -9.95
C GLN A 23 1.41 1.02 -9.46
N THR A 24 0.84 -0.16 -9.62
CA THR A 24 -0.49 -0.44 -9.11
C THR A 24 -0.55 -0.21 -7.61
N LEU A 25 0.44 -0.70 -6.89
CA LEU A 25 0.53 -0.46 -5.46
C LEU A 25 0.96 0.99 -5.25
N ALA A 26 1.89 1.40 -6.07
CA ALA A 26 2.42 2.76 -6.03
C ALA A 26 1.38 3.78 -6.49
N THR A 27 0.17 3.30 -6.64
CA THR A 27 -0.99 4.10 -6.95
C THR A 27 -2.05 3.86 -5.87
N LEU A 28 -2.29 2.58 -5.62
CA LEU A 28 -3.27 2.14 -4.64
C LEU A 28 -2.84 2.47 -3.22
N VAL A 29 -1.59 2.21 -2.95
CA VAL A 29 -1.03 2.46 -1.63
C VAL A 29 -1.03 3.95 -1.35
N ALA A 30 -0.84 4.70 -2.41
CA ALA A 30 -0.89 6.13 -2.33
C ALA A 30 -2.32 6.60 -2.28
N ALA A 31 -3.18 5.87 -2.96
CA ALA A 31 -4.61 6.12 -2.94
C ALA A 31 -5.12 5.87 -1.53
N ALA A 32 -4.55 4.84 -0.94
CA ALA A 32 -4.75 4.52 0.46
C ALA A 32 -4.34 5.69 1.35
N THR A 33 -3.15 6.23 1.12
CA THR A 33 -2.68 7.34 1.93
C THR A 33 -3.36 8.64 1.50
N ALA A 34 -3.88 8.64 0.30
CA ALA A 34 -4.67 9.76 -0.17
C ALA A 34 -5.98 9.79 0.59
N THR A 35 -6.44 8.60 0.96
CA THR A 35 -7.62 8.45 1.77
C THR A 35 -7.37 8.94 3.20
N VAL A 36 -6.29 8.45 3.80
CA VAL A 36 -5.99 8.72 5.21
C VAL A 36 -5.88 10.22 5.49
N LEU A 37 -5.41 10.97 4.52
CA LEU A 37 -5.15 12.39 4.71
C LEU A 37 -6.27 13.28 4.16
N GLY A 38 -7.28 12.66 3.56
CA GLY A 38 -8.35 13.44 2.94
C GLY A 38 -7.99 13.98 1.57
N HIS A 39 -6.76 13.75 1.12
CA HIS A 39 -6.34 14.16 -0.21
C HIS A 39 -6.70 13.06 -1.19
N HIS A 40 -7.98 13.00 -1.56
CA HIS A 40 -8.57 11.83 -2.21
C HIS A 40 -7.72 11.27 -3.37
N THR A 41 -7.03 12.13 -4.11
CA THR A 41 -6.23 11.65 -5.22
C THR A 41 -4.79 11.37 -4.79
N PRO A 42 -4.23 10.28 -5.33
CA PRO A 42 -2.85 9.86 -5.06
C PRO A 42 -1.84 10.83 -5.64
N GLU A 43 -2.34 11.74 -6.46
CA GLU A 43 -1.52 12.80 -7.05
C GLU A 43 -0.83 13.64 -5.99
N SER A 44 -1.49 13.78 -4.84
CA SER A 44 -0.93 14.55 -3.74
C SER A 44 -0.16 13.65 -2.78
N ILE A 45 0.05 12.41 -3.20
CA ILE A 45 0.75 11.43 -2.39
C ILE A 45 2.05 11.00 -3.06
N SER A 46 3.12 11.70 -2.76
CA SER A 46 4.43 11.35 -3.29
C SER A 46 4.94 10.11 -2.55
N PRO A 47 5.70 9.24 -3.24
CA PRO A 47 6.11 7.96 -2.71
C PRO A 47 7.40 8.08 -1.94
N ALA A 48 7.95 9.27 -2.00
CA ALA A 48 9.26 9.52 -1.47
C ALA A 48 9.23 10.66 -0.45
N THR A 49 8.03 11.18 -0.20
CA THR A 49 7.83 12.19 0.81
C THR A 49 7.96 11.60 2.22
N ALA A 50 7.31 10.43 2.37
CA ALA A 50 7.22 9.67 3.62
C ALA A 50 5.88 9.88 4.29
N PHE A 51 5.35 8.79 4.81
CA PHE A 51 4.08 8.79 5.54
C PHE A 51 4.12 9.76 6.68
N LYS A 52 5.22 9.76 7.40
CA LYS A 52 5.43 10.69 8.48
C LYS A 52 5.23 12.11 7.99
N ASP A 53 5.80 12.36 6.82
CA ASP A 53 5.79 13.68 6.22
C ASP A 53 4.45 13.96 5.55
N LEU A 54 3.64 12.93 5.43
CA LEU A 54 2.36 13.00 4.75
C LEU A 54 1.23 13.31 5.71
N GLY A 55 1.42 12.92 6.97
CA GLY A 55 0.37 13.11 7.95
C GLY A 55 0.00 11.83 8.63
N ILE A 56 0.69 10.76 8.26
CA ILE A 56 0.50 9.47 8.90
C ILE A 56 0.89 9.55 10.37
N ASP A 57 -0.01 9.10 11.23
CA ASP A 57 0.24 9.09 12.67
C ASP A 57 -0.67 8.07 13.33
N SER A 58 -0.12 6.88 13.59
CA SER A 58 -0.80 5.80 14.32
C SER A 58 -2.17 5.45 13.72
N LEU A 59 -3.19 6.24 14.04
CA LEU A 59 -4.54 6.05 13.52
C LEU A 59 -4.54 5.86 12.02
N THR A 60 -3.94 6.81 11.33
CA THR A 60 -3.95 6.80 9.88
C THR A 60 -2.87 5.89 9.34
N ALA A 61 -1.95 5.50 10.21
CA ALA A 61 -0.98 4.48 9.86
C ALA A 61 -1.65 3.11 9.91
N LEU A 62 -2.59 2.97 10.85
CA LEU A 62 -3.37 1.76 10.97
C LEU A 62 -4.49 1.75 9.94
N GLU A 63 -5.11 2.89 9.70
CA GLU A 63 -6.12 3.00 8.67
C GLU A 63 -5.47 2.82 7.30
N LEU A 64 -4.22 3.27 7.18
CA LEU A 64 -3.41 2.95 6.02
C LEU A 64 -3.34 1.45 5.90
N ARG A 65 -3.03 0.86 7.03
CA ARG A 65 -2.84 -0.58 7.16
C ARG A 65 -4.10 -1.32 6.77
N ASN A 66 -5.21 -0.87 7.33
CA ASN A 66 -6.52 -1.43 7.06
C ASN A 66 -6.84 -1.43 5.57
N THR A 67 -6.44 -0.37 4.87
CA THR A 67 -6.69 -0.29 3.44
C THR A 67 -5.73 -1.20 2.67
N LEU A 68 -4.44 -1.05 2.96
CA LEU A 68 -3.40 -1.85 2.30
C LEU A 68 -3.71 -3.32 2.37
N THR A 69 -3.79 -3.83 3.59
CA THR A 69 -4.00 -5.23 3.85
C THR A 69 -5.29 -5.73 3.17
N HIS A 70 -6.26 -4.84 3.04
CA HIS A 70 -7.52 -5.18 2.42
C HIS A 70 -7.37 -5.31 0.91
N ASN A 71 -6.58 -4.43 0.32
CA ASN A 71 -6.38 -4.42 -1.13
C ASN A 71 -5.35 -5.44 -1.58
N THR A 72 -4.49 -5.87 -0.67
CA THR A 72 -3.41 -6.76 -1.01
C THR A 72 -3.60 -8.12 -0.39
N GLY A 73 -4.56 -8.23 0.51
CA GLY A 73 -4.96 -9.53 0.98
C GLY A 73 -4.06 -10.04 2.08
N LEU A 74 -3.12 -9.22 2.47
CA LEU A 74 -2.11 -9.61 3.40
C LEU A 74 -2.58 -9.47 4.84
N ASP A 75 -1.86 -10.12 5.73
CA ASP A 75 -2.19 -10.11 7.14
C ASP A 75 -1.05 -9.48 7.92
N LEU A 76 -0.87 -8.19 7.71
CA LEU A 76 0.21 -7.45 8.34
C LEU A 76 -0.36 -6.49 9.38
N PRO A 77 -0.01 -6.70 10.67
CA PRO A 77 -0.44 -5.84 11.78
C PRO A 77 0.19 -4.43 11.70
N PRO A 78 -0.03 -3.54 12.72
CA PRO A 78 0.58 -2.20 12.78
C PRO A 78 2.11 -2.19 12.64
N THR A 79 2.72 -1.02 12.87
CA THR A 79 4.15 -0.79 12.69
C THR A 79 4.63 -1.11 11.27
N LEU A 80 3.69 -1.17 10.34
CA LEU A 80 4.02 -1.34 8.94
C LEU A 80 4.55 -0.03 8.36
N ILE A 81 3.95 1.08 8.79
CA ILE A 81 4.41 2.41 8.38
C ILE A 81 5.78 2.70 9.00
N PHE A 82 5.97 2.16 10.19
CA PHE A 82 7.21 2.30 10.91
C PHE A 82 8.31 1.48 10.24
N ASP A 83 7.95 0.33 9.68
CA ASP A 83 8.91 -0.51 8.98
C ASP A 83 9.10 -0.02 7.55
N HIS A 84 8.04 0.56 6.99
CA HIS A 84 8.05 1.09 5.64
C HIS A 84 7.45 2.49 5.64
N PRO A 85 8.29 3.53 5.75
CA PRO A 85 7.83 4.88 6.01
C PRO A 85 7.48 5.70 4.77
N THR A 86 7.50 5.12 3.58
CA THR A 86 7.11 5.86 2.39
C THR A 86 6.11 5.06 1.57
N PRO A 87 5.26 5.72 0.74
CA PRO A 87 4.35 5.01 -0.15
C PRO A 87 5.10 4.04 -1.06
N HIS A 88 6.33 4.42 -1.41
CA HIS A 88 7.23 3.53 -2.12
C HIS A 88 7.54 2.31 -1.25
N ALA A 89 7.95 2.58 -0.02
CA ALA A 89 8.29 1.53 0.95
C ALA A 89 7.13 0.56 1.17
N LEU A 90 5.98 1.08 1.57
CA LEU A 90 4.79 0.24 1.78
C LEU A 90 4.51 -0.60 0.56
N THR A 91 4.64 0.03 -0.60
CA THR A 91 4.44 -0.65 -1.85
C THR A 91 5.44 -1.79 -2.00
N GLN A 92 6.70 -1.48 -1.72
CA GLN A 92 7.77 -2.47 -1.76
C GLN A 92 7.43 -3.67 -0.89
N HIS A 93 6.81 -3.40 0.26
CA HIS A 93 6.41 -4.46 1.18
C HIS A 93 5.43 -5.43 0.51
N LEU A 94 4.34 -4.90 -0.03
CA LEU A 94 3.29 -5.73 -0.59
C LEU A 94 3.70 -6.29 -1.95
N HIS A 95 4.61 -5.59 -2.62
CA HIS A 95 5.10 -6.02 -3.94
C HIS A 95 6.07 -7.17 -3.75
N THR A 96 6.69 -7.19 -2.58
CA THR A 96 7.63 -8.21 -2.22
C THR A 96 6.89 -9.40 -1.64
N ARG A 97 5.86 -9.12 -0.84
CA ARG A 97 5.07 -10.16 -0.20
C ARG A 97 4.32 -11.00 -1.19
N LEU A 98 4.17 -10.49 -2.40
CA LEU A 98 3.58 -11.28 -3.47
C LEU A 98 4.41 -12.53 -3.77
N THR A 99 5.73 -12.37 -3.69
CA THR A 99 6.66 -13.46 -3.97
C THR A 99 7.26 -13.98 -2.67
N GLN A 100 6.81 -13.38 -1.59
CA GLN A 100 7.23 -13.74 -0.24
C GLN A 100 6.02 -13.98 0.66
N SER A 101 5.19 -14.94 0.27
CA SER A 101 3.95 -15.20 1.00
C SER A 101 3.81 -16.70 1.27
N HIS A 102 2.61 -17.11 1.64
CA HIS A 102 2.32 -18.50 1.95
C HIS A 102 1.59 -19.15 0.79
N GLY A 1 -16.88 -10.68 4.45
CA GLY A 1 -15.42 -10.93 4.47
C GLY A 1 -14.75 -10.45 3.22
N ALA A 2 -13.43 -10.40 3.23
CA ALA A 2 -12.68 -10.00 2.05
C ALA A 2 -12.25 -11.21 1.26
N ALA A 3 -12.14 -12.36 1.95
CA ALA A 3 -11.70 -13.63 1.37
C ALA A 3 -10.25 -13.58 0.95
N SER A 4 -9.95 -12.74 -0.03
CA SER A 4 -8.60 -12.58 -0.55
C SER A 4 -8.60 -11.52 -1.64
N ALA A 5 -8.08 -10.35 -1.32
CA ALA A 5 -7.83 -9.35 -2.34
C ALA A 5 -6.38 -9.45 -2.78
N ALA A 6 -5.72 -10.49 -2.31
CA ALA A 6 -4.36 -10.79 -2.72
C ALA A 6 -4.40 -11.47 -4.06
N THR A 7 -5.55 -12.04 -4.36
CA THR A 7 -5.78 -12.65 -5.64
C THR A 7 -6.44 -11.63 -6.58
N ASP A 8 -6.83 -10.49 -6.01
CA ASP A 8 -7.34 -9.39 -6.81
C ASP A 8 -6.20 -8.46 -7.12
N LEU A 9 -5.33 -8.31 -6.15
CA LEU A 9 -4.20 -7.44 -6.31
C LEU A 9 -3.30 -8.00 -7.38
N ALA A 10 -2.92 -9.25 -7.16
CA ALA A 10 -2.16 -10.01 -8.15
C ALA A 10 -2.89 -10.04 -9.48
N ALA A 11 -4.15 -9.63 -9.52
CA ALA A 11 -4.91 -9.60 -10.76
C ALA A 11 -4.53 -8.35 -11.56
N ARG A 12 -4.36 -7.22 -10.86
CA ARG A 12 -3.84 -6.01 -11.48
C ARG A 12 -2.39 -6.22 -11.93
N LEU A 13 -1.71 -7.08 -11.20
CA LEU A 13 -0.27 -7.26 -11.38
C LEU A 13 0.00 -8.28 -12.46
N ASN A 14 -0.74 -9.35 -12.40
CA ASN A 14 -0.67 -10.41 -13.40
C ASN A 14 -0.86 -9.87 -14.81
N GLY A 15 0.09 -10.17 -15.68
CA GLY A 15 0.06 -9.65 -17.03
C GLY A 15 0.90 -8.42 -17.19
N LEU A 16 1.28 -7.83 -16.07
CA LEU A 16 2.05 -6.60 -16.07
C LEU A 16 3.51 -6.86 -15.74
N SER A 17 4.34 -5.87 -16.05
CA SER A 17 5.76 -5.91 -15.74
C SER A 17 5.97 -5.59 -14.28
N PRO A 18 7.13 -5.92 -13.70
CA PRO A 18 7.42 -5.65 -12.29
C PRO A 18 7.13 -4.20 -11.90
N GLN A 19 7.56 -3.26 -12.74
CA GLN A 19 7.32 -1.84 -12.50
C GLN A 19 5.84 -1.50 -12.61
N GLN A 20 5.14 -2.14 -13.52
CA GLN A 20 3.71 -1.88 -13.70
C GLN A 20 2.94 -2.45 -12.52
N GLN A 21 3.33 -3.65 -12.14
CA GLN A 21 2.80 -4.31 -10.96
C GLN A 21 3.05 -3.44 -9.74
N GLN A 22 4.23 -2.85 -9.72
CA GLN A 22 4.60 -1.89 -8.69
C GLN A 22 3.65 -0.72 -8.70
N GLN A 23 3.44 -0.14 -9.88
CA GLN A 23 2.58 1.03 -10.07
C GLN A 23 1.19 0.85 -9.49
N THR A 24 0.62 -0.34 -9.63
CA THR A 24 -0.69 -0.61 -9.08
C THR A 24 -0.70 -0.38 -7.57
N LEU A 25 0.32 -0.85 -6.89
CA LEU A 25 0.46 -0.58 -5.47
C LEU A 25 0.89 0.84 -5.29
N ALA A 26 1.81 1.26 -6.13
CA ALA A 26 2.35 2.62 -6.13
C ALA A 26 1.30 3.64 -6.56
N THR A 27 0.08 3.16 -6.68
CA THR A 27 -1.07 3.97 -6.96
C THR A 27 -2.10 3.74 -5.87
N LEU A 28 -2.35 2.47 -5.59
CA LEU A 28 -3.30 2.04 -4.60
C LEU A 28 -2.85 2.39 -3.20
N VAL A 29 -1.59 2.14 -2.93
CA VAL A 29 -1.02 2.41 -1.63
C VAL A 29 -1.03 3.88 -1.35
N ALA A 30 -0.85 4.65 -2.40
CA ALA A 30 -0.89 6.08 -2.30
C ALA A 30 -2.32 6.57 -2.32
N ALA A 31 -3.17 5.81 -2.98
CA ALA A 31 -4.59 6.05 -2.97
C ALA A 31 -5.11 5.82 -1.56
N ALA A 32 -4.55 4.79 -0.96
CA ALA A 32 -4.76 4.49 0.43
C ALA A 32 -4.34 5.66 1.32
N THR A 33 -3.16 6.20 1.07
CA THR A 33 -2.69 7.32 1.86
C THR A 33 -3.37 8.62 1.41
N ALA A 34 -3.89 8.62 0.20
CA ALA A 34 -4.69 9.73 -0.28
C ALA A 34 -5.96 9.78 0.56
N THR A 35 -6.44 8.60 0.92
CA THR A 35 -7.61 8.45 1.76
C THR A 35 -7.32 8.97 3.17
N VAL A 36 -6.25 8.46 3.78
CA VAL A 36 -5.94 8.72 5.20
C VAL A 36 -5.81 10.21 5.48
N LEU A 37 -5.34 10.97 4.50
CA LEU A 37 -5.06 12.39 4.72
C LEU A 37 -6.21 13.27 4.23
N GLY A 38 -7.34 12.67 3.90
CA GLY A 38 -8.48 13.45 3.46
C GLY A 38 -8.33 13.98 2.05
N HIS A 39 -7.53 13.29 1.25
CA HIS A 39 -7.35 13.65 -0.15
C HIS A 39 -8.08 12.63 -1.02
N HIS A 40 -7.90 12.70 -2.31
CA HIS A 40 -8.52 11.75 -3.21
C HIS A 40 -7.47 11.14 -4.14
N THR A 41 -6.65 11.99 -4.76
CA THR A 41 -5.69 11.48 -5.72
C THR A 41 -4.34 11.14 -5.08
N PRO A 42 -3.77 10.04 -5.55
CA PRO A 42 -2.43 9.57 -5.18
C PRO A 42 -1.34 10.48 -5.72
N GLU A 43 -1.72 11.36 -6.64
CA GLU A 43 -0.77 12.30 -7.25
C GLU A 43 -0.23 13.29 -6.22
N SER A 44 -1.01 13.55 -5.19
CA SER A 44 -0.57 14.40 -4.09
C SER A 44 0.28 13.59 -3.12
N ILE A 45 0.13 12.28 -3.21
CA ILE A 45 0.81 11.34 -2.33
C ILE A 45 2.14 10.92 -2.95
N SER A 46 3.15 11.75 -2.79
CA SER A 46 4.48 11.44 -3.30
C SER A 46 5.03 10.22 -2.57
N PRO A 47 5.80 9.37 -3.26
CA PRO A 47 6.21 8.07 -2.74
C PRO A 47 7.46 8.19 -1.94
N ALA A 48 7.99 9.40 -1.94
CA ALA A 48 9.28 9.65 -1.39
C ALA A 48 9.23 10.74 -0.34
N THR A 49 8.02 11.24 -0.07
CA THR A 49 7.80 12.23 0.96
C THR A 49 7.97 11.61 2.34
N ALA A 50 7.34 10.43 2.51
CA ALA A 50 7.26 9.66 3.75
C ALA A 50 5.91 9.88 4.40
N PHE A 51 5.37 8.78 4.89
CA PHE A 51 4.09 8.77 5.58
C PHE A 51 4.07 9.74 6.73
N LYS A 52 5.13 9.72 7.51
CA LYS A 52 5.31 10.65 8.59
C LYS A 52 5.17 12.07 8.10
N ASP A 53 5.77 12.31 6.95
CA ASP A 53 5.82 13.62 6.35
C ASP A 53 4.51 13.92 5.62
N LEU A 54 3.66 12.91 5.54
CA LEU A 54 2.40 12.99 4.81
C LEU A 54 1.25 13.31 5.75
N GLY A 55 1.38 12.91 7.00
CA GLY A 55 0.30 13.10 7.95
C GLY A 55 -0.07 11.81 8.63
N ILE A 56 0.60 10.74 8.26
CA ILE A 56 0.43 9.45 8.90
C ILE A 56 0.83 9.57 10.38
N ASP A 57 -0.09 9.23 11.26
CA ASP A 57 0.16 9.38 12.69
C ASP A 57 -0.61 8.35 13.50
N SER A 58 -0.10 7.11 13.48
CA SER A 58 -0.68 5.98 14.22
C SER A 58 -2.05 5.58 13.69
N LEU A 59 -3.03 6.45 13.85
CA LEU A 59 -4.40 6.20 13.44
C LEU A 59 -4.47 5.98 11.95
N THR A 60 -3.89 6.92 11.23
CA THR A 60 -3.91 6.86 9.79
C THR A 60 -2.85 5.90 9.29
N ALA A 61 -1.96 5.51 10.18
CA ALA A 61 -0.99 4.48 9.85
C ALA A 61 -1.67 3.12 9.92
N LEU A 62 -2.60 2.98 10.85
CA LEU A 62 -3.39 1.77 10.95
C LEU A 62 -4.48 1.79 9.89
N GLU A 63 -5.11 2.92 9.67
CA GLU A 63 -6.12 3.05 8.64
C GLU A 63 -5.47 2.87 7.28
N LEU A 64 -4.21 3.31 7.16
CA LEU A 64 -3.41 3.00 5.99
C LEU A 64 -3.36 1.49 5.86
N ARG A 65 -3.02 0.89 6.98
CA ARG A 65 -2.83 -0.55 7.10
C ARG A 65 -4.10 -1.28 6.71
N ASN A 66 -5.18 -0.85 7.32
CA ASN A 66 -6.50 -1.41 7.11
C ASN A 66 -6.92 -1.36 5.64
N THR A 67 -6.48 -0.33 4.92
CA THR A 67 -6.76 -0.26 3.50
C THR A 67 -5.79 -1.14 2.70
N LEU A 68 -4.49 -0.96 2.94
CA LEU A 68 -3.47 -1.73 2.26
C LEU A 68 -3.75 -3.21 2.34
N THR A 69 -3.82 -3.69 3.58
CA THR A 69 -4.08 -5.07 3.88
C THR A 69 -5.31 -5.57 3.14
N HIS A 70 -6.35 -4.75 3.12
CA HIS A 70 -7.60 -5.14 2.52
C HIS A 70 -7.46 -5.25 1.01
N ASN A 71 -6.63 -4.40 0.41
CA ASN A 71 -6.43 -4.41 -1.04
C ASN A 71 -5.39 -5.42 -1.49
N THR A 72 -4.53 -5.85 -0.59
CA THR A 72 -3.45 -6.74 -0.95
C THR A 72 -3.61 -8.11 -0.31
N GLY A 73 -4.53 -8.20 0.63
CA GLY A 73 -4.87 -9.49 1.18
C GLY A 73 -3.90 -9.96 2.22
N LEU A 74 -3.02 -9.06 2.62
CA LEU A 74 -1.96 -9.40 3.54
C LEU A 74 -2.35 -9.12 4.96
N ASP A 75 -2.36 -10.18 5.74
CA ASP A 75 -2.80 -10.12 7.12
C ASP A 75 -1.63 -9.81 8.05
N LEU A 76 -1.15 -8.58 7.95
CA LEU A 76 -0.06 -8.13 8.80
C LEU A 76 -0.51 -6.97 9.67
N PRO A 77 0.09 -6.83 10.87
CA PRO A 77 -0.35 -5.87 11.89
C PRO A 77 0.21 -4.45 11.66
N PRO A 78 0.00 -3.52 12.63
CA PRO A 78 0.60 -2.17 12.60
C PRO A 78 2.13 -2.18 12.48
N THR A 79 2.74 -1.02 12.73
CA THR A 79 4.19 -0.82 12.58
C THR A 79 4.65 -1.06 11.15
N LEU A 80 3.70 -1.14 10.23
CA LEU A 80 4.01 -1.29 8.82
C LEU A 80 4.56 0.02 8.27
N ILE A 81 4.02 1.12 8.77
CA ILE A 81 4.49 2.44 8.38
C ILE A 81 5.83 2.73 9.04
N PHE A 82 5.97 2.23 10.25
CA PHE A 82 7.19 2.38 11.02
C PHE A 82 8.33 1.56 10.41
N ASP A 83 7.98 0.48 9.73
CA ASP A 83 8.96 -0.37 9.07
C ASP A 83 9.14 0.05 7.62
N HIS A 84 8.08 0.57 7.03
CA HIS A 84 8.09 1.05 5.66
C HIS A 84 7.50 2.46 5.62
N PRO A 85 8.35 3.48 5.75
CA PRO A 85 7.90 4.84 6.01
C PRO A 85 7.54 5.68 4.80
N THR A 86 7.57 5.12 3.60
CA THR A 86 7.19 5.89 2.42
C THR A 86 6.19 5.11 1.57
N PRO A 87 5.36 5.80 0.76
CA PRO A 87 4.45 5.11 -0.17
C PRO A 87 5.20 4.18 -1.10
N HIS A 88 6.46 4.53 -1.39
CA HIS A 88 7.36 3.63 -2.09
C HIS A 88 7.59 2.39 -1.23
N ALA A 89 8.01 2.62 0.00
CA ALA A 89 8.32 1.55 0.94
C ALA A 89 7.16 0.59 1.15
N LEU A 90 5.99 1.11 1.54
CA LEU A 90 4.81 0.29 1.74
C LEU A 90 4.51 -0.53 0.49
N THR A 91 4.61 0.13 -0.64
CA THR A 91 4.39 -0.51 -1.91
C THR A 91 5.38 -1.66 -2.10
N GLN A 92 6.66 -1.37 -1.84
CA GLN A 92 7.71 -2.37 -1.90
C GLN A 92 7.34 -3.60 -1.09
N HIS A 93 6.80 -3.35 0.10
CA HIS A 93 6.40 -4.40 1.01
C HIS A 93 5.38 -5.35 0.36
N LEU A 94 4.30 -4.80 -0.18
CA LEU A 94 3.24 -5.62 -0.75
C LEU A 94 3.60 -6.09 -2.15
N HIS A 95 4.54 -5.41 -2.78
CA HIS A 95 5.02 -5.81 -4.11
C HIS A 95 5.96 -6.99 -3.96
N THR A 96 6.58 -7.07 -2.80
CA THR A 96 7.47 -8.15 -2.48
C THR A 96 6.67 -9.33 -1.94
N ARG A 97 5.80 -9.05 -0.97
CA ARG A 97 5.00 -10.09 -0.32
C ARG A 97 4.06 -10.77 -1.29
N LEU A 98 3.71 -10.07 -2.35
CA LEU A 98 2.82 -10.59 -3.36
C LEU A 98 3.46 -11.74 -4.15
N THR A 99 4.77 -11.89 -4.01
CA THR A 99 5.50 -12.91 -4.73
C THR A 99 6.56 -13.56 -3.85
N GLN A 100 6.43 -13.31 -2.57
CA GLN A 100 7.33 -13.86 -1.57
C GLN A 100 6.53 -14.44 -0.41
N SER A 101 5.60 -15.34 -0.72
CA SER A 101 4.75 -15.93 0.28
C SER A 101 4.34 -17.35 -0.11
N HIS A 102 3.75 -18.06 0.83
CA HIS A 102 3.29 -19.41 0.57
C HIS A 102 1.79 -19.42 0.30
N GLY A 1 -17.32 -9.36 0.16
CA GLY A 1 -15.85 -9.55 0.28
C GLY A 1 -15.27 -10.15 -0.98
N ALA A 2 -13.95 -10.31 -1.01
CA ALA A 2 -13.27 -10.86 -2.17
C ALA A 2 -12.42 -12.06 -1.78
N ALA A 3 -12.62 -12.55 -0.54
CA ALA A 3 -11.86 -13.66 0.01
C ALA A 3 -10.38 -13.31 0.12
N SER A 4 -9.64 -13.52 -0.96
CA SER A 4 -8.24 -13.15 -0.99
C SER A 4 -8.02 -12.05 -2.01
N ALA A 5 -7.80 -10.84 -1.55
CA ALA A 5 -7.49 -9.74 -2.45
C ALA A 5 -6.02 -9.80 -2.86
N ALA A 6 -5.31 -10.80 -2.34
CA ALA A 6 -3.92 -11.00 -2.71
C ALA A 6 -3.82 -11.77 -4.01
N THR A 7 -4.92 -12.37 -4.39
CA THR A 7 -5.01 -13.03 -5.68
C THR A 7 -5.76 -12.13 -6.64
N ASP A 8 -6.25 -11.00 -6.11
CA ASP A 8 -6.87 -9.98 -6.93
C ASP A 8 -5.84 -8.93 -7.23
N LEU A 9 -5.03 -8.63 -6.23
CA LEU A 9 -4.00 -7.66 -6.37
C LEU A 9 -3.01 -8.12 -7.40
N ALA A 10 -2.47 -9.29 -7.12
CA ALA A 10 -1.55 -9.94 -8.03
C ALA A 10 -2.25 -10.33 -9.33
N ALA A 11 -3.53 -9.96 -9.45
CA ALA A 11 -4.27 -10.09 -10.69
C ALA A 11 -4.11 -8.82 -11.52
N ARG A 12 -4.10 -7.65 -10.86
CA ARG A 12 -3.74 -6.42 -11.52
C ARG A 12 -2.31 -6.51 -12.04
N LEU A 13 -1.50 -7.18 -11.25
CA LEU A 13 -0.07 -7.26 -11.47
C LEU A 13 0.24 -8.34 -12.48
N ASN A 14 -0.57 -9.37 -12.44
CA ASN A 14 -0.50 -10.48 -13.40
C ASN A 14 -0.50 -9.97 -14.82
N GLY A 15 0.51 -10.38 -15.57
CA GLY A 15 0.66 -9.93 -16.94
C GLY A 15 1.64 -8.78 -17.04
N LEU A 16 1.68 -7.98 -15.99
CA LEU A 16 2.53 -6.81 -15.94
C LEU A 16 3.95 -7.16 -15.54
N SER A 17 4.85 -6.23 -15.81
CA SER A 17 6.22 -6.34 -15.39
C SER A 17 6.37 -5.79 -13.98
N PRO A 18 7.37 -6.29 -13.22
CA PRO A 18 7.69 -5.87 -11.86
C PRO A 18 7.36 -4.40 -11.55
N GLN A 19 7.90 -3.48 -12.33
CA GLN A 19 7.69 -2.05 -12.09
C GLN A 19 6.24 -1.64 -12.35
N GLN A 20 5.62 -2.26 -13.34
CA GLN A 20 4.22 -1.99 -13.67
C GLN A 20 3.33 -2.47 -12.54
N GLN A 21 3.64 -3.67 -12.09
CA GLN A 21 3.00 -4.29 -10.94
C GLN A 21 3.12 -3.41 -9.73
N GLN A 22 4.31 -2.85 -9.57
CA GLN A 22 4.61 -1.96 -8.49
C GLN A 22 3.71 -0.74 -8.55
N GLN A 23 3.52 -0.21 -9.75
CA GLN A 23 2.71 0.98 -9.98
C GLN A 23 1.29 0.86 -9.47
N THR A 24 0.71 -0.32 -9.64
CA THR A 24 -0.62 -0.59 -9.13
C THR A 24 -0.68 -0.36 -7.62
N LEU A 25 0.34 -0.81 -6.91
CA LEU A 25 0.44 -0.54 -5.48
C LEU A 25 0.88 0.90 -5.30
N ALA A 26 1.81 1.31 -6.13
CA ALA A 26 2.35 2.66 -6.12
C ALA A 26 1.30 3.69 -6.55
N THR A 27 0.09 3.20 -6.70
CA THR A 27 -1.06 4.00 -7.01
C THR A 27 -2.13 3.76 -5.95
N LEU A 28 -2.36 2.49 -5.67
CA LEU A 28 -3.33 2.06 -4.69
C LEU A 28 -2.90 2.39 -3.28
N VAL A 29 -1.64 2.14 -3.00
CA VAL A 29 -1.08 2.38 -1.69
C VAL A 29 -1.08 3.87 -1.41
N ALA A 30 -0.88 4.61 -2.46
CA ALA A 30 -0.92 6.05 -2.38
C ALA A 30 -2.36 6.53 -2.38
N ALA A 31 -3.21 5.77 -3.04
CA ALA A 31 -4.64 6.01 -3.01
C ALA A 31 -5.15 5.79 -1.60
N ALA A 32 -4.58 4.77 -0.99
CA ALA A 32 -4.78 4.46 0.40
C ALA A 32 -4.34 5.62 1.28
N THR A 33 -3.16 6.16 1.01
CA THR A 33 -2.67 7.28 1.80
C THR A 33 -3.34 8.58 1.36
N ALA A 34 -3.90 8.57 0.16
CA ALA A 34 -4.69 9.69 -0.30
C ALA A 34 -5.96 9.74 0.52
N THR A 35 -6.42 8.58 0.93
CA THR A 35 -7.58 8.44 1.77
C THR A 35 -7.29 8.93 3.19
N VAL A 36 -6.24 8.39 3.80
CA VAL A 36 -5.93 8.63 5.20
C VAL A 36 -5.81 10.12 5.52
N LEU A 37 -5.30 10.89 4.58
CA LEU A 37 -5.00 12.29 4.81
C LEU A 37 -6.15 13.20 4.41
N GLY A 38 -7.30 12.61 4.09
CA GLY A 38 -8.45 13.40 3.70
C GLY A 38 -8.43 13.81 2.23
N HIS A 39 -7.34 13.47 1.55
CA HIS A 39 -7.20 13.77 0.12
C HIS A 39 -8.06 12.78 -0.68
N HIS A 40 -7.82 12.70 -1.97
CA HIS A 40 -8.55 11.72 -2.77
C HIS A 40 -7.64 11.11 -3.82
N THR A 41 -6.87 11.93 -4.52
CA THR A 41 -6.01 11.40 -5.57
C THR A 41 -4.61 11.08 -5.03
N PRO A 42 -4.06 9.96 -5.52
CA PRO A 42 -2.70 9.51 -5.20
C PRO A 42 -1.65 10.42 -5.80
N GLU A 43 -2.08 11.28 -6.72
CA GLU A 43 -1.17 12.21 -7.38
C GLU A 43 -0.57 13.20 -6.39
N SER A 44 -1.29 13.47 -5.31
CA SER A 44 -0.78 14.34 -4.26
C SER A 44 0.09 13.57 -3.28
N ILE A 45 -0.01 12.26 -3.35
CA ILE A 45 0.72 11.37 -2.47
C ILE A 45 2.07 11.00 -3.06
N SER A 46 3.08 11.79 -2.75
CA SER A 46 4.42 11.51 -3.21
C SER A 46 4.98 10.30 -2.46
N PRO A 47 5.84 9.51 -3.12
CA PRO A 47 6.25 8.20 -2.65
C PRO A 47 7.50 8.26 -1.81
N ALA A 48 8.13 9.42 -1.81
CA ALA A 48 9.42 9.57 -1.21
C ALA A 48 9.41 10.72 -0.20
N THR A 49 8.23 11.27 0.02
CA THR A 49 8.01 12.29 1.03
C THR A 49 8.08 11.68 2.42
N ALA A 50 7.45 10.50 2.53
CA ALA A 50 7.30 9.71 3.77
C ALA A 50 5.94 9.90 4.36
N PHE A 51 5.38 8.81 4.83
CA PHE A 51 4.09 8.79 5.50
C PHE A 51 4.07 9.75 6.66
N LYS A 52 5.12 9.73 7.46
CA LYS A 52 5.27 10.65 8.55
C LYS A 52 5.10 12.08 8.05
N ASP A 53 5.75 12.34 6.92
CA ASP A 53 5.77 13.66 6.34
C ASP A 53 4.49 13.94 5.56
N LEU A 54 3.63 12.94 5.51
CA LEU A 54 2.37 13.02 4.80
C LEU A 54 1.23 13.33 5.75
N GLY A 55 1.39 12.92 7.00
CA GLY A 55 0.33 13.10 7.98
C GLY A 55 0.03 11.82 8.70
N ILE A 56 0.67 10.75 8.24
CA ILE A 56 0.52 9.44 8.87
C ILE A 56 1.06 9.46 10.29
N ASP A 57 0.18 9.39 11.26
CA ASP A 57 0.59 9.15 12.62
C ASP A 57 -0.38 8.19 13.31
N SER A 58 0.11 6.97 13.58
CA SER A 58 -0.61 5.93 14.33
C SER A 58 -1.99 5.58 13.73
N LEU A 59 -2.98 6.43 13.97
CA LEU A 59 -4.35 6.19 13.54
C LEU A 59 -4.42 5.97 12.04
N THR A 60 -3.86 6.91 11.31
CA THR A 60 -3.90 6.86 9.87
C THR A 60 -2.86 5.89 9.34
N ALA A 61 -1.94 5.50 10.21
CA ALA A 61 -0.99 4.47 9.86
C ALA A 61 -1.67 3.12 9.94
N LEU A 62 -2.61 3.00 10.88
CA LEU A 62 -3.42 1.82 11.01
C LEU A 62 -4.49 1.82 9.93
N GLU A 63 -5.14 2.95 9.71
CA GLU A 63 -6.13 3.07 8.67
C GLU A 63 -5.47 2.87 7.30
N LEU A 64 -4.22 3.31 7.18
CA LEU A 64 -3.44 2.98 6.01
C LEU A 64 -3.36 1.47 5.91
N ARG A 65 -3.02 0.89 7.03
CA ARG A 65 -2.83 -0.55 7.17
C ARG A 65 -4.10 -1.29 6.78
N ASN A 66 -5.19 -0.83 7.36
CA ASN A 66 -6.52 -1.37 7.13
C ASN A 66 -6.88 -1.37 5.66
N THR A 67 -6.47 -0.34 4.94
CA THR A 67 -6.73 -0.30 3.50
C THR A 67 -5.77 -1.22 2.75
N LEU A 68 -4.48 -1.04 3.00
CA LEU A 68 -3.43 -1.81 2.31
C LEU A 68 -3.70 -3.29 2.39
N THR A 69 -3.74 -3.81 3.61
CA THR A 69 -3.84 -5.23 3.85
C THR A 69 -5.15 -5.77 3.27
N HIS A 70 -6.12 -4.90 3.10
CA HIS A 70 -7.40 -5.25 2.51
C HIS A 70 -7.26 -5.40 1.00
N ASN A 71 -6.55 -4.47 0.38
CA ASN A 71 -6.39 -4.44 -1.07
C ASN A 71 -5.37 -5.44 -1.56
N THR A 72 -4.49 -5.85 -0.67
CA THR A 72 -3.41 -6.74 -1.02
C THR A 72 -3.62 -8.11 -0.43
N GLY A 73 -4.64 -8.24 0.39
CA GLY A 73 -5.07 -9.55 0.83
C GLY A 73 -4.20 -10.09 1.92
N LEU A 74 -3.32 -9.24 2.39
CA LEU A 74 -2.32 -9.64 3.34
C LEU A 74 -2.85 -9.65 4.76
N ASP A 75 -2.02 -10.16 5.65
CA ASP A 75 -2.37 -10.28 7.06
C ASP A 75 -1.25 -9.69 7.91
N LEU A 76 -1.01 -8.42 7.72
CA LEU A 76 0.03 -7.72 8.45
C LEU A 76 -0.57 -6.67 9.39
N PRO A 77 -0.14 -6.69 10.65
CA PRO A 77 -0.62 -5.73 11.67
C PRO A 77 -0.02 -4.34 11.49
N PRO A 78 -0.34 -3.39 12.41
CA PRO A 78 0.30 -2.06 12.46
C PRO A 78 1.83 -2.08 12.39
N THR A 79 2.46 -0.93 12.68
CA THR A 79 3.92 -0.75 12.57
C THR A 79 4.45 -1.05 11.18
N LEU A 80 3.55 -1.10 10.20
CA LEU A 80 3.92 -1.26 8.81
C LEU A 80 4.49 0.04 8.27
N ILE A 81 3.90 1.16 8.70
CA ILE A 81 4.39 2.48 8.31
C ILE A 81 5.72 2.76 8.99
N PHE A 82 5.87 2.19 10.16
CA PHE A 82 7.10 2.29 10.92
C PHE A 82 8.21 1.47 10.27
N ASP A 83 7.83 0.36 9.64
CA ASP A 83 8.79 -0.50 8.97
C ASP A 83 9.04 0.00 7.55
N HIS A 84 8.00 0.57 6.95
CA HIS A 84 8.06 1.12 5.60
C HIS A 84 7.47 2.53 5.59
N PRO A 85 8.33 3.54 5.73
CA PRO A 85 7.88 4.90 5.99
C PRO A 85 7.53 5.72 4.75
N THR A 86 7.56 5.14 3.55
CA THR A 86 7.18 5.90 2.37
C THR A 86 6.17 5.11 1.53
N PRO A 87 5.31 5.79 0.73
CA PRO A 87 4.39 5.11 -0.18
C PRO A 87 5.12 4.11 -1.08
N HIS A 88 6.34 4.49 -1.46
CA HIS A 88 7.22 3.59 -2.18
C HIS A 88 7.52 2.36 -1.32
N ALA A 89 7.96 2.61 -0.09
CA ALA A 89 8.30 1.57 0.86
C ALA A 89 7.16 0.59 1.10
N LEU A 90 6.00 1.12 1.51
CA LEU A 90 4.82 0.30 1.74
C LEU A 90 4.51 -0.55 0.53
N THR A 91 4.61 0.08 -0.62
CA THR A 91 4.38 -0.60 -1.87
C THR A 91 5.36 -1.75 -2.04
N GLN A 92 6.62 -1.49 -1.73
CA GLN A 92 7.67 -2.49 -1.79
C GLN A 92 7.32 -3.70 -0.92
N HIS A 93 6.75 -3.42 0.25
CA HIS A 93 6.33 -4.48 1.17
C HIS A 93 5.32 -5.41 0.51
N LEU A 94 4.25 -4.85 -0.04
CA LEU A 94 3.18 -5.65 -0.61
C LEU A 94 3.57 -6.22 -1.96
N HIS A 95 4.52 -5.59 -2.65
CA HIS A 95 5.00 -6.08 -3.94
C HIS A 95 5.96 -7.24 -3.71
N THR A 96 6.55 -7.25 -2.52
CA THR A 96 7.46 -8.29 -2.14
C THR A 96 6.68 -9.45 -1.52
N ARG A 97 5.64 -9.11 -0.77
CA ARG A 97 4.80 -10.13 -0.12
C ARG A 97 4.06 -10.98 -1.13
N LEU A 98 3.98 -10.50 -2.36
CA LEU A 98 3.41 -11.28 -3.45
C LEU A 98 4.09 -12.63 -3.64
N THR A 99 5.25 -12.79 -3.03
CA THR A 99 6.00 -14.02 -3.14
C THR A 99 6.38 -14.58 -1.78
N GLN A 100 7.01 -13.75 -0.96
CA GLN A 100 7.47 -14.18 0.34
C GLN A 100 6.36 -14.01 1.37
N SER A 101 6.22 -14.99 2.24
CA SER A 101 5.16 -14.97 3.23
C SER A 101 5.40 -15.98 4.33
N HIS A 102 4.61 -15.87 5.38
CA HIS A 102 4.72 -16.75 6.54
C HIS A 102 3.53 -16.52 7.48
N GLY A 1 -16.50 -8.81 -1.92
CA GLY A 1 -15.99 -9.54 -0.74
C GLY A 1 -14.50 -9.37 -0.57
N ALA A 2 -13.94 -10.01 0.45
CA ALA A 2 -12.50 -9.93 0.71
C ALA A 2 -11.99 -11.22 1.32
N ALA A 3 -12.23 -12.33 0.62
CA ALA A 3 -11.73 -13.63 1.05
C ALA A 3 -10.23 -13.71 0.76
N SER A 4 -9.81 -12.90 -0.21
CA SER A 4 -8.42 -12.81 -0.61
C SER A 4 -8.29 -11.77 -1.71
N ALA A 5 -7.93 -10.56 -1.33
CA ALA A 5 -7.66 -9.54 -2.32
C ALA A 5 -6.21 -9.65 -2.77
N ALA A 6 -5.53 -10.68 -2.28
CA ALA A 6 -4.15 -10.95 -2.65
C ALA A 6 -4.12 -11.69 -3.98
N THR A 7 -5.23 -12.31 -4.29
CA THR A 7 -5.39 -12.99 -5.56
C THR A 7 -6.15 -12.08 -6.51
N ASP A 8 -6.54 -10.92 -5.99
CA ASP A 8 -7.15 -9.88 -6.80
C ASP A 8 -6.12 -8.83 -7.12
N LEU A 9 -5.26 -8.60 -6.15
CA LEU A 9 -4.20 -7.64 -6.31
C LEU A 9 -3.23 -8.13 -7.35
N ALA A 10 -2.73 -9.33 -7.09
CA ALA A 10 -1.85 -10.01 -8.03
C ALA A 10 -2.57 -10.29 -9.35
N ALA A 11 -3.84 -9.91 -9.42
CA ALA A 11 -4.61 -9.98 -10.64
C ALA A 11 -4.46 -8.70 -11.44
N ARG A 12 -4.36 -7.56 -10.76
CA ARG A 12 -4.01 -6.31 -11.41
C ARG A 12 -2.58 -6.40 -11.93
N LEU A 13 -1.78 -7.10 -11.15
CA LEU A 13 -0.35 -7.23 -11.39
C LEU A 13 -0.11 -8.27 -12.45
N ASN A 14 -0.97 -9.26 -12.44
CA ASN A 14 -1.01 -10.33 -13.43
C ASN A 14 -0.88 -9.80 -14.86
N GLY A 15 0.14 -10.26 -15.55
CA GLY A 15 0.36 -9.84 -16.92
C GLY A 15 1.32 -8.67 -17.03
N LEU A 16 1.58 -8.03 -15.89
CA LEU A 16 2.40 -6.83 -15.87
C LEU A 16 3.83 -7.15 -15.47
N SER A 17 4.72 -6.22 -15.79
CA SER A 17 6.12 -6.32 -15.42
C SER A 17 6.29 -5.83 -13.99
N PRO A 18 7.40 -6.17 -13.33
CA PRO A 18 7.65 -5.83 -11.92
C PRO A 18 7.34 -4.37 -11.59
N GLN A 19 7.86 -3.45 -12.38
CA GLN A 19 7.64 -2.03 -12.16
C GLN A 19 6.17 -1.65 -12.39
N GLN A 20 5.51 -2.33 -13.32
CA GLN A 20 4.09 -2.10 -13.59
C GLN A 20 3.26 -2.60 -12.42
N GLN A 21 3.60 -3.81 -12.00
CA GLN A 21 2.99 -4.43 -10.83
C GLN A 21 3.21 -3.56 -9.60
N GLN A 22 4.32 -2.85 -9.61
CA GLN A 22 4.64 -1.91 -8.57
C GLN A 22 3.67 -0.74 -8.63
N GLN A 23 3.54 -0.18 -9.84
CA GLN A 23 2.67 0.98 -10.09
C GLN A 23 1.27 0.83 -9.52
N THR A 24 0.68 -0.35 -9.67
CA THR A 24 -0.64 -0.61 -9.13
C THR A 24 -0.69 -0.37 -7.63
N LEU A 25 0.30 -0.88 -6.92
CA LEU A 25 0.41 -0.63 -5.49
C LEU A 25 0.85 0.80 -5.29
N ALA A 26 1.78 1.21 -6.12
CA ALA A 26 2.33 2.55 -6.10
C ALA A 26 1.30 3.59 -6.54
N THR A 27 0.08 3.11 -6.70
CA THR A 27 -1.06 3.93 -7.03
C THR A 27 -2.12 3.73 -5.96
N LEU A 28 -2.37 2.46 -5.66
CA LEU A 28 -3.34 2.05 -4.69
C LEU A 28 -2.91 2.39 -3.28
N VAL A 29 -1.65 2.14 -3.00
CA VAL A 29 -1.10 2.39 -1.68
C VAL A 29 -1.09 3.88 -1.41
N ALA A 30 -0.88 4.64 -2.46
CA ALA A 30 -0.92 6.06 -2.38
C ALA A 30 -2.36 6.54 -2.36
N ALA A 31 -3.21 5.79 -3.03
CA ALA A 31 -4.63 6.02 -3.03
C ALA A 31 -5.16 5.81 -1.61
N ALA A 32 -4.58 4.79 -1.00
CA ALA A 32 -4.80 4.50 0.40
C ALA A 32 -4.36 5.67 1.28
N THR A 33 -3.16 6.19 1.05
CA THR A 33 -2.68 7.30 1.85
C THR A 33 -3.36 8.60 1.40
N ALA A 34 -3.90 8.58 0.20
CA ALA A 34 -4.70 9.69 -0.29
C ALA A 34 -6.01 9.74 0.48
N THR A 35 -6.44 8.58 0.92
CA THR A 35 -7.62 8.46 1.75
C THR A 35 -7.32 8.93 3.17
N VAL A 36 -6.24 8.42 3.76
CA VAL A 36 -5.91 8.70 5.16
C VAL A 36 -5.78 10.19 5.43
N LEU A 37 -5.33 10.95 4.44
CA LEU A 37 -5.10 12.37 4.63
C LEU A 37 -6.18 13.22 3.96
N GLY A 38 -7.19 12.55 3.40
CA GLY A 38 -8.27 13.26 2.74
C GLY A 38 -7.83 14.00 1.48
N HIS A 39 -6.83 13.46 0.79
CA HIS A 39 -6.34 14.09 -0.44
C HIS A 39 -7.02 13.49 -1.66
N HIS A 40 -7.42 12.22 -1.53
CA HIS A 40 -8.11 11.48 -2.60
C HIS A 40 -7.17 11.13 -3.76
N THR A 41 -6.36 12.08 -4.19
CA THR A 41 -5.42 11.86 -5.28
C THR A 41 -4.19 11.10 -4.81
N PRO A 42 -3.90 9.97 -5.46
CA PRO A 42 -2.70 9.17 -5.21
C PRO A 42 -1.46 9.84 -5.79
N GLU A 43 -1.70 10.77 -6.72
CA GLU A 43 -0.62 11.53 -7.33
C GLU A 43 -0.16 12.63 -6.39
N SER A 44 -1.10 13.12 -5.60
CA SER A 44 -0.81 14.09 -4.57
C SER A 44 0.07 13.46 -3.49
N ILE A 45 -0.12 12.16 -3.33
CA ILE A 45 0.63 11.35 -2.38
C ILE A 45 1.99 10.97 -2.96
N SER A 46 2.99 11.80 -2.74
CA SER A 46 4.33 11.52 -3.20
C SER A 46 4.89 10.29 -2.47
N PRO A 47 5.74 9.49 -3.13
CA PRO A 47 6.14 8.18 -2.65
C PRO A 47 7.40 8.23 -1.83
N ALA A 48 8.03 9.38 -1.82
CA ALA A 48 9.32 9.50 -1.22
C ALA A 48 9.35 10.62 -0.18
N THR A 49 8.19 11.24 0.00
CA THR A 49 8.00 12.26 1.01
C THR A 49 8.06 11.66 2.41
N ALA A 50 7.40 10.49 2.53
CA ALA A 50 7.28 9.69 3.76
C ALA A 50 5.94 9.89 4.40
N PHE A 51 5.39 8.79 4.87
CA PHE A 51 4.13 8.76 5.61
C PHE A 51 4.15 9.74 6.75
N LYS A 52 5.26 9.73 7.47
CA LYS A 52 5.49 10.66 8.56
C LYS A 52 5.24 12.08 8.10
N ASP A 53 5.76 12.35 6.92
CA ASP A 53 5.76 13.68 6.35
C ASP A 53 4.46 13.95 5.62
N LEU A 54 3.66 12.91 5.50
CA LEU A 54 2.39 12.98 4.80
C LEU A 54 1.26 13.29 5.77
N GLY A 55 1.44 12.91 7.02
CA GLY A 55 0.42 13.12 8.01
C GLY A 55 0.08 11.84 8.73
N ILE A 56 0.77 10.77 8.37
CA ILE A 56 0.60 9.50 9.03
C ILE A 56 1.08 9.61 10.48
N ASP A 57 0.20 9.27 11.41
CA ASP A 57 0.51 9.45 12.82
C ASP A 57 0.63 8.10 13.54
N SER A 58 -0.20 7.16 13.12
CA SER A 58 -0.48 5.90 13.84
C SER A 58 -1.89 5.45 13.51
N LEU A 59 -2.86 6.33 13.77
CA LEU A 59 -4.26 6.08 13.43
C LEU A 59 -4.40 5.91 11.93
N THR A 60 -3.80 6.83 11.21
CA THR A 60 -3.84 6.80 9.76
C THR A 60 -2.79 5.85 9.22
N ALA A 61 -1.87 5.45 10.08
CA ALA A 61 -0.94 4.41 9.75
C ALA A 61 -1.64 3.06 9.79
N LEU A 62 -2.55 2.93 10.75
CA LEU A 62 -3.34 1.74 10.88
C LEU A 62 -4.48 1.76 9.87
N GLU A 63 -5.06 2.92 9.62
CA GLU A 63 -6.06 3.06 8.60
C GLU A 63 -5.44 2.85 7.23
N LEU A 64 -4.17 3.27 7.10
CA LEU A 64 -3.38 2.93 5.93
C LEU A 64 -3.31 1.42 5.81
N ARG A 65 -3.07 0.82 6.95
CA ARG A 65 -2.89 -0.61 7.09
C ARG A 65 -4.19 -1.31 6.72
N ASN A 66 -5.28 -0.81 7.28
CA ASN A 66 -6.62 -1.31 7.02
C ASN A 66 -6.92 -1.34 5.53
N THR A 67 -6.55 -0.28 4.81
CA THR A 67 -6.82 -0.22 3.39
C THR A 67 -5.90 -1.17 2.63
N LEU A 68 -4.61 -1.06 2.89
CA LEU A 68 -3.62 -1.85 2.20
C LEU A 68 -3.86 -3.34 2.37
N THR A 69 -3.96 -3.78 3.61
CA THR A 69 -4.15 -5.19 3.90
C THR A 69 -5.43 -5.70 3.24
N HIS A 70 -6.38 -4.80 3.02
CA HIS A 70 -7.64 -5.16 2.39
C HIS A 70 -7.47 -5.30 0.88
N ASN A 71 -6.65 -4.45 0.29
CA ASN A 71 -6.44 -4.46 -1.15
C ASN A 71 -5.37 -5.44 -1.58
N THR A 72 -4.54 -5.88 -0.64
CA THR A 72 -3.46 -6.78 -0.97
C THR A 72 -3.65 -8.13 -0.32
N GLY A 73 -4.63 -8.22 0.58
CA GLY A 73 -5.04 -9.52 1.07
C GLY A 73 -4.11 -10.06 2.12
N LEU A 74 -3.14 -9.26 2.49
CA LEU A 74 -2.08 -9.69 3.36
C LEU A 74 -2.46 -9.59 4.82
N ASP A 75 -1.48 -9.80 5.67
CA ASP A 75 -1.65 -9.78 7.11
C ASP A 75 -0.41 -9.12 7.74
N LEU A 76 -0.23 -7.87 7.41
CA LEU A 76 0.94 -7.11 7.85
C LEU A 76 0.63 -6.35 9.13
N PRO A 77 1.66 -6.17 10.00
CA PRO A 77 1.50 -5.56 11.32
C PRO A 77 1.40 -4.03 11.26
N PRO A 78 0.85 -3.43 12.33
CA PRO A 78 0.69 -1.97 12.50
C PRO A 78 1.99 -1.19 12.41
N THR A 79 3.11 -1.88 12.41
CA THR A 79 4.38 -1.22 12.34
C THR A 79 4.88 -1.23 10.90
N LEU A 80 3.91 -1.29 9.98
CA LEU A 80 4.20 -1.28 8.56
C LEU A 80 4.75 0.07 8.15
N ILE A 81 4.15 1.14 8.69
CA ILE A 81 4.58 2.50 8.36
C ILE A 81 5.92 2.78 9.02
N PHE A 82 6.08 2.24 10.21
CA PHE A 82 7.30 2.38 10.97
C PHE A 82 8.47 1.63 10.32
N ASP A 83 8.17 0.53 9.65
CA ASP A 83 9.20 -0.26 8.97
C ASP A 83 9.36 0.18 7.53
N HIS A 84 8.27 0.70 6.96
CA HIS A 84 8.27 1.17 5.59
C HIS A 84 7.65 2.56 5.55
N PRO A 85 8.48 3.59 5.73
CA PRO A 85 8.01 4.94 6.01
C PRO A 85 7.61 5.76 4.79
N THR A 86 7.59 5.19 3.60
CA THR A 86 7.17 5.94 2.42
C THR A 86 6.15 5.15 1.62
N PRO A 87 5.29 5.82 0.83
CA PRO A 87 4.34 5.13 -0.06
C PRO A 87 5.05 4.14 -0.97
N HIS A 88 6.26 4.50 -1.37
CA HIS A 88 7.13 3.61 -2.13
C HIS A 88 7.47 2.40 -1.28
N ALA A 89 7.92 2.66 -0.05
CA ALA A 89 8.27 1.61 0.90
C ALA A 89 7.14 0.64 1.18
N LEU A 90 5.99 1.16 1.62
CA LEU A 90 4.83 0.32 1.89
C LEU A 90 4.48 -0.51 0.68
N THR A 91 4.54 0.12 -0.47
CA THR A 91 4.29 -0.56 -1.71
C THR A 91 5.27 -1.71 -1.90
N GLN A 92 6.55 -1.42 -1.67
CA GLN A 92 7.61 -2.40 -1.76
C GLN A 92 7.31 -3.62 -0.90
N HIS A 93 6.71 -3.37 0.26
CA HIS A 93 6.33 -4.42 1.18
C HIS A 93 5.36 -5.41 0.54
N LEU A 94 4.27 -4.89 -0.01
CA LEU A 94 3.22 -5.74 -0.58
C LEU A 94 3.58 -6.24 -1.97
N HIS A 95 4.51 -5.54 -2.62
CA HIS A 95 4.97 -5.93 -3.95
C HIS A 95 5.97 -7.07 -3.80
N THR A 96 6.54 -7.15 -2.62
CA THR A 96 7.50 -8.17 -2.28
C THR A 96 6.77 -9.37 -1.67
N ARG A 97 5.84 -9.09 -0.76
CA ARG A 97 5.09 -10.12 -0.06
C ARG A 97 4.21 -10.92 -1.01
N LEU A 98 4.01 -10.37 -2.19
CA LEU A 98 3.31 -11.08 -3.27
C LEU A 98 3.86 -12.49 -3.45
N THR A 99 5.17 -12.61 -3.41
CA THR A 99 5.83 -13.89 -3.54
C THR A 99 6.36 -14.36 -2.19
N GLN A 100 6.87 -13.41 -1.41
CA GLN A 100 7.38 -13.69 -0.08
C GLN A 100 6.25 -13.92 0.91
N SER A 101 5.50 -14.99 0.71
CA SER A 101 4.39 -15.33 1.58
C SER A 101 4.03 -16.80 1.43
N HIS A 102 2.99 -17.22 2.11
CA HIS A 102 2.52 -18.59 1.99
C HIS A 102 1.44 -18.66 0.92
N GLY A 1 -16.16 -9.51 4.08
CA GLY A 1 -14.86 -8.79 4.10
C GLY A 1 -14.14 -8.89 2.78
N ALA A 2 -12.84 -8.64 2.79
CA ALA A 2 -12.05 -8.71 1.57
C ALA A 2 -11.90 -10.17 1.11
N ALA A 3 -11.85 -11.08 2.08
CA ALA A 3 -11.69 -12.51 1.83
C ALA A 3 -10.32 -12.84 1.27
N SER A 4 -10.11 -12.44 0.02
CA SER A 4 -8.92 -12.81 -0.70
C SER A 4 -8.65 -11.81 -1.83
N ALA A 5 -8.20 -10.63 -1.46
CA ALA A 5 -7.89 -9.61 -2.45
C ALA A 5 -6.45 -9.69 -2.90
N ALA A 6 -5.73 -10.69 -2.41
CA ALA A 6 -4.35 -10.90 -2.82
C ALA A 6 -4.32 -11.61 -4.16
N THR A 7 -5.46 -12.15 -4.53
CA THR A 7 -5.63 -12.76 -5.83
C THR A 7 -6.39 -11.79 -6.72
N ASP A 8 -6.74 -10.62 -6.17
CA ASP A 8 -7.30 -9.54 -6.96
C ASP A 8 -6.22 -8.54 -7.25
N LEU A 9 -5.37 -8.36 -6.26
CA LEU A 9 -4.28 -7.42 -6.39
C LEU A 9 -3.33 -7.91 -7.46
N ALA A 10 -2.86 -9.13 -7.23
CA ALA A 10 -2.00 -9.81 -8.18
C ALA A 10 -2.71 -9.96 -9.52
N ALA A 11 -4.00 -9.64 -9.58
CA ALA A 11 -4.75 -9.70 -10.80
C ALA A 11 -4.45 -8.48 -11.65
N ARG A 12 -4.30 -7.32 -10.98
CA ARG A 12 -3.86 -6.11 -11.65
C ARG A 12 -2.42 -6.27 -12.14
N LEU A 13 -1.68 -7.02 -11.37
CA LEU A 13 -0.23 -7.13 -11.54
C LEU A 13 0.09 -8.17 -12.59
N ASN A 14 -0.54 -9.30 -12.46
CA ASN A 14 -0.42 -10.38 -13.41
C ASN A 14 -0.61 -9.92 -14.84
N GLY A 15 0.38 -10.18 -15.68
CA GLY A 15 0.37 -9.70 -17.03
C GLY A 15 1.27 -8.50 -17.22
N LEU A 16 1.61 -7.87 -16.10
CA LEU A 16 2.41 -6.67 -16.13
C LEU A 16 3.84 -6.94 -15.71
N SER A 17 4.70 -5.99 -16.01
CA SER A 17 6.09 -6.05 -15.62
C SER A 17 6.25 -5.59 -14.18
N PRO A 18 7.33 -6.00 -13.50
CA PRO A 18 7.54 -5.73 -12.07
C PRO A 18 7.27 -4.28 -11.67
N GLN A 19 7.79 -3.34 -12.44
CA GLN A 19 7.61 -1.91 -12.18
C GLN A 19 6.15 -1.49 -12.39
N GLN A 20 5.48 -2.12 -13.35
CA GLN A 20 4.08 -1.84 -13.60
C GLN A 20 3.24 -2.39 -12.46
N GLN A 21 3.59 -3.61 -12.06
CA GLN A 21 2.99 -4.27 -10.91
C GLN A 21 3.23 -3.45 -9.66
N GLN A 22 4.35 -2.75 -9.66
CA GLN A 22 4.71 -1.86 -8.59
C GLN A 22 3.76 -0.69 -8.59
N GLN A 23 3.68 -0.05 -9.75
CA GLN A 23 2.82 1.11 -9.99
C GLN A 23 1.40 0.96 -9.46
N THR A 24 0.81 -0.21 -9.66
CA THR A 24 -0.52 -0.48 -9.15
C THR A 24 -0.58 -0.27 -7.64
N LEU A 25 0.41 -0.78 -6.93
CA LEU A 25 0.50 -0.55 -5.50
C LEU A 25 0.93 0.89 -5.28
N ALA A 26 1.87 1.31 -6.10
CA ALA A 26 2.40 2.67 -6.06
C ALA A 26 1.36 3.70 -6.47
N THR A 27 0.14 3.22 -6.67
CA THR A 27 -1.00 4.04 -6.98
C THR A 27 -2.07 3.80 -5.92
N LEU A 28 -2.29 2.52 -5.65
CA LEU A 28 -3.27 2.08 -4.67
C LEU A 28 -2.85 2.42 -3.27
N VAL A 29 -1.59 2.18 -2.98
CA VAL A 29 -1.03 2.43 -1.67
C VAL A 29 -1.04 3.93 -1.39
N ALA A 30 -0.86 4.67 -2.44
CA ALA A 30 -0.92 6.11 -2.37
C ALA A 30 -2.36 6.56 -2.33
N ALA A 31 -3.21 5.81 -2.99
CA ALA A 31 -4.64 6.03 -2.94
C ALA A 31 -5.12 5.78 -1.52
N ALA A 32 -4.52 4.77 -0.93
CA ALA A 32 -4.69 4.47 0.48
C ALA A 32 -4.28 5.65 1.34
N THR A 33 -3.10 6.21 1.07
CA THR A 33 -2.63 7.35 1.85
C THR A 33 -3.37 8.62 1.46
N ALA A 34 -3.85 8.66 0.23
CA ALA A 34 -4.69 9.74 -0.21
C ALA A 34 -5.95 9.77 0.64
N THR A 35 -6.39 8.58 1.02
CA THR A 35 -7.54 8.40 1.88
C THR A 35 -7.27 8.99 3.26
N VAL A 36 -6.19 8.51 3.88
CA VAL A 36 -5.93 8.77 5.28
C VAL A 36 -5.73 10.23 5.59
N LEU A 37 -5.31 10.99 4.60
CA LEU A 37 -5.05 12.40 4.78
C LEU A 37 -6.20 13.28 4.27
N GLY A 38 -7.33 12.66 3.96
CA GLY A 38 -8.50 13.41 3.52
C GLY A 38 -8.35 13.96 2.12
N HIS A 39 -7.77 13.16 1.24
CA HIS A 39 -7.60 13.53 -0.16
C HIS A 39 -8.12 12.39 -1.03
N HIS A 40 -7.95 12.53 -2.34
CA HIS A 40 -8.34 11.48 -3.26
C HIS A 40 -7.25 11.21 -4.29
N THR A 41 -6.30 12.14 -4.41
CA THR A 41 -5.22 11.98 -5.37
C THR A 41 -4.10 11.10 -4.87
N PRO A 42 -3.89 9.96 -5.51
CA PRO A 42 -2.72 9.10 -5.30
C PRO A 42 -1.51 9.66 -6.02
N GLU A 43 -1.79 10.59 -6.94
CA GLU A 43 -0.78 11.25 -7.73
C GLU A 43 -0.08 12.31 -6.89
N SER A 44 -0.87 13.03 -6.12
CA SER A 44 -0.37 14.08 -5.25
C SER A 44 0.34 13.47 -4.04
N ILE A 45 0.06 12.19 -3.80
CA ILE A 45 0.74 11.42 -2.76
C ILE A 45 2.11 10.98 -3.25
N SER A 46 3.13 11.75 -2.89
CA SER A 46 4.49 11.42 -3.28
C SER A 46 4.94 10.15 -2.55
N PRO A 47 5.74 9.31 -3.20
CA PRO A 47 6.11 8.01 -2.67
C PRO A 47 7.39 8.08 -1.89
N ALA A 48 7.90 9.29 -1.78
CA ALA A 48 9.23 9.50 -1.25
C ALA A 48 9.24 10.59 -0.19
N THR A 49 8.07 11.21 0.01
CA THR A 49 7.91 12.25 1.01
C THR A 49 8.03 11.68 2.42
N ALA A 50 7.39 10.53 2.60
CA ALA A 50 7.28 9.77 3.86
C ALA A 50 5.93 9.98 4.48
N PHE A 51 5.34 8.88 4.90
CA PHE A 51 4.05 8.87 5.58
C PHE A 51 4.03 9.82 6.75
N LYS A 52 5.11 9.82 7.52
CA LYS A 52 5.25 10.75 8.62
C LYS A 52 5.06 12.17 8.13
N ASP A 53 5.69 12.44 7.00
CA ASP A 53 5.68 13.76 6.39
C ASP A 53 4.35 14.02 5.69
N LEU A 54 3.58 12.96 5.53
CA LEU A 54 2.31 13.02 4.84
C LEU A 54 1.18 13.30 5.82
N GLY A 55 1.36 12.88 7.06
CA GLY A 55 0.31 13.06 8.04
C GLY A 55 -0.05 11.76 8.71
N ILE A 56 0.61 10.69 8.29
CA ILE A 56 0.43 9.39 8.89
C ILE A 56 0.91 9.42 10.34
N ASP A 57 -0.03 9.47 11.26
CA ASP A 57 0.31 9.42 12.68
C ASP A 57 -0.46 8.31 13.39
N SER A 58 0.15 7.11 13.44
CA SER A 58 -0.38 5.95 14.17
C SER A 58 -1.79 5.52 13.72
N LEU A 59 -2.80 6.29 14.09
CA LEU A 59 -4.18 6.05 13.67
C LEU A 59 -4.28 5.88 12.18
N THR A 60 -3.78 6.87 11.47
CA THR A 60 -3.87 6.88 10.01
C THR A 60 -2.83 5.97 9.42
N ALA A 61 -1.86 5.59 10.23
CA ALA A 61 -0.94 4.56 9.85
C ALA A 61 -1.65 3.20 9.87
N LEU A 62 -2.67 3.08 10.70
CA LEU A 62 -3.42 1.85 10.82
C LEU A 62 -4.51 1.82 9.76
N GLU A 63 -5.12 2.95 9.51
CA GLU A 63 -6.08 3.08 8.42
C GLU A 63 -5.40 2.83 7.11
N LEU A 64 -4.17 3.31 7.04
CA LEU A 64 -3.31 3.01 5.93
C LEU A 64 -3.20 1.50 5.84
N ARG A 65 -2.97 0.93 7.00
CA ARG A 65 -2.73 -0.50 7.13
C ARG A 65 -3.97 -1.28 6.71
N ASN A 66 -5.08 -0.84 7.27
CA ASN A 66 -6.38 -1.42 7.03
C ASN A 66 -6.74 -1.39 5.56
N THR A 67 -6.34 -0.33 4.85
CA THR A 67 -6.57 -0.25 3.43
C THR A 67 -5.63 -1.18 2.67
N LEU A 68 -4.34 -1.04 2.94
CA LEU A 68 -3.31 -1.87 2.30
C LEU A 68 -3.68 -3.33 2.36
N THR A 69 -3.82 -3.83 3.58
CA THR A 69 -4.09 -5.23 3.83
C THR A 69 -5.36 -5.68 3.11
N HIS A 70 -6.32 -4.78 2.99
CA HIS A 70 -7.58 -5.10 2.35
C HIS A 70 -7.41 -5.26 0.84
N ASN A 71 -6.61 -4.39 0.25
CA ASN A 71 -6.42 -4.40 -1.20
C ASN A 71 -5.38 -5.41 -1.64
N THR A 72 -4.54 -5.85 -0.72
CA THR A 72 -3.46 -6.74 -1.06
C THR A 72 -3.64 -8.10 -0.44
N GLY A 73 -4.58 -8.21 0.49
CA GLY A 73 -4.95 -9.50 1.01
C GLY A 73 -3.99 -10.00 2.04
N LEU A 74 -3.07 -9.14 2.43
CA LEU A 74 -2.03 -9.49 3.36
C LEU A 74 -2.48 -9.26 4.80
N ASP A 75 -1.65 -9.67 5.74
CA ASP A 75 -2.02 -9.59 7.14
C ASP A 75 -0.84 -9.11 7.99
N LEU A 76 -0.48 -7.86 7.78
CA LEU A 76 0.59 -7.23 8.55
C LEU A 76 -0.01 -6.31 9.61
N PRO A 77 0.36 -6.49 10.89
CA PRO A 77 -0.08 -5.62 12.00
C PRO A 77 0.47 -4.20 11.90
N PRO A 78 0.17 -3.30 12.88
CA PRO A 78 0.71 -1.92 12.91
C PRO A 78 2.25 -1.87 12.89
N THR A 79 2.81 -0.67 13.13
CA THR A 79 4.25 -0.41 13.04
C THR A 79 4.83 -0.74 11.65
N LEU A 80 3.95 -0.93 10.68
CA LEU A 80 4.37 -1.18 9.30
C LEU A 80 4.82 0.10 8.63
N ILE A 81 4.18 1.22 8.98
CA ILE A 81 4.58 2.52 8.45
C ILE A 81 5.93 2.91 9.03
N PHE A 82 6.15 2.49 10.26
CA PHE A 82 7.38 2.74 10.96
C PHE A 82 8.55 1.99 10.34
N ASP A 83 8.25 0.85 9.72
CA ASP A 83 9.27 0.07 9.03
C ASP A 83 9.32 0.43 7.55
N HIS A 84 8.18 0.79 7.01
CA HIS A 84 8.06 1.18 5.61
C HIS A 84 7.46 2.57 5.54
N PRO A 85 8.30 3.61 5.63
CA PRO A 85 7.86 4.97 5.89
C PRO A 85 7.46 5.77 4.65
N THR A 86 7.46 5.16 3.47
CA THR A 86 7.04 5.89 2.27
C THR A 86 6.05 5.07 1.45
N PRO A 87 5.20 5.71 0.62
CA PRO A 87 4.29 4.97 -0.28
C PRO A 87 5.05 4.01 -1.17
N HIS A 88 6.28 4.36 -1.50
CA HIS A 88 7.20 3.45 -2.17
C HIS A 88 7.44 2.23 -1.29
N ALA A 89 7.82 2.50 -0.05
CA ALA A 89 8.12 1.47 0.95
C ALA A 89 6.98 0.46 1.13
N LEU A 90 5.82 0.95 1.55
CA LEU A 90 4.65 0.08 1.74
C LEU A 90 4.38 -0.75 0.50
N THR A 91 4.48 -0.11 -0.66
CA THR A 91 4.35 -0.79 -1.93
C THR A 91 5.37 -1.91 -2.03
N GLN A 92 6.61 -1.58 -1.73
CA GLN A 92 7.70 -2.55 -1.74
C GLN A 92 7.35 -3.77 -0.89
N HIS A 93 6.70 -3.53 0.25
CA HIS A 93 6.29 -4.60 1.14
C HIS A 93 5.34 -5.57 0.44
N LEU A 94 4.27 -5.04 -0.12
CA LEU A 94 3.22 -5.89 -0.70
C LEU A 94 3.60 -6.36 -2.10
N HIS A 95 4.54 -5.67 -2.73
CA HIS A 95 5.03 -6.06 -4.04
C HIS A 95 6.02 -7.19 -3.86
N THR A 96 6.61 -7.23 -2.68
CA THR A 96 7.57 -8.25 -2.32
C THR A 96 6.84 -9.46 -1.75
N ARG A 97 5.92 -9.21 -0.84
CA ARG A 97 5.18 -10.28 -0.17
C ARG A 97 4.32 -11.04 -1.15
N LEU A 98 4.01 -10.41 -2.26
CA LEU A 98 3.23 -11.03 -3.30
C LEU A 98 4.02 -12.09 -4.05
N THR A 99 5.34 -12.04 -3.92
CA THR A 99 6.22 -12.94 -4.67
C THR A 99 7.20 -13.63 -3.74
N GLN A 100 6.96 -13.48 -2.46
CA GLN A 100 7.74 -14.15 -1.44
C GLN A 100 6.80 -14.95 -0.53
N SER A 101 5.79 -15.54 -1.12
CA SER A 101 4.76 -16.23 -0.37
C SER A 101 4.48 -17.62 -0.95
N HIS A 102 3.41 -18.24 -0.47
CA HIS A 102 3.06 -19.59 -0.91
C HIS A 102 1.81 -19.57 -1.78
N GLY A 1 -16.79 -6.54 -3.06
CA GLY A 1 -16.69 -7.83 -2.33
C GLY A 1 -15.26 -8.27 -2.16
N ALA A 2 -14.87 -9.30 -2.91
CA ALA A 2 -13.51 -9.82 -2.89
C ALA A 2 -13.10 -10.30 -1.49
N ALA A 3 -13.37 -11.57 -1.23
CA ALA A 3 -12.96 -12.19 0.03
C ALA A 3 -11.45 -12.13 0.16
N SER A 4 -10.77 -12.56 -0.90
CA SER A 4 -9.34 -12.40 -1.00
C SER A 4 -9.04 -11.36 -2.06
N ALA A 5 -8.59 -10.19 -1.65
CA ALA A 5 -8.22 -9.16 -2.60
C ALA A 5 -6.76 -9.32 -2.97
N ALA A 6 -6.14 -10.40 -2.52
CA ALA A 6 -4.76 -10.71 -2.88
C ALA A 6 -4.75 -11.41 -4.21
N THR A 7 -5.87 -12.03 -4.53
CA THR A 7 -6.04 -12.68 -5.80
C THR A 7 -6.68 -11.70 -6.78
N ASP A 8 -7.11 -10.55 -6.25
CA ASP A 8 -7.61 -9.46 -7.07
C ASP A 8 -6.48 -8.49 -7.34
N LEU A 9 -5.63 -8.36 -6.35
CA LEU A 9 -4.51 -7.46 -6.46
C LEU A 9 -3.56 -8.00 -7.49
N ALA A 10 -3.16 -9.23 -7.23
CA ALA A 10 -2.34 -9.99 -8.17
C ALA A 10 -2.99 -10.05 -9.55
N ALA A 11 -4.27 -9.67 -9.64
CA ALA A 11 -4.96 -9.65 -10.91
C ALA A 11 -4.54 -8.42 -11.70
N ARG A 12 -4.41 -7.28 -11.02
CA ARG A 12 -3.90 -6.07 -11.64
C ARG A 12 -2.44 -6.24 -12.01
N LEU A 13 -1.77 -7.10 -11.27
CA LEU A 13 -0.33 -7.31 -11.41
C LEU A 13 -0.05 -8.34 -12.47
N ASN A 14 -0.80 -9.41 -12.42
CA ASN A 14 -0.75 -10.47 -13.41
C ASN A 14 -0.94 -9.92 -14.81
N GLY A 15 0.02 -10.22 -15.67
CA GLY A 15 0.00 -9.71 -17.03
C GLY A 15 0.91 -8.51 -17.20
N LEU A 16 1.33 -7.95 -16.07
CA LEU A 16 2.15 -6.77 -16.08
C LEU A 16 3.61 -7.09 -15.77
N SER A 17 4.46 -6.15 -16.08
CA SER A 17 5.87 -6.23 -15.75
C SER A 17 6.08 -5.81 -14.31
N PRO A 18 7.18 -6.21 -13.67
CA PRO A 18 7.44 -5.97 -12.25
C PRO A 18 7.16 -4.52 -11.83
N GLN A 19 7.72 -3.58 -12.58
CA GLN A 19 7.52 -2.15 -12.31
C GLN A 19 6.05 -1.76 -12.43
N GLN A 20 5.35 -2.37 -13.37
CA GLN A 20 3.94 -2.06 -13.60
C GLN A 20 3.09 -2.64 -12.48
N GLN A 21 3.44 -3.85 -12.10
CA GLN A 21 2.83 -4.51 -10.96
C GLN A 21 3.03 -3.67 -9.71
N GLN A 22 4.19 -3.03 -9.65
CA GLN A 22 4.52 -2.15 -8.56
C GLN A 22 3.67 -0.90 -8.62
N GLN A 23 3.54 -0.32 -9.82
CA GLN A 23 2.73 0.89 -10.05
C GLN A 23 1.31 0.77 -9.52
N THR A 24 0.69 -0.38 -9.71
CA THR A 24 -0.65 -0.62 -9.18
C THR A 24 -0.68 -0.41 -7.67
N LEU A 25 0.33 -0.92 -6.97
CA LEU A 25 0.43 -0.68 -5.55
C LEU A 25 0.87 0.76 -5.34
N ALA A 26 1.81 1.17 -6.16
CA ALA A 26 2.37 2.52 -6.13
C ALA A 26 1.34 3.57 -6.53
N THR A 27 0.13 3.10 -6.73
CA THR A 27 -1.00 3.94 -7.03
C THR A 27 -2.05 3.75 -5.95
N LEU A 28 -2.32 2.48 -5.66
CA LEU A 28 -3.29 2.07 -4.69
C LEU A 28 -2.85 2.42 -3.29
N VAL A 29 -1.60 2.18 -3.01
CA VAL A 29 -1.02 2.42 -1.71
C VAL A 29 -1.01 3.91 -1.42
N ALA A 30 -0.82 4.67 -2.48
CA ALA A 30 -0.85 6.11 -2.38
C ALA A 30 -2.29 6.59 -2.34
N ALA A 31 -3.13 5.86 -3.03
CA ALA A 31 -4.56 6.08 -2.99
C ALA A 31 -5.05 5.84 -1.58
N ALA A 32 -4.47 4.83 -0.98
CA ALA A 32 -4.66 4.52 0.42
C ALA A 32 -4.23 5.67 1.32
N THR A 33 -3.04 6.23 1.08
CA THR A 33 -2.58 7.34 1.90
C THR A 33 -3.25 8.64 1.47
N ALA A 34 -3.80 8.65 0.27
CA ALA A 34 -4.62 9.74 -0.16
C ALA A 34 -5.90 9.74 0.67
N THR A 35 -6.41 8.54 0.91
CA THR A 35 -7.58 8.33 1.71
C THR A 35 -7.36 8.77 3.16
N VAL A 36 -6.26 8.31 3.75
CA VAL A 36 -5.99 8.54 5.16
C VAL A 36 -5.98 10.02 5.51
N LEU A 37 -5.49 10.84 4.59
CA LEU A 37 -5.35 12.26 4.83
C LEU A 37 -6.59 13.04 4.36
N GLY A 38 -7.66 12.32 4.07
CA GLY A 38 -8.90 12.97 3.65
C GLY A 38 -8.82 13.54 2.24
N HIS A 39 -8.01 12.92 1.41
CA HIS A 39 -7.90 13.31 0.00
C HIS A 39 -8.27 12.11 -0.86
N HIS A 40 -8.08 12.23 -2.17
CA HIS A 40 -8.36 11.12 -3.06
C HIS A 40 -7.34 11.09 -4.20
N THR A 41 -6.33 11.93 -4.11
CA THR A 41 -5.30 11.97 -5.13
C THR A 41 -4.04 11.24 -4.71
N PRO A 42 -3.73 10.14 -5.41
CA PRO A 42 -2.47 9.41 -5.24
C PRO A 42 -1.32 10.15 -5.91
N GLU A 43 -1.70 11.12 -6.75
CA GLU A 43 -0.75 11.97 -7.44
C GLU A 43 -0.10 12.95 -6.47
N SER A 44 -0.92 13.41 -5.52
CA SER A 44 -0.45 14.34 -4.51
C SER A 44 0.31 13.58 -3.43
N ILE A 45 0.10 12.28 -3.38
CA ILE A 45 0.78 11.41 -2.45
C ILE A 45 2.12 10.98 -3.03
N SER A 46 3.13 11.80 -2.82
CA SER A 46 4.47 11.48 -3.29
C SER A 46 4.98 10.25 -2.54
N PRO A 47 5.74 9.37 -3.20
CA PRO A 47 6.10 8.08 -2.66
C PRO A 47 7.38 8.18 -1.87
N ALA A 48 7.93 9.37 -1.87
CA ALA A 48 9.22 9.59 -1.31
C ALA A 48 9.19 10.73 -0.28
N THR A 49 7.98 11.22 -0.02
CA THR A 49 7.75 12.22 1.00
C THR A 49 7.98 11.66 2.39
N ALA A 50 7.35 10.50 2.61
CA ALA A 50 7.32 9.74 3.88
C ALA A 50 5.98 9.92 4.55
N PHE A 51 5.45 8.81 5.04
CA PHE A 51 4.18 8.79 5.78
C PHE A 51 4.19 9.81 6.89
N LYS A 52 5.27 9.84 7.63
CA LYS A 52 5.45 10.82 8.68
C LYS A 52 5.20 12.22 8.13
N ASP A 53 5.77 12.47 6.97
CA ASP A 53 5.73 13.78 6.34
C ASP A 53 4.41 14.00 5.62
N LEU A 54 3.67 12.92 5.42
CA LEU A 54 2.41 12.94 4.71
C LEU A 54 1.27 13.29 5.65
N GLY A 55 1.43 12.90 6.91
CA GLY A 55 0.39 13.13 7.88
C GLY A 55 0.00 11.85 8.58
N ILE A 56 0.74 10.78 8.28
CA ILE A 56 0.53 9.52 8.95
C ILE A 56 0.91 9.65 10.43
N ASP A 57 0.00 9.28 11.31
CA ASP A 57 0.26 9.37 12.74
C ASP A 57 -0.59 8.36 13.50
N SER A 58 -0.12 7.12 13.52
CA SER A 58 -0.76 6.02 14.26
C SER A 58 -2.11 5.64 13.67
N LEU A 59 -3.09 6.52 13.80
CA LEU A 59 -4.45 6.29 13.34
C LEU A 59 -4.47 6.03 11.86
N THR A 60 -3.87 6.95 11.13
CA THR A 60 -3.87 6.88 9.70
C THR A 60 -2.81 5.91 9.20
N ALA A 61 -1.95 5.49 10.11
CA ALA A 61 -0.99 4.44 9.80
C ALA A 61 -1.68 3.10 9.90
N LEU A 62 -2.59 2.98 10.85
CA LEU A 62 -3.40 1.79 10.99
C LEU A 62 -4.48 1.79 9.91
N GLU A 63 -5.09 2.94 9.67
CA GLU A 63 -6.08 3.06 8.62
C GLU A 63 -5.40 2.85 7.26
N LEU A 64 -4.14 3.28 7.16
CA LEU A 64 -3.34 2.94 6.00
C LEU A 64 -3.27 1.43 5.90
N ARG A 65 -2.98 0.85 7.04
CA ARG A 65 -2.82 -0.59 7.18
C ARG A 65 -4.10 -1.29 6.77
N ASN A 66 -5.18 -0.81 7.33
CA ASN A 66 -6.51 -1.33 7.09
C ASN A 66 -6.86 -1.27 5.60
N THR A 67 -6.46 -0.21 4.92
CA THR A 67 -6.69 -0.11 3.49
C THR A 67 -5.77 -1.06 2.73
N LEU A 68 -4.48 -0.95 3.00
CA LEU A 68 -3.47 -1.76 2.32
C LEU A 68 -3.84 -3.23 2.32
N THR A 69 -3.99 -3.77 3.52
CA THR A 69 -4.21 -5.20 3.68
C THR A 69 -5.54 -5.62 3.06
N HIS A 70 -6.48 -4.69 2.94
CA HIS A 70 -7.75 -4.97 2.32
C HIS A 70 -7.58 -5.12 0.83
N ASN A 71 -6.77 -4.24 0.24
CA ASN A 71 -6.58 -4.24 -1.20
C ASN A 71 -5.54 -5.25 -1.66
N THR A 72 -4.72 -5.72 -0.73
CA THR A 72 -3.67 -6.64 -1.07
C THR A 72 -3.90 -8.01 -0.47
N GLY A 73 -4.83 -8.10 0.46
CA GLY A 73 -5.28 -9.40 0.92
C GLY A 73 -4.31 -10.01 1.90
N LEU A 74 -3.38 -9.21 2.33
CA LEU A 74 -2.30 -9.66 3.18
C LEU A 74 -2.73 -9.87 4.62
N ASP A 75 -1.74 -10.16 5.44
CA ASP A 75 -1.91 -10.69 6.78
C ASP A 75 -2.10 -9.55 7.81
N LEU A 76 -2.65 -8.45 7.30
CA LEU A 76 -3.00 -7.24 8.06
C LEU A 76 -2.10 -6.99 9.29
N PRO A 77 -0.84 -6.61 9.08
CA PRO A 77 0.08 -6.27 10.15
C PRO A 77 0.21 -4.77 10.38
N PRO A 78 0.19 -4.31 11.65
CA PRO A 78 0.55 -2.93 12.00
C PRO A 78 2.05 -2.76 11.97
N THR A 79 2.56 -1.59 12.36
CA THR A 79 4.00 -1.30 12.33
C THR A 79 4.60 -1.46 10.94
N LEU A 80 3.77 -1.49 9.91
CA LEU A 80 4.27 -1.52 8.55
C LEU A 80 4.66 -0.13 8.08
N ILE A 81 4.10 0.90 8.70
CA ILE A 81 4.54 2.26 8.39
C ILE A 81 5.85 2.54 9.09
N PHE A 82 5.96 2.01 10.29
CA PHE A 82 7.14 2.15 11.11
C PHE A 82 8.34 1.42 10.48
N ASP A 83 8.07 0.35 9.74
CA ASP A 83 9.13 -0.38 9.05
C ASP A 83 9.28 0.10 7.61
N HIS A 84 8.18 0.59 7.04
CA HIS A 84 8.16 1.08 5.67
C HIS A 84 7.58 2.49 5.66
N PRO A 85 8.44 3.51 5.72
CA PRO A 85 8.02 4.88 6.01
C PRO A 85 7.63 5.73 4.80
N THR A 86 7.60 5.16 3.60
CA THR A 86 7.17 5.93 2.43
C THR A 86 6.14 5.15 1.62
N PRO A 87 5.29 5.82 0.81
CA PRO A 87 4.35 5.12 -0.07
C PRO A 87 5.07 4.15 -0.99
N HIS A 88 6.29 4.52 -1.37
CA HIS A 88 7.19 3.63 -2.09
C HIS A 88 7.44 2.38 -1.25
N ALA A 89 7.83 2.61 -0.01
CA ALA A 89 8.13 1.54 0.94
C ALA A 89 6.97 0.56 1.11
N LEU A 90 5.81 1.07 1.53
CA LEU A 90 4.62 0.24 1.69
C LEU A 90 4.34 -0.57 0.44
N THR A 91 4.46 0.09 -0.70
CA THR A 91 4.30 -0.56 -1.99
C THR A 91 5.29 -1.71 -2.13
N GLN A 92 6.56 -1.41 -1.89
CA GLN A 92 7.60 -2.41 -1.90
C GLN A 92 7.26 -3.60 -1.02
N HIS A 93 6.67 -3.30 0.13
CA HIS A 93 6.22 -4.32 1.06
C HIS A 93 5.19 -5.25 0.41
N LEU A 94 4.09 -4.69 -0.06
CA LEU A 94 3.00 -5.50 -0.59
C LEU A 94 3.34 -6.09 -1.95
N HIS A 95 4.30 -5.50 -2.66
CA HIS A 95 4.75 -6.05 -3.93
C HIS A 95 5.53 -7.32 -3.64
N THR A 96 6.52 -7.20 -2.78
CA THR A 96 7.29 -8.32 -2.31
C THR A 96 6.41 -9.35 -1.61
N ARG A 97 5.55 -8.91 -0.71
CA ARG A 97 4.75 -9.83 0.09
C ARG A 97 3.63 -10.47 -0.71
N LEU A 98 3.20 -9.80 -1.77
CA LEU A 98 2.21 -10.36 -2.67
C LEU A 98 2.62 -11.74 -3.14
N THR A 99 3.85 -11.88 -3.60
CA THR A 99 4.38 -13.17 -3.98
C THR A 99 4.82 -13.95 -2.74
N GLN A 100 5.49 -13.27 -1.83
CA GLN A 100 5.90 -13.86 -0.56
C GLN A 100 4.74 -13.89 0.45
N SER A 101 3.78 -14.75 0.20
CA SER A 101 2.59 -14.80 1.04
C SER A 101 2.13 -16.23 1.26
N HIS A 102 1.05 -16.39 2.02
CA HIS A 102 0.49 -17.71 2.29
C HIS A 102 -0.99 -17.72 1.96
N GLY A 1 -17.55 -8.43 0.27
CA GLY A 1 -16.18 -8.94 0.45
C GLY A 1 -15.74 -9.81 -0.71
N ALA A 2 -14.49 -10.22 -0.69
CA ALA A 2 -13.94 -11.04 -1.76
C ALA A 2 -13.10 -12.16 -1.18
N ALA A 3 -13.01 -13.26 -1.91
CA ALA A 3 -12.20 -14.40 -1.49
C ALA A 3 -10.74 -14.13 -1.80
N SER A 4 -10.06 -13.48 -0.87
CA SER A 4 -8.65 -13.11 -1.02
C SER A 4 -8.49 -12.03 -2.07
N ALA A 5 -8.21 -10.82 -1.63
CA ALA A 5 -7.91 -9.73 -2.56
C ALA A 5 -6.43 -9.74 -2.92
N ALA A 6 -5.69 -10.70 -2.39
CA ALA A 6 -4.28 -10.86 -2.71
C ALA A 6 -4.15 -11.56 -4.05
N THR A 7 -5.22 -12.22 -4.43
CA THR A 7 -5.28 -12.88 -5.71
C THR A 7 -6.07 -12.00 -6.68
N ASP A 8 -6.47 -10.84 -6.18
CA ASP A 8 -7.10 -9.81 -7.01
C ASP A 8 -6.09 -8.74 -7.27
N LEU A 9 -5.27 -8.49 -6.27
CA LEU A 9 -4.25 -7.49 -6.38
C LEU A 9 -3.22 -7.94 -7.37
N ALA A 10 -2.67 -9.12 -7.08
CA ALA A 10 -1.73 -9.77 -7.96
C ALA A 10 -2.37 -10.06 -9.31
N ALA A 11 -3.66 -9.79 -9.43
CA ALA A 11 -4.36 -9.92 -10.69
C ALA A 11 -4.08 -8.70 -11.54
N ARG A 12 -4.03 -7.52 -10.91
CA ARG A 12 -3.64 -6.29 -11.60
C ARG A 12 -2.18 -6.37 -12.01
N LEU A 13 -1.43 -7.10 -11.21
CA LEU A 13 0.02 -7.16 -11.35
C LEU A 13 0.40 -8.19 -12.38
N ASN A 14 -0.23 -9.32 -12.27
CA ASN A 14 -0.08 -10.40 -13.23
C ASN A 14 -0.37 -9.91 -14.65
N GLY A 15 0.59 -10.11 -15.54
CA GLY A 15 0.48 -9.58 -16.87
C GLY A 15 1.35 -8.35 -17.05
N LEU A 16 1.77 -7.78 -15.93
CA LEU A 16 2.56 -6.56 -15.95
C LEU A 16 4.01 -6.80 -15.59
N SER A 17 4.83 -5.81 -15.90
CA SER A 17 6.24 -5.82 -15.54
C SER A 17 6.38 -5.47 -14.06
N PRO A 18 7.48 -5.87 -13.42
CA PRO A 18 7.70 -5.66 -11.98
C PRO A 18 7.37 -4.23 -11.53
N GLN A 19 7.88 -3.25 -12.28
CA GLN A 19 7.65 -1.85 -11.98
C GLN A 19 6.18 -1.47 -12.21
N GLN A 20 5.55 -2.10 -13.19
CA GLN A 20 4.14 -1.82 -13.47
C GLN A 20 3.27 -2.43 -12.38
N GLN A 21 3.64 -3.64 -12.00
CA GLN A 21 3.05 -4.32 -10.86
C GLN A 21 3.19 -3.46 -9.62
N GLN A 22 4.32 -2.78 -9.54
CA GLN A 22 4.62 -1.88 -8.47
C GLN A 22 3.69 -0.70 -8.50
N GLN A 23 3.68 -0.05 -9.65
CA GLN A 23 2.81 1.10 -9.93
C GLN A 23 1.39 0.94 -9.42
N THR A 24 0.82 -0.24 -9.60
CA THR A 24 -0.52 -0.53 -9.10
C THR A 24 -0.61 -0.30 -7.60
N LEU A 25 0.39 -0.77 -6.87
CA LEU A 25 0.45 -0.52 -5.44
C LEU A 25 0.87 0.91 -5.22
N ALA A 26 1.81 1.33 -6.03
CA ALA A 26 2.34 2.68 -6.00
C ALA A 26 1.30 3.71 -6.45
N THR A 27 0.09 3.21 -6.65
CA THR A 27 -1.05 4.00 -6.99
C THR A 27 -2.13 3.78 -5.94
N LEU A 28 -2.37 2.50 -5.66
CA LEU A 28 -3.35 2.07 -4.69
C LEU A 28 -2.95 2.43 -3.29
N VAL A 29 -1.69 2.18 -3.00
CA VAL A 29 -1.15 2.44 -1.67
C VAL A 29 -1.16 3.92 -1.40
N ALA A 30 -0.94 4.68 -2.46
CA ALA A 30 -0.97 6.10 -2.38
C ALA A 30 -2.41 6.58 -2.38
N ALA A 31 -3.25 5.84 -3.05
CA ALA A 31 -4.69 6.08 -3.05
C ALA A 31 -5.21 5.85 -1.65
N ALA A 32 -4.64 4.84 -1.02
CA ALA A 32 -4.86 4.53 0.37
C ALA A 32 -4.42 5.68 1.26
N THR A 33 -3.22 6.20 1.02
CA THR A 33 -2.72 7.30 1.82
C THR A 33 -3.38 8.62 1.39
N ALA A 34 -3.94 8.61 0.21
CA ALA A 34 -4.72 9.74 -0.26
C ALA A 34 -6.02 9.81 0.51
N THR A 35 -6.45 8.67 1.02
CA THR A 35 -7.63 8.57 1.84
C THR A 35 -7.32 9.03 3.25
N VAL A 36 -6.24 8.49 3.83
CA VAL A 36 -5.90 8.74 5.22
C VAL A 36 -5.75 10.24 5.51
N LEU A 37 -5.28 10.99 4.53
CA LEU A 37 -4.99 12.40 4.73
C LEU A 37 -6.10 13.29 4.16
N GLY A 38 -7.07 12.67 3.51
CA GLY A 38 -8.10 13.44 2.83
C GLY A 38 -7.57 14.23 1.65
N HIS A 39 -6.82 13.58 0.78
CA HIS A 39 -6.28 14.22 -0.42
C HIS A 39 -6.94 13.64 -1.66
N HIS A 40 -7.36 12.37 -1.55
CA HIS A 40 -7.98 11.60 -2.63
C HIS A 40 -7.00 11.27 -3.76
N THR A 41 -6.20 12.23 -4.16
CA THR A 41 -5.24 12.02 -5.23
C THR A 41 -4.03 11.23 -4.76
N PRO A 42 -3.72 10.12 -5.44
CA PRO A 42 -2.47 9.39 -5.24
C PRO A 42 -1.33 10.15 -5.87
N GLU A 43 -1.70 11.12 -6.71
CA GLU A 43 -0.76 12.03 -7.33
C GLU A 43 -0.19 12.96 -6.28
N SER A 44 -1.07 13.41 -5.39
CA SER A 44 -0.71 14.30 -4.30
C SER A 44 0.12 13.55 -3.27
N ILE A 45 0.01 12.23 -3.30
CA ILE A 45 0.73 11.36 -2.39
C ILE A 45 2.07 10.96 -2.99
N SER A 46 3.09 11.76 -2.73
CA SER A 46 4.43 11.46 -3.21
C SER A 46 4.96 10.23 -2.49
N PRO A 47 5.81 9.43 -3.16
CA PRO A 47 6.18 8.10 -2.70
C PRO A 47 7.43 8.13 -1.86
N ALA A 48 8.06 9.27 -1.83
CA ALA A 48 9.35 9.40 -1.21
C ALA A 48 9.38 10.54 -0.21
N THR A 49 8.19 11.12 0.03
CA THR A 49 8.02 12.17 1.00
C THR A 49 8.10 11.62 2.43
N ALA A 50 7.47 10.46 2.59
CA ALA A 50 7.33 9.72 3.85
C ALA A 50 5.94 9.90 4.42
N PHE A 51 5.38 8.80 4.84
CA PHE A 51 4.08 8.76 5.49
C PHE A 51 4.00 9.74 6.64
N LYS A 52 5.04 9.75 7.46
CA LYS A 52 5.12 10.71 8.54
C LYS A 52 4.95 12.12 8.02
N ASP A 53 5.62 12.39 6.92
CA ASP A 53 5.65 13.71 6.31
C ASP A 53 4.34 13.98 5.56
N LEU A 54 3.57 12.93 5.41
CA LEU A 54 2.30 12.98 4.72
C LEU A 54 1.18 13.27 5.70
N GLY A 55 1.39 12.88 6.95
CA GLY A 55 0.36 13.07 7.96
C GLY A 55 0.07 11.80 8.70
N ILE A 56 0.71 10.73 8.28
CA ILE A 56 0.56 9.43 8.91
C ILE A 56 1.13 9.45 10.33
N ASP A 57 0.25 9.32 11.32
CA ASP A 57 0.69 9.08 12.68
C ASP A 57 -0.25 8.11 13.39
N SER A 58 0.22 6.87 13.55
CA SER A 58 -0.50 5.79 14.25
C SER A 58 -1.89 5.49 13.66
N LEU A 59 -2.86 6.37 13.90
CA LEU A 59 -4.24 6.17 13.48
C LEU A 59 -4.34 5.95 11.99
N THR A 60 -3.80 6.90 11.25
CA THR A 60 -3.84 6.84 9.81
C THR A 60 -2.81 5.87 9.28
N ALA A 61 -1.89 5.49 10.13
CA ALA A 61 -0.95 4.45 9.78
C ALA A 61 -1.64 3.09 9.87
N LEU A 62 -2.56 2.97 10.83
CA LEU A 62 -3.37 1.79 10.95
C LEU A 62 -4.43 1.78 9.88
N GLU A 63 -5.06 2.92 9.64
CA GLU A 63 -6.06 3.03 8.59
C GLU A 63 -5.39 2.80 7.24
N LEU A 64 -4.15 3.25 7.10
CA LEU A 64 -3.34 2.92 5.94
C LEU A 64 -3.23 1.42 5.83
N ARG A 65 -2.97 0.84 6.99
CA ARG A 65 -2.78 -0.59 7.12
C ARG A 65 -4.07 -1.31 6.74
N ASN A 66 -5.15 -0.82 7.32
CA ASN A 66 -6.48 -1.37 7.12
C ASN A 66 -6.89 -1.36 5.65
N THR A 67 -6.53 -0.32 4.92
CA THR A 67 -6.84 -0.28 3.50
C THR A 67 -5.92 -1.23 2.73
N LEU A 68 -4.62 -1.12 3.00
CA LEU A 68 -3.64 -1.91 2.30
C LEU A 68 -3.88 -3.41 2.45
N THR A 69 -4.03 -3.86 3.69
CA THR A 69 -4.24 -5.27 3.95
C THR A 69 -5.49 -5.79 3.23
N HIS A 70 -6.44 -4.90 2.98
CA HIS A 70 -7.65 -5.26 2.28
C HIS A 70 -7.37 -5.42 0.78
N ASN A 71 -6.60 -4.50 0.24
CA ASN A 71 -6.37 -4.47 -1.20
C ASN A 71 -5.25 -5.43 -1.62
N THR A 72 -4.44 -5.84 -0.67
CA THR A 72 -3.33 -6.72 -0.97
C THR A 72 -3.46 -8.06 -0.29
N GLY A 73 -4.35 -8.13 0.69
CA GLY A 73 -4.64 -9.41 1.31
C GLY A 73 -3.57 -9.81 2.30
N LEU A 74 -2.67 -8.91 2.62
CA LEU A 74 -1.59 -9.21 3.52
C LEU A 74 -1.93 -8.81 4.93
N ASP A 75 -2.05 -9.82 5.76
CA ASP A 75 -2.55 -9.66 7.11
C ASP A 75 -1.41 -9.34 8.08
N LEU A 76 -0.88 -8.14 7.94
CA LEU A 76 0.14 -7.66 8.85
C LEU A 76 -0.45 -6.62 9.81
N PRO A 77 -0.14 -6.74 11.12
CA PRO A 77 -0.54 -5.75 12.14
C PRO A 77 0.12 -4.38 11.90
N PRO A 78 -0.11 -3.39 12.81
CA PRO A 78 0.52 -2.05 12.73
C PRO A 78 2.05 -2.08 12.62
N THR A 79 2.68 -0.92 12.84
CA THR A 79 4.13 -0.72 12.71
C THR A 79 4.64 -1.05 11.31
N LEU A 80 3.73 -1.13 10.34
CA LEU A 80 4.11 -1.30 8.95
C LEU A 80 4.61 0.03 8.37
N ILE A 81 3.99 1.13 8.78
CA ILE A 81 4.45 2.46 8.37
C ILE A 81 5.78 2.76 9.05
N PHE A 82 5.92 2.23 10.23
CA PHE A 82 7.13 2.37 11.02
C PHE A 82 8.28 1.59 10.38
N ASP A 83 7.94 0.50 9.69
CA ASP A 83 8.93 -0.33 9.01
C ASP A 83 9.16 0.16 7.59
N HIS A 84 8.09 0.65 6.97
CA HIS A 84 8.13 1.16 5.61
C HIS A 84 7.53 2.56 5.59
N PRO A 85 8.39 3.57 5.68
CA PRO A 85 7.95 4.94 5.95
C PRO A 85 7.56 5.75 4.72
N THR A 86 7.57 5.17 3.53
CA THR A 86 7.17 5.90 2.35
C THR A 86 6.15 5.10 1.53
N PRO A 87 5.29 5.77 0.73
CA PRO A 87 4.36 5.06 -0.15
C PRO A 87 5.08 4.08 -1.06
N HIS A 88 6.29 4.45 -1.46
CA HIS A 88 7.17 3.57 -2.20
C HIS A 88 7.50 2.35 -1.33
N ALA A 89 7.93 2.62 -0.10
CA ALA A 89 8.29 1.58 0.86
C ALA A 89 7.17 0.59 1.13
N LEU A 90 6.00 1.10 1.55
CA LEU A 90 4.85 0.24 1.81
C LEU A 90 4.55 -0.62 0.61
N THR A 91 4.61 0.01 -0.54
CA THR A 91 4.40 -0.69 -1.79
C THR A 91 5.41 -1.81 -1.95
N GLN A 92 6.68 -1.49 -1.70
CA GLN A 92 7.76 -2.45 -1.78
C GLN A 92 7.47 -3.68 -0.93
N HIS A 93 6.86 -3.45 0.23
CA HIS A 93 6.49 -4.52 1.16
C HIS A 93 5.53 -5.50 0.50
N LEU A 94 4.40 -5.01 0.01
CA LEU A 94 3.35 -5.86 -0.54
C LEU A 94 3.73 -6.37 -1.92
N HIS A 95 4.57 -5.62 -2.61
CA HIS A 95 5.01 -6.00 -3.96
C HIS A 95 5.92 -7.22 -3.87
N THR A 96 6.70 -7.28 -2.81
CA THR A 96 7.61 -8.38 -2.61
C THR A 96 6.89 -9.53 -1.91
N ARG A 97 5.99 -9.19 -0.98
CA ARG A 97 5.27 -10.19 -0.21
C ARG A 97 4.24 -10.93 -1.03
N LEU A 98 3.87 -10.36 -2.16
CA LEU A 98 3.01 -11.05 -3.12
C LEU A 98 3.51 -12.46 -3.39
N THR A 99 4.81 -12.55 -3.65
CA THR A 99 5.45 -13.82 -3.90
C THR A 99 6.05 -14.39 -2.61
N GLN A 100 6.70 -13.53 -1.84
CA GLN A 100 7.31 -13.93 -0.58
C GLN A 100 6.26 -14.12 0.52
N SER A 101 5.43 -15.14 0.35
CA SER A 101 4.39 -15.45 1.32
C SER A 101 3.90 -16.87 1.13
N HIS A 102 3.08 -17.32 2.06
CA HIS A 102 2.54 -18.66 2.05
C HIS A 102 1.20 -18.69 2.77
N GLY A 1 -12.24 -3.98 -3.97
CA GLY A 1 -11.95 -4.91 -2.86
C GLY A 1 -12.52 -6.29 -3.13
N ALA A 2 -12.15 -7.26 -2.30
CA ALA A 2 -12.57 -8.63 -2.48
C ALA A 2 -12.40 -9.42 -1.20
N ALA A 3 -12.80 -10.69 -1.21
CA ALA A 3 -12.56 -11.58 -0.09
C ALA A 3 -11.07 -11.74 0.10
N SER A 4 -10.49 -12.46 -0.82
CA SER A 4 -9.06 -12.64 -0.90
C SER A 4 -8.47 -11.63 -1.87
N ALA A 5 -8.21 -10.43 -1.40
CA ALA A 5 -7.78 -9.34 -2.27
C ALA A 5 -6.34 -9.50 -2.73
N ALA A 6 -5.65 -10.50 -2.21
CA ALA A 6 -4.27 -10.74 -2.63
C ALA A 6 -4.26 -11.48 -3.96
N THR A 7 -5.41 -12.02 -4.32
CA THR A 7 -5.57 -12.63 -5.62
C THR A 7 -6.37 -11.71 -6.52
N ASP A 8 -6.70 -10.52 -6.00
CA ASP A 8 -7.32 -9.47 -6.79
C ASP A 8 -6.27 -8.42 -7.09
N LEU A 9 -5.39 -8.25 -6.14
CA LEU A 9 -4.31 -7.30 -6.27
C LEU A 9 -3.35 -7.79 -7.31
N ALA A 10 -2.87 -9.00 -7.07
CA ALA A 10 -2.02 -9.70 -8.02
C ALA A 10 -2.73 -9.87 -9.35
N ALA A 11 -4.01 -9.53 -9.40
CA ALA A 11 -4.78 -9.59 -10.62
C ALA A 11 -4.48 -8.34 -11.45
N ARG A 12 -4.33 -7.20 -10.79
CA ARG A 12 -3.88 -5.99 -11.46
C ARG A 12 -2.45 -6.16 -11.94
N LEU A 13 -1.69 -6.91 -11.17
CA LEU A 13 -0.26 -7.04 -11.36
C LEU A 13 0.04 -8.06 -12.43
N ASN A 14 -0.64 -9.17 -12.33
CA ASN A 14 -0.58 -10.22 -13.32
C ASN A 14 -0.87 -9.67 -14.71
N GLY A 15 0.08 -9.85 -15.62
CA GLY A 15 -0.01 -9.25 -16.92
C GLY A 15 0.94 -8.09 -17.07
N LEU A 16 1.43 -7.60 -15.94
CA LEU A 16 2.35 -6.49 -15.93
C LEU A 16 3.77 -6.93 -15.63
N SER A 17 4.69 -6.02 -15.85
CA SER A 17 6.06 -6.18 -15.44
C SER A 17 6.23 -5.71 -14.00
N PRO A 18 7.13 -6.35 -13.25
CA PRO A 18 7.50 -6.00 -11.88
C PRO A 18 7.27 -4.53 -11.50
N GLN A 19 7.88 -3.61 -12.22
CA GLN A 19 7.78 -2.18 -11.93
C GLN A 19 6.35 -1.68 -12.13
N GLN A 20 5.66 -2.19 -13.13
CA GLN A 20 4.28 -1.80 -13.39
C GLN A 20 3.38 -2.35 -12.31
N GLN A 21 3.68 -3.58 -11.93
CA GLN A 21 3.03 -4.23 -10.81
C GLN A 21 3.22 -3.39 -9.56
N GLN A 22 4.42 -2.84 -9.44
CA GLN A 22 4.76 -1.98 -8.33
C GLN A 22 3.95 -0.70 -8.40
N GLN A 23 3.83 -0.14 -9.59
CA GLN A 23 3.05 1.08 -9.83
C GLN A 23 1.61 0.98 -9.35
N THR A 24 1.00 -0.17 -9.57
CA THR A 24 -0.36 -0.39 -9.10
C THR A 24 -0.46 -0.19 -7.60
N LEU A 25 0.51 -0.73 -6.86
CA LEU A 25 0.56 -0.51 -5.43
C LEU A 25 1.02 0.92 -5.18
N ALA A 26 1.99 1.33 -5.96
CA ALA A 26 2.57 2.66 -5.89
C ALA A 26 1.57 3.73 -6.32
N THR A 27 0.35 3.28 -6.54
CA THR A 27 -0.76 4.13 -6.87
C THR A 27 -1.86 3.90 -5.86
N LEU A 28 -2.14 2.63 -5.62
CA LEU A 28 -3.16 2.19 -4.70
C LEU A 28 -2.78 2.47 -3.26
N VAL A 29 -1.54 2.19 -2.93
CA VAL A 29 -1.03 2.40 -1.60
C VAL A 29 -1.03 3.88 -1.29
N ALA A 30 -0.80 4.65 -2.32
CA ALA A 30 -0.85 6.08 -2.23
C ALA A 30 -2.29 6.54 -2.21
N ALA A 31 -3.12 5.80 -2.91
CA ALA A 31 -4.55 6.03 -2.91
C ALA A 31 -5.08 5.77 -1.51
N ALA A 32 -4.54 4.74 -0.91
CA ALA A 32 -4.76 4.41 0.49
C ALA A 32 -4.36 5.58 1.39
N THR A 33 -3.17 6.12 1.17
CA THR A 33 -2.72 7.25 1.98
C THR A 33 -3.42 8.54 1.54
N ALA A 34 -3.96 8.53 0.34
CA ALA A 34 -4.76 9.64 -0.13
C ALA A 34 -6.07 9.67 0.62
N THR A 35 -6.51 8.51 1.08
CA THR A 35 -7.67 8.39 1.90
C THR A 35 -7.38 8.90 3.31
N VAL A 36 -6.30 8.39 3.91
CA VAL A 36 -5.98 8.67 5.30
C VAL A 36 -5.84 10.17 5.58
N LEU A 37 -5.41 10.91 4.58
CA LEU A 37 -5.17 12.35 4.78
C LEU A 37 -6.29 13.20 4.21
N GLY A 38 -7.31 12.56 3.66
CA GLY A 38 -8.40 13.29 3.03
C GLY A 38 -7.95 14.03 1.77
N HIS A 39 -7.12 13.38 0.98
CA HIS A 39 -6.60 13.98 -0.26
C HIS A 39 -7.29 13.36 -1.48
N HIS A 40 -7.58 12.06 -1.39
CA HIS A 40 -8.20 11.29 -2.46
C HIS A 40 -7.25 11.07 -3.65
N THR A 41 -6.40 12.05 -3.91
CA THR A 41 -5.45 11.96 -5.02
C THR A 41 -4.17 11.24 -4.62
N PRO A 42 -3.85 10.13 -5.31
CA PRO A 42 -2.59 9.43 -5.15
C PRO A 42 -1.48 10.19 -5.86
N GLU A 43 -1.89 11.13 -6.71
CA GLU A 43 -0.98 12.02 -7.39
C GLU A 43 -0.37 13.01 -6.42
N SER A 44 -1.19 13.41 -5.45
CA SER A 44 -0.77 14.32 -4.40
C SER A 44 0.01 13.57 -3.32
N ILE A 45 -0.17 12.26 -3.30
CA ILE A 45 0.56 11.39 -2.37
C ILE A 45 1.88 10.98 -2.97
N SER A 46 2.93 11.77 -2.72
CA SER A 46 4.24 11.43 -3.22
C SER A 46 4.77 10.19 -2.50
N PRO A 47 5.54 9.36 -3.19
CA PRO A 47 5.96 8.06 -2.70
C PRO A 47 7.26 8.15 -1.95
N ALA A 48 7.83 9.33 -1.98
CA ALA A 48 9.15 9.55 -1.47
C ALA A 48 9.15 10.66 -0.43
N THR A 49 7.97 11.17 -0.15
CA THR A 49 7.76 12.18 0.86
C THR A 49 7.94 11.60 2.26
N ALA A 50 7.32 10.41 2.43
CA ALA A 50 7.27 9.65 3.68
C ALA A 50 5.93 9.82 4.34
N PHE A 51 5.40 8.71 4.83
CA PHE A 51 4.14 8.67 5.54
C PHE A 51 4.12 9.66 6.69
N LYS A 52 5.19 9.67 7.45
CA LYS A 52 5.38 10.64 8.51
C LYS A 52 5.16 12.04 7.98
N ASP A 53 5.78 12.30 6.84
CA ASP A 53 5.78 13.62 6.24
C ASP A 53 4.48 13.86 5.46
N LEU A 54 3.66 12.82 5.38
CA LEU A 54 2.40 12.87 4.65
C LEU A 54 1.25 13.22 5.59
N GLY A 55 1.39 12.83 6.85
CA GLY A 55 0.33 13.05 7.79
C GLY A 55 -0.05 11.77 8.50
N ILE A 56 0.68 10.72 8.20
CA ILE A 56 0.51 9.45 8.89
C ILE A 56 0.90 9.62 10.36
N ASP A 57 -0.04 9.32 11.25
CA ASP A 57 0.18 9.50 12.68
C ASP A 57 -0.52 8.41 13.47
N SER A 58 0.05 7.21 13.45
CA SER A 58 -0.46 6.05 14.19
C SER A 58 -1.83 5.57 13.65
N LEU A 59 -2.86 6.37 13.88
CA LEU A 59 -4.22 6.02 13.50
C LEU A 59 -4.31 5.86 12.00
N THR A 60 -3.79 6.84 11.30
CA THR A 60 -3.85 6.83 9.85
C THR A 60 -2.80 5.89 9.30
N ALA A 61 -1.87 5.48 10.15
CA ALA A 61 -0.92 4.46 9.78
C ALA A 61 -1.59 3.10 9.85
N LEU A 62 -2.51 2.95 10.79
CA LEU A 62 -3.28 1.74 10.91
C LEU A 62 -4.44 1.76 9.92
N GLU A 63 -5.05 2.92 9.72
CA GLU A 63 -6.08 3.07 8.73
C GLU A 63 -5.47 2.93 7.34
N LEU A 64 -4.23 3.40 7.20
CA LEU A 64 -3.46 3.14 6.00
C LEU A 64 -3.46 1.65 5.75
N ARG A 65 -3.22 0.95 6.84
CA ARG A 65 -3.16 -0.48 6.83
C ARG A 65 -4.49 -1.06 6.45
N ASN A 66 -5.50 -0.61 7.18
CA ASN A 66 -6.83 -1.13 7.04
C ASN A 66 -7.25 -1.11 5.58
N THR A 67 -6.75 -0.12 4.83
CA THR A 67 -6.96 -0.10 3.39
C THR A 67 -5.94 -1.01 2.69
N LEU A 68 -4.66 -0.70 2.84
CA LEU A 68 -3.61 -1.42 2.11
C LEU A 68 -3.73 -2.93 2.29
N THR A 69 -3.91 -3.36 3.52
CA THR A 69 -4.16 -4.74 3.85
C THR A 69 -5.34 -5.28 3.07
N HIS A 70 -6.42 -4.53 3.09
CA HIS A 70 -7.64 -4.93 2.44
C HIS A 70 -7.46 -4.94 0.92
N ASN A 71 -6.54 -4.13 0.45
CA ASN A 71 -6.22 -4.09 -0.98
C ASN A 71 -5.34 -5.24 -1.41
N THR A 72 -4.44 -5.67 -0.54
CA THR A 72 -3.37 -6.57 -0.91
C THR A 72 -3.53 -7.92 -0.26
N GLY A 73 -4.40 -7.99 0.72
CA GLY A 73 -4.69 -9.27 1.33
C GLY A 73 -3.73 -9.61 2.45
N LEU A 74 -2.86 -8.67 2.78
CA LEU A 74 -1.82 -8.91 3.75
C LEU A 74 -2.22 -8.45 5.13
N ASP A 75 -2.22 -9.40 6.04
CA ASP A 75 -2.65 -9.13 7.39
C ASP A 75 -1.46 -9.15 8.34
N LEU A 76 -0.51 -8.28 8.09
CA LEU A 76 0.65 -8.15 8.97
C LEU A 76 0.42 -6.98 9.94
N PRO A 77 0.65 -7.22 11.25
CA PRO A 77 0.39 -6.24 12.34
C PRO A 77 1.05 -4.87 12.13
N PRO A 78 0.69 -3.86 12.98
CA PRO A 78 1.20 -2.48 12.88
C PRO A 78 2.73 -2.35 12.87
N THR A 79 3.25 -1.13 12.99
CA THR A 79 4.66 -0.80 12.79
C THR A 79 5.16 -1.12 11.37
N LEU A 80 4.23 -1.20 10.42
CA LEU A 80 4.61 -1.37 9.01
C LEU A 80 4.96 -0.03 8.39
N ILE A 81 4.30 1.04 8.82
CA ILE A 81 4.65 2.37 8.35
C ILE A 81 5.99 2.76 8.94
N PHE A 82 6.21 2.31 10.16
CA PHE A 82 7.45 2.52 10.87
C PHE A 82 8.59 1.72 10.24
N ASP A 83 8.24 0.57 9.65
CA ASP A 83 9.21 -0.28 8.98
C ASP A 83 9.39 0.14 7.52
N HIS A 84 8.31 0.63 6.93
CA HIS A 84 8.31 1.10 5.55
C HIS A 84 7.68 2.48 5.50
N PRO A 85 8.50 3.53 5.64
CA PRO A 85 8.01 4.88 5.93
C PRO A 85 7.62 5.70 4.70
N THR A 86 7.58 5.12 3.52
CA THR A 86 7.15 5.87 2.34
C THR A 86 6.12 5.07 1.54
N PRO A 87 5.24 5.72 0.76
CA PRO A 87 4.30 5.01 -0.12
C PRO A 87 5.04 4.04 -1.04
N HIS A 88 6.26 4.42 -1.42
CA HIS A 88 7.15 3.54 -2.16
C HIS A 88 7.51 2.34 -1.31
N ALA A 89 7.95 2.61 -0.08
CA ALA A 89 8.33 1.56 0.87
C ALA A 89 7.20 0.58 1.14
N LEU A 90 6.04 1.07 1.57
CA LEU A 90 4.89 0.22 1.83
C LEU A 90 4.56 -0.61 0.61
N THR A 91 4.64 0.05 -0.54
CA THR A 91 4.40 -0.61 -1.79
C THR A 91 5.39 -1.76 -1.97
N GLN A 92 6.66 -1.46 -1.74
CA GLN A 92 7.71 -2.47 -1.80
C GLN A 92 7.38 -3.65 -0.91
N HIS A 93 6.86 -3.37 0.28
CA HIS A 93 6.46 -4.40 1.22
C HIS A 93 5.46 -5.37 0.58
N LEU A 94 4.36 -4.84 0.06
CA LEU A 94 3.30 -5.68 -0.47
C LEU A 94 3.65 -6.23 -1.85
N HIS A 95 4.56 -5.56 -2.53
CA HIS A 95 5.02 -5.99 -3.85
C HIS A 95 5.98 -7.15 -3.68
N THR A 96 6.57 -7.21 -2.51
CA THR A 96 7.47 -8.26 -2.16
C THR A 96 6.70 -9.40 -1.46
N ARG A 97 5.87 -9.01 -0.49
CA ARG A 97 5.14 -9.97 0.32
C ARG A 97 4.04 -10.67 -0.46
N LEU A 98 3.59 -10.03 -1.52
CA LEU A 98 2.63 -10.63 -2.42
C LEU A 98 3.03 -12.04 -2.84
N THR A 99 4.33 -12.26 -2.98
CA THR A 99 4.83 -13.58 -3.29
C THR A 99 5.56 -14.17 -2.08
N GLN A 100 6.33 -13.34 -1.38
CA GLN A 100 7.06 -13.76 -0.19
C GLN A 100 6.09 -14.03 0.96
N SER A 101 5.64 -15.26 1.04
CA SER A 101 4.70 -15.69 2.04
C SER A 101 4.61 -17.22 2.03
N HIS A 102 3.64 -17.76 2.74
CA HIS A 102 3.44 -19.20 2.73
C HIS A 102 2.45 -19.58 1.64
N GLY A 1 -17.25 -11.19 -2.59
CA GLY A 1 -16.52 -10.14 -3.32
C GLY A 1 -15.05 -10.47 -3.49
N ALA A 2 -14.26 -10.20 -2.46
CA ALA A 2 -12.84 -10.46 -2.48
C ALA A 2 -12.37 -11.01 -1.15
N ALA A 3 -12.54 -12.32 -0.98
CA ALA A 3 -12.07 -13.00 0.23
C ALA A 3 -10.55 -12.87 0.33
N SER A 4 -9.87 -13.23 -0.74
CA SER A 4 -8.44 -13.01 -0.84
C SER A 4 -8.17 -11.95 -1.90
N ALA A 5 -7.95 -10.73 -1.46
CA ALA A 5 -7.63 -9.66 -2.39
C ALA A 5 -6.16 -9.74 -2.80
N ALA A 6 -5.46 -10.74 -2.29
CA ALA A 6 -4.07 -10.97 -2.65
C ALA A 6 -4.00 -11.70 -3.98
N THR A 7 -5.09 -12.36 -4.32
CA THR A 7 -5.19 -13.04 -5.59
C THR A 7 -5.99 -12.18 -6.55
N ASP A 8 -6.40 -11.00 -6.06
CA ASP A 8 -7.01 -9.98 -6.90
C ASP A 8 -5.99 -8.92 -7.19
N LEU A 9 -5.16 -8.67 -6.20
CA LEU A 9 -4.13 -7.67 -6.33
C LEU A 9 -3.11 -8.14 -7.34
N ALA A 10 -2.56 -9.30 -7.05
CA ALA A 10 -1.62 -9.95 -7.94
C ALA A 10 -2.27 -10.24 -9.29
N ALA A 11 -3.57 -9.97 -9.38
CA ALA A 11 -4.28 -10.11 -10.64
C ALA A 11 -4.01 -8.89 -11.50
N ARG A 12 -4.00 -7.70 -10.87
CA ARG A 12 -3.62 -6.47 -11.56
C ARG A 12 -2.17 -6.57 -12.01
N LEU A 13 -1.38 -7.23 -11.18
CA LEU A 13 0.07 -7.22 -11.30
C LEU A 13 0.53 -8.26 -12.29
N ASN A 14 -0.15 -9.37 -12.27
CA ASN A 14 0.19 -10.52 -13.10
C ASN A 14 0.24 -10.20 -14.57
N GLY A 15 -0.58 -9.27 -14.98
CA GLY A 15 -0.54 -8.86 -16.35
C GLY A 15 0.50 -7.79 -16.62
N LEU A 16 1.23 -7.39 -15.60
CA LEU A 16 2.17 -6.30 -15.70
C LEU A 16 3.60 -6.75 -15.44
N SER A 17 4.53 -5.88 -15.80
CA SER A 17 5.93 -6.05 -15.47
C SER A 17 6.17 -5.59 -14.04
N PRO A 18 7.24 -6.08 -13.39
CA PRO A 18 7.52 -5.83 -11.96
C PRO A 18 7.34 -4.37 -11.52
N GLN A 19 7.92 -3.43 -12.27
CA GLN A 19 7.81 -2.02 -11.92
C GLN A 19 6.39 -1.51 -12.12
N GLN A 20 5.69 -2.07 -13.11
CA GLN A 20 4.31 -1.69 -13.39
C GLN A 20 3.40 -2.26 -12.32
N GLN A 21 3.70 -3.49 -11.94
CA GLN A 21 3.04 -4.15 -10.83
C GLN A 21 3.18 -3.31 -9.58
N GLN A 22 4.38 -2.79 -9.40
CA GLN A 22 4.68 -1.89 -8.31
C GLN A 22 3.81 -0.65 -8.39
N GLN A 23 3.69 -0.09 -9.60
CA GLN A 23 2.89 1.11 -9.83
C GLN A 23 1.44 0.98 -9.36
N THR A 24 0.86 -0.19 -9.55
CA THR A 24 -0.49 -0.45 -9.07
C THR A 24 -0.58 -0.23 -7.56
N LEU A 25 0.43 -0.70 -6.83
CA LEU A 25 0.50 -0.46 -5.40
C LEU A 25 0.94 0.97 -5.17
N ALA A 26 1.91 1.38 -5.97
CA ALA A 26 2.47 2.73 -5.92
C ALA A 26 1.44 3.77 -6.37
N THR A 27 0.23 3.30 -6.57
CA THR A 27 -0.90 4.12 -6.90
C THR A 27 -1.99 3.88 -5.87
N LEU A 28 -2.25 2.62 -5.61
CA LEU A 28 -3.25 2.18 -4.66
C LEU A 28 -2.84 2.52 -3.24
N VAL A 29 -1.60 2.26 -2.93
CA VAL A 29 -1.06 2.51 -1.61
C VAL A 29 -1.10 4.00 -1.33
N ALA A 30 -0.87 4.75 -2.38
CA ALA A 30 -0.93 6.18 -2.32
C ALA A 30 -2.37 6.64 -2.33
N ALA A 31 -3.20 5.87 -3.01
CA ALA A 31 -4.63 6.09 -3.02
C ALA A 31 -5.17 5.88 -1.62
N ALA A 32 -4.63 4.88 -0.98
CA ALA A 32 -4.86 4.59 0.42
C ALA A 32 -4.42 5.74 1.30
N THR A 33 -3.22 6.27 1.07
CA THR A 33 -2.74 7.38 1.86
C THR A 33 -3.41 8.68 1.41
N ALA A 34 -3.93 8.68 0.20
CA ALA A 34 -4.72 9.79 -0.28
C ALA A 34 -6.03 9.83 0.48
N THR A 35 -6.46 8.66 0.90
CA THR A 35 -7.64 8.51 1.70
C THR A 35 -7.39 8.99 3.13
N VAL A 36 -6.32 8.47 3.74
CA VAL A 36 -6.02 8.72 5.14
C VAL A 36 -5.91 10.21 5.43
N LEU A 37 -5.46 10.98 4.45
CA LEU A 37 -5.24 12.41 4.65
C LEU A 37 -6.34 13.26 4.03
N GLY A 38 -7.38 12.61 3.52
CA GLY A 38 -8.48 13.32 2.90
C GLY A 38 -8.07 14.08 1.64
N HIS A 39 -7.27 13.45 0.80
CA HIS A 39 -6.83 14.07 -0.44
C HIS A 39 -7.47 13.39 -1.66
N HIS A 40 -7.99 12.18 -1.43
CA HIS A 40 -8.67 11.40 -2.47
C HIS A 40 -7.70 10.87 -3.53
N THR A 41 -6.99 11.76 -4.21
CA THR A 41 -6.13 11.34 -5.30
C THR A 41 -4.71 11.07 -4.83
N PRO A 42 -4.12 10.00 -5.38
CA PRO A 42 -2.73 9.59 -5.11
C PRO A 42 -1.73 10.55 -5.71
N GLU A 43 -2.21 11.42 -6.57
CA GLU A 43 -1.37 12.38 -7.28
C GLU A 43 -0.73 13.37 -6.31
N SER A 44 -1.38 13.59 -5.18
CA SER A 44 -0.84 14.49 -4.15
C SER A 44 0.02 13.69 -3.17
N ILE A 45 0.01 12.38 -3.33
CA ILE A 45 0.72 11.47 -2.45
C ILE A 45 2.05 11.05 -3.07
N SER A 46 3.10 11.81 -2.77
CA SER A 46 4.43 11.48 -3.25
C SER A 46 4.89 10.21 -2.54
N PRO A 47 5.66 9.35 -3.24
CA PRO A 47 6.04 8.04 -2.73
C PRO A 47 7.34 8.13 -1.97
N ALA A 48 7.90 9.31 -1.96
CA ALA A 48 9.22 9.52 -1.45
C ALA A 48 9.24 10.63 -0.40
N THR A 49 8.05 11.16 -0.12
CA THR A 49 7.87 12.18 0.90
C THR A 49 8.01 11.59 2.30
N ALA A 50 7.37 10.42 2.47
CA ALA A 50 7.27 9.66 3.73
C ALA A 50 5.93 9.87 4.36
N PHE A 51 5.36 8.76 4.81
CA PHE A 51 4.09 8.73 5.51
C PHE A 51 4.07 9.71 6.67
N LYS A 52 5.16 9.71 7.44
CA LYS A 52 5.31 10.64 8.53
C LYS A 52 5.10 12.06 8.04
N ASP A 53 5.73 12.33 6.90
CA ASP A 53 5.74 13.65 6.32
C ASP A 53 4.43 13.93 5.60
N LEU A 54 3.63 12.89 5.46
CA LEU A 54 2.35 12.96 4.77
C LEU A 54 1.23 13.25 5.75
N GLY A 55 1.42 12.87 7.01
CA GLY A 55 0.41 13.08 8.00
C GLY A 55 0.05 11.79 8.71
N ILE A 56 0.71 10.72 8.30
CA ILE A 56 0.53 9.42 8.93
C ILE A 56 1.02 9.45 10.39
N ASP A 57 0.08 9.50 11.32
CA ASP A 57 0.43 9.44 12.73
C ASP A 57 -0.42 8.41 13.46
N SER A 58 0.06 7.16 13.45
CA SER A 58 -0.58 6.05 14.17
C SER A 58 -1.94 5.66 13.58
N LEU A 59 -2.93 6.51 13.77
CA LEU A 59 -4.31 6.24 13.33
C LEU A 59 -4.36 6.00 11.85
N THR A 60 -3.80 6.93 11.12
CA THR A 60 -3.82 6.86 9.68
C THR A 60 -2.77 5.89 9.18
N ALA A 61 -1.88 5.50 10.07
CA ALA A 61 -0.92 4.46 9.77
C ALA A 61 -1.60 3.11 9.84
N LEU A 62 -2.52 2.99 10.80
CA LEU A 62 -3.32 1.79 10.93
C LEU A 62 -4.41 1.78 9.88
N GLU A 63 -5.04 2.92 9.64
CA GLU A 63 -6.05 3.04 8.61
C GLU A 63 -5.40 2.80 7.25
N LEU A 64 -4.15 3.22 7.10
CA LEU A 64 -3.36 2.87 5.94
C LEU A 64 -3.27 1.36 5.84
N ARG A 65 -2.99 0.77 6.97
CA ARG A 65 -2.82 -0.67 7.11
C ARG A 65 -4.11 -1.38 6.79
N ASN A 66 -5.18 -0.89 7.39
CA ASN A 66 -6.51 -1.42 7.23
C ASN A 66 -6.95 -1.43 5.78
N THR A 67 -6.54 -0.41 5.03
CA THR A 67 -6.82 -0.38 3.61
C THR A 67 -5.92 -1.37 2.88
N LEU A 68 -4.62 -1.16 3.01
CA LEU A 68 -3.63 -1.93 2.27
C LEU A 68 -3.75 -3.43 2.50
N THR A 69 -3.79 -3.85 3.75
CA THR A 69 -3.88 -5.27 4.06
C THR A 69 -5.17 -5.85 3.45
N HIS A 70 -6.14 -4.98 3.23
CA HIS A 70 -7.39 -5.37 2.59
C HIS A 70 -7.18 -5.46 1.07
N ASN A 71 -6.43 -4.50 0.54
CA ASN A 71 -6.18 -4.40 -0.89
C ASN A 71 -5.30 -5.54 -1.37
N THR A 72 -4.39 -5.96 -0.53
CA THR A 72 -3.34 -6.87 -0.91
C THR A 72 -3.54 -8.23 -0.29
N GLY A 73 -4.51 -8.33 0.59
CA GLY A 73 -4.91 -9.63 1.08
C GLY A 73 -4.00 -10.15 2.16
N LEU A 74 -3.06 -9.32 2.53
CA LEU A 74 -2.01 -9.69 3.44
C LEU A 74 -2.50 -9.61 4.88
N ASP A 75 -1.65 -10.05 5.79
CA ASP A 75 -2.01 -10.10 7.20
C ASP A 75 -0.89 -9.52 8.06
N LEU A 76 -0.66 -8.23 7.88
CA LEU A 76 0.36 -7.52 8.63
C LEU A 76 -0.28 -6.59 9.65
N PRO A 77 0.29 -6.54 10.86
CA PRO A 77 -0.18 -5.68 11.95
C PRO A 77 0.28 -4.21 11.78
N PRO A 78 0.03 -3.34 12.78
CA PRO A 78 0.61 -1.99 12.83
C PRO A 78 2.13 -1.98 12.68
N THR A 79 2.75 -0.80 12.87
CA THR A 79 4.19 -0.59 12.71
C THR A 79 4.68 -0.90 11.30
N LEU A 80 3.75 -1.09 10.37
CA LEU A 80 4.09 -1.31 8.98
C LEU A 80 4.61 -0.01 8.36
N ILE A 81 4.03 1.10 8.79
CA ILE A 81 4.49 2.42 8.36
C ILE A 81 5.84 2.72 8.98
N PHE A 82 6.03 2.19 10.18
CA PHE A 82 7.26 2.36 10.91
C PHE A 82 8.40 1.54 10.28
N ASP A 83 8.04 0.39 9.68
CA ASP A 83 9.01 -0.44 8.98
C ASP A 83 9.19 0.05 7.54
N HIS A 84 8.11 0.59 6.98
CA HIS A 84 8.11 1.10 5.62
C HIS A 84 7.51 2.50 5.60
N PRO A 85 8.35 3.53 5.72
CA PRO A 85 7.88 4.89 5.98
C PRO A 85 7.52 5.71 4.74
N THR A 86 7.53 5.12 3.55
CA THR A 86 7.14 5.86 2.36
C THR A 86 6.11 5.07 1.54
N PRO A 87 5.25 5.74 0.74
CA PRO A 87 4.33 5.03 -0.14
C PRO A 87 5.05 4.05 -1.06
N HIS A 88 6.27 4.43 -1.44
CA HIS A 88 7.16 3.52 -2.15
C HIS A 88 7.47 2.31 -1.28
N ALA A 89 7.90 2.58 -0.05
CA ALA A 89 8.26 1.53 0.91
C ALA A 89 7.13 0.55 1.17
N LEU A 90 5.97 1.05 1.59
CA LEU A 90 4.81 0.19 1.83
C LEU A 90 4.50 -0.65 0.62
N THR A 91 4.62 -0.01 -0.53
CA THR A 91 4.41 -0.69 -1.78
C THR A 91 5.41 -1.83 -1.95
N GLN A 92 6.69 -1.51 -1.71
CA GLN A 92 7.76 -2.50 -1.77
C GLN A 92 7.44 -3.70 -0.90
N HIS A 93 6.88 -3.43 0.28
CA HIS A 93 6.48 -4.48 1.21
C HIS A 93 5.49 -5.43 0.54
N LEU A 94 4.37 -4.91 0.05
CA LEU A 94 3.31 -5.75 -0.49
C LEU A 94 3.71 -6.32 -1.85
N HIS A 95 4.62 -5.64 -2.54
CA HIS A 95 5.08 -6.11 -3.85
C HIS A 95 6.04 -7.26 -3.67
N THR A 96 6.69 -7.28 -2.52
CA THR A 96 7.62 -8.33 -2.18
C THR A 96 6.86 -9.47 -1.52
N ARG A 97 5.91 -9.12 -0.67
CA ARG A 97 5.12 -10.09 0.08
C ARG A 97 4.20 -10.90 -0.82
N LEU A 98 3.92 -10.38 -2.01
CA LEU A 98 3.18 -11.15 -3.01
C LEU A 98 3.76 -12.54 -3.15
N THR A 99 5.06 -12.60 -3.35
CA THR A 99 5.75 -13.86 -3.44
C THR A 99 6.19 -14.34 -2.07
N GLN A 100 6.67 -13.41 -1.24
CA GLN A 100 7.07 -13.71 0.11
C GLN A 100 5.87 -13.79 1.05
N SER A 101 5.10 -14.85 0.92
CA SER A 101 3.92 -15.05 1.76
C SER A 101 3.60 -16.52 1.91
N HIS A 102 2.61 -16.82 2.73
CA HIS A 102 2.18 -18.19 2.95
C HIS A 102 0.89 -18.45 2.21
N GLY A 1 -16.43 -11.55 -6.17
CA GLY A 1 -16.00 -11.61 -4.75
C GLY A 1 -14.51 -11.55 -4.62
N ALA A 2 -14.03 -11.08 -3.46
CA ALA A 2 -12.59 -10.96 -3.23
C ALA A 2 -12.25 -11.36 -1.81
N ALA A 3 -12.44 -12.64 -1.50
CA ALA A 3 -12.08 -13.18 -0.18
C ALA A 3 -10.59 -13.01 0.04
N SER A 4 -9.82 -13.31 -0.99
CA SER A 4 -8.39 -13.09 -0.97
C SER A 4 -8.05 -11.99 -1.96
N ALA A 5 -7.94 -10.77 -1.48
CA ALA A 5 -7.60 -9.65 -2.35
C ALA A 5 -6.14 -9.71 -2.76
N ALA A 6 -5.42 -10.71 -2.24
CA ALA A 6 -4.03 -10.92 -2.60
C ALA A 6 -3.95 -11.65 -3.93
N THR A 7 -5.08 -12.20 -4.35
CA THR A 7 -5.16 -12.81 -5.65
C THR A 7 -6.00 -11.92 -6.55
N ASP A 8 -6.32 -10.73 -6.04
CA ASP A 8 -6.95 -9.69 -6.84
C ASP A 8 -5.94 -8.60 -7.09
N LEU A 9 -5.10 -8.40 -6.10
CA LEU A 9 -4.06 -7.42 -6.20
C LEU A 9 -3.05 -7.87 -7.22
N ALA A 10 -2.51 -9.04 -6.95
CA ALA A 10 -1.57 -9.68 -7.86
C ALA A 10 -2.25 -9.96 -9.19
N ALA A 11 -3.54 -9.70 -9.26
CA ALA A 11 -4.28 -9.83 -10.50
C ALA A 11 -4.02 -8.61 -11.37
N ARG A 12 -3.89 -7.44 -10.73
CA ARG A 12 -3.47 -6.23 -11.43
C ARG A 12 -2.04 -6.36 -11.89
N LEU A 13 -1.26 -7.07 -11.10
CA LEU A 13 0.19 -7.13 -11.25
C LEU A 13 0.58 -8.18 -12.27
N ASN A 14 -0.05 -9.31 -12.14
CA ASN A 14 0.10 -10.40 -13.09
C ASN A 14 -0.15 -9.92 -14.51
N GLY A 15 0.82 -10.14 -15.38
CA GLY A 15 0.75 -9.62 -16.72
C GLY A 15 1.64 -8.41 -16.89
N LEU A 16 2.06 -7.83 -15.79
CA LEU A 16 2.88 -6.63 -15.81
C LEU A 16 4.32 -6.92 -15.48
N SER A 17 5.16 -5.94 -15.72
CA SER A 17 6.55 -5.98 -15.33
C SER A 17 6.68 -5.55 -13.87
N PRO A 18 7.75 -5.96 -13.18
CA PRO A 18 7.93 -5.69 -11.75
C PRO A 18 7.64 -4.23 -11.37
N GLN A 19 8.22 -3.30 -12.11
CA GLN A 19 8.01 -1.87 -11.89
C GLN A 19 6.55 -1.49 -12.08
N GLN A 20 5.90 -2.12 -13.05
CA GLN A 20 4.49 -1.83 -13.35
C GLN A 20 3.60 -2.39 -12.26
N GLN A 21 3.95 -3.60 -11.83
CA GLN A 21 3.30 -4.24 -10.70
C GLN A 21 3.42 -3.36 -9.47
N GLN A 22 4.56 -2.72 -9.35
CA GLN A 22 4.82 -1.81 -8.25
C GLN A 22 3.92 -0.58 -8.37
N GLN A 23 3.83 -0.04 -9.58
CA GLN A 23 3.01 1.15 -9.86
C GLN A 23 1.57 1.02 -9.39
N THR A 24 0.99 -0.14 -9.59
CA THR A 24 -0.36 -0.41 -9.11
C THR A 24 -0.47 -0.17 -7.62
N LEU A 25 0.50 -0.64 -6.87
CA LEU A 25 0.55 -0.38 -5.44
C LEU A 25 1.00 1.05 -5.21
N ALA A 26 1.96 1.45 -6.00
CA ALA A 26 2.51 2.80 -5.95
C ALA A 26 1.49 3.84 -6.41
N THR A 27 0.28 3.36 -6.62
CA THR A 27 -0.85 4.17 -6.96
C THR A 27 -1.94 3.95 -5.93
N LEU A 28 -2.22 2.68 -5.68
CA LEU A 28 -3.22 2.24 -4.75
C LEU A 28 -2.83 2.54 -3.32
N VAL A 29 -1.58 2.28 -3.01
CA VAL A 29 -1.06 2.51 -1.67
C VAL A 29 -1.07 3.99 -1.37
N ALA A 30 -0.84 4.75 -2.43
CA ALA A 30 -0.89 6.18 -2.33
C ALA A 30 -2.33 6.65 -2.31
N ALA A 31 -3.16 5.90 -2.99
CA ALA A 31 -4.60 6.11 -2.98
C ALA A 31 -5.13 5.85 -1.58
N ALA A 32 -4.56 4.82 -0.98
CA ALA A 32 -4.77 4.49 0.40
C ALA A 32 -4.34 5.63 1.31
N THR A 33 -3.16 6.18 1.06
CA THR A 33 -2.67 7.29 1.87
C THR A 33 -3.37 8.60 1.45
N ALA A 34 -3.93 8.61 0.27
CA ALA A 34 -4.73 9.72 -0.17
C ALA A 34 -6.04 9.72 0.61
N THR A 35 -6.45 8.53 1.01
CA THR A 35 -7.61 8.34 1.84
C THR A 35 -7.32 8.82 3.27
N VAL A 36 -6.22 8.36 3.84
CA VAL A 36 -5.89 8.62 5.23
C VAL A 36 -5.78 10.11 5.52
N LEU A 37 -5.34 10.88 4.54
CA LEU A 37 -5.11 12.30 4.74
C LEU A 37 -6.24 13.15 4.17
N GLY A 38 -7.30 12.49 3.72
CA GLY A 38 -8.44 13.19 3.18
C GLY A 38 -8.12 13.98 1.91
N HIS A 39 -7.30 13.42 1.05
CA HIS A 39 -6.95 14.09 -0.21
C HIS A 39 -7.62 13.40 -1.38
N HIS A 40 -8.00 12.14 -1.17
CA HIS A 40 -8.70 11.31 -2.15
C HIS A 40 -7.79 10.89 -3.32
N THR A 41 -7.07 11.83 -3.91
CA THR A 41 -6.21 11.50 -5.04
C THR A 41 -4.78 11.22 -4.59
N PRO A 42 -4.17 10.22 -5.24
CA PRO A 42 -2.78 9.82 -5.01
C PRO A 42 -1.81 10.84 -5.58
N GLU A 43 -2.34 11.78 -6.35
CA GLU A 43 -1.54 12.84 -6.93
C GLU A 43 -0.88 13.69 -5.85
N SER A 44 -1.55 13.84 -4.73
CA SER A 44 -1.03 14.60 -3.61
C SER A 44 -0.15 13.73 -2.72
N ILE A 45 -0.02 12.47 -3.11
CA ILE A 45 0.71 11.49 -2.33
C ILE A 45 1.99 11.08 -3.04
N SER A 46 3.09 11.76 -2.73
CA SER A 46 4.37 11.38 -3.27
C SER A 46 4.85 10.13 -2.55
N PRO A 47 5.59 9.25 -3.24
CA PRO A 47 5.97 7.96 -2.72
C PRO A 47 7.27 8.06 -1.96
N ALA A 48 7.80 9.26 -1.96
CA ALA A 48 9.11 9.50 -1.45
C ALA A 48 9.09 10.62 -0.40
N THR A 49 7.91 11.20 -0.19
CA THR A 49 7.71 12.22 0.81
C THR A 49 7.88 11.64 2.21
N ALA A 50 7.27 10.46 2.38
CA ALA A 50 7.21 9.70 3.63
C ALA A 50 5.87 9.87 4.30
N PHE A 51 5.35 8.76 4.77
CA PHE A 51 4.08 8.72 5.49
C PHE A 51 4.09 9.71 6.63
N LYS A 52 5.18 9.74 7.37
CA LYS A 52 5.35 10.69 8.44
C LYS A 52 5.09 12.10 7.95
N ASP A 53 5.69 12.39 6.81
CA ASP A 53 5.68 13.71 6.22
C ASP A 53 4.36 13.97 5.50
N LEU A 54 3.58 12.91 5.40
CA LEU A 54 2.28 12.95 4.75
C LEU A 54 1.17 13.24 5.75
N GLY A 55 1.39 12.83 6.99
CA GLY A 55 0.37 13.01 8.00
C GLY A 55 0.05 11.73 8.71
N ILE A 56 0.74 10.66 8.31
CA ILE A 56 0.59 9.37 8.94
C ILE A 56 1.07 9.41 10.39
N ASP A 57 0.14 9.47 11.31
CA ASP A 57 0.48 9.42 12.73
C ASP A 57 -0.37 8.38 13.47
N SER A 58 0.12 7.14 13.47
CA SER A 58 -0.49 6.03 14.22
C SER A 58 -1.86 5.62 13.66
N LEU A 59 -2.86 6.47 13.87
CA LEU A 59 -4.23 6.19 13.44
C LEU A 59 -4.29 5.98 11.96
N THR A 60 -3.73 6.92 11.23
CA THR A 60 -3.76 6.86 9.79
C THR A 60 -2.74 5.88 9.27
N ALA A 61 -1.85 5.46 10.15
CA ALA A 61 -0.92 4.40 9.82
C ALA A 61 -1.63 3.06 9.89
N LEU A 62 -2.56 2.96 10.85
CA LEU A 62 -3.39 1.77 10.97
C LEU A 62 -4.49 1.81 9.92
N GLU A 63 -5.11 2.97 9.72
CA GLU A 63 -6.12 3.12 8.70
C GLU A 63 -5.50 2.92 7.31
N LEU A 64 -4.23 3.33 7.17
CA LEU A 64 -3.45 2.98 6.00
C LEU A 64 -3.45 1.48 5.87
N ARG A 65 -3.14 0.86 6.99
CA ARG A 65 -2.99 -0.59 7.10
C ARG A 65 -4.31 -1.27 6.74
N ASN A 66 -5.37 -0.74 7.32
CA ASN A 66 -6.71 -1.24 7.12
C ASN A 66 -7.12 -1.21 5.66
N THR A 67 -6.63 -0.23 4.92
CA THR A 67 -6.85 -0.21 3.47
C THR A 67 -5.94 -1.22 2.78
N LEU A 68 -4.64 -1.06 2.96
CA LEU A 68 -3.63 -1.87 2.29
C LEU A 68 -3.93 -3.35 2.43
N THR A 69 -4.07 -3.79 3.67
CA THR A 69 -4.36 -5.17 3.96
C THR A 69 -5.58 -5.67 3.18
N HIS A 70 -6.54 -4.78 3.01
CA HIS A 70 -7.75 -5.11 2.28
C HIS A 70 -7.45 -5.15 0.79
N ASN A 71 -6.56 -4.28 0.35
CA ASN A 71 -6.17 -4.20 -1.06
C ASN A 71 -5.32 -5.39 -1.45
N THR A 72 -4.46 -5.82 -0.55
CA THR A 72 -3.38 -6.73 -0.87
C THR A 72 -3.59 -8.09 -0.25
N GLY A 73 -4.56 -8.18 0.65
CA GLY A 73 -4.94 -9.48 1.15
C GLY A 73 -4.01 -9.99 2.21
N LEU A 74 -3.10 -9.14 2.63
CA LEU A 74 -2.08 -9.53 3.57
C LEU A 74 -2.53 -9.32 4.99
N ASP A 75 -2.46 -10.39 5.76
CA ASP A 75 -2.91 -10.41 7.13
C ASP A 75 -1.76 -10.07 8.07
N LEU A 76 -1.30 -8.84 7.98
CA LEU A 76 -0.23 -8.37 8.83
C LEU A 76 -0.69 -7.20 9.69
N PRO A 77 -0.16 -7.12 10.93
CA PRO A 77 -0.49 -6.06 11.90
C PRO A 77 0.11 -4.70 11.52
N PRO A 78 -0.07 -3.67 12.39
CA PRO A 78 0.59 -2.35 12.24
C PRO A 78 2.11 -2.43 12.12
N THR A 79 2.78 -1.31 12.42
CA THR A 79 4.23 -1.15 12.31
C THR A 79 4.72 -1.27 10.86
N LEU A 80 3.78 -1.32 9.93
CA LEU A 80 4.11 -1.36 8.51
C LEU A 80 4.69 -0.03 8.08
N ILE A 81 4.10 1.05 8.58
CA ILE A 81 4.58 2.40 8.27
C ILE A 81 5.90 2.66 8.97
N PHE A 82 6.03 2.05 10.13
CA PHE A 82 7.23 2.15 10.92
C PHE A 82 8.40 1.44 10.25
N ASP A 83 8.13 0.30 9.61
CA ASP A 83 9.17 -0.44 8.89
C ASP A 83 9.32 0.09 7.47
N HIS A 84 8.23 0.60 6.93
CA HIS A 84 8.22 1.13 5.56
C HIS A 84 7.58 2.51 5.55
N PRO A 85 8.40 3.55 5.69
CA PRO A 85 7.93 4.91 5.95
C PRO A 85 7.56 5.72 4.71
N THR A 86 7.58 5.13 3.52
CA THR A 86 7.16 5.86 2.34
C THR A 86 6.15 5.05 1.53
N PRO A 87 5.26 5.69 0.75
CA PRO A 87 4.32 4.97 -0.11
C PRO A 87 5.04 3.99 -1.03
N HIS A 88 6.25 4.37 -1.43
CA HIS A 88 7.13 3.48 -2.17
C HIS A 88 7.50 2.28 -1.31
N ALA A 89 7.97 2.56 -0.09
CA ALA A 89 8.36 1.53 0.86
C ALA A 89 7.23 0.55 1.16
N LEU A 90 6.09 1.07 1.61
CA LEU A 90 4.93 0.24 1.89
C LEU A 90 4.59 -0.63 0.72
N THR A 91 4.65 -0.04 -0.45
CA THR A 91 4.39 -0.74 -1.66
C THR A 91 5.37 -1.89 -1.84
N GLN A 92 6.65 -1.59 -1.61
CA GLN A 92 7.72 -2.57 -1.71
C GLN A 92 7.45 -3.75 -0.77
N HIS A 93 6.82 -3.46 0.36
CA HIS A 93 6.46 -4.49 1.32
C HIS A 93 5.45 -5.47 0.72
N LEU A 94 4.33 -4.96 0.23
CA LEU A 94 3.28 -5.81 -0.32
C LEU A 94 3.66 -6.37 -1.69
N HIS A 95 4.54 -5.66 -2.38
CA HIS A 95 4.99 -6.07 -3.71
C HIS A 95 5.94 -7.26 -3.58
N THR A 96 6.63 -7.33 -2.45
CA THR A 96 7.54 -8.41 -2.17
C THR A 96 6.78 -9.57 -1.54
N ARG A 97 5.78 -9.24 -0.73
CA ARG A 97 4.98 -10.25 -0.05
C ARG A 97 4.09 -11.01 -1.01
N LEU A 98 3.86 -10.44 -2.18
CA LEU A 98 3.12 -11.15 -3.23
C LEU A 98 3.74 -12.53 -3.49
N THR A 99 5.05 -12.60 -3.39
CA THR A 99 5.76 -13.83 -3.58
C THR A 99 6.07 -14.49 -2.23
N GLN A 100 6.70 -13.70 -1.37
CA GLN A 100 7.17 -14.18 -0.08
C GLN A 100 6.06 -14.17 0.97
N SER A 101 5.15 -15.13 0.88
CA SER A 101 4.06 -15.24 1.84
C SER A 101 3.46 -16.64 1.80
N HIS A 102 2.40 -16.85 2.57
CA HIS A 102 1.76 -18.15 2.66
C HIS A 102 0.26 -18.04 2.36
N GLY A 1 -17.85 -8.31 -1.52
CA GLY A 1 -16.75 -8.94 -0.75
C GLY A 1 -15.85 -9.76 -1.63
N ALA A 2 -14.68 -10.12 -1.10
CA ALA A 2 -13.71 -10.91 -1.83
C ALA A 2 -12.99 -11.86 -0.90
N ALA A 3 -12.74 -13.07 -1.37
CA ALA A 3 -12.11 -14.10 -0.54
C ALA A 3 -10.61 -13.91 -0.47
N SER A 4 -10.11 -12.92 -1.18
CA SER A 4 -8.69 -12.60 -1.23
C SER A 4 -8.42 -11.53 -2.28
N ALA A 5 -8.01 -10.37 -1.84
CA ALA A 5 -7.61 -9.33 -2.77
C ALA A 5 -6.13 -9.43 -3.08
N ALA A 6 -5.48 -10.46 -2.56
CA ALA A 6 -4.08 -10.71 -2.86
C ALA A 6 -3.98 -11.41 -4.20
N THR A 7 -5.05 -12.08 -4.54
CA THR A 7 -5.13 -12.77 -5.80
C THR A 7 -5.85 -11.88 -6.81
N ASP A 8 -6.26 -10.70 -6.34
CA ASP A 8 -6.78 -9.67 -7.22
C ASP A 8 -5.70 -8.64 -7.43
N LEU A 9 -4.94 -8.41 -6.40
CA LEU A 9 -3.88 -7.44 -6.47
C LEU A 9 -2.83 -7.90 -7.43
N ALA A 10 -2.33 -9.09 -7.15
CA ALA A 10 -1.37 -9.75 -8.01
C ALA A 10 -1.98 -10.01 -9.40
N ALA A 11 -3.26 -9.70 -9.55
CA ALA A 11 -3.92 -9.79 -10.84
C ALA A 11 -3.58 -8.54 -11.66
N ARG A 12 -3.54 -7.37 -11.00
CA ARG A 12 -3.08 -6.15 -11.64
C ARG A 12 -1.62 -6.27 -12.02
N LEU A 13 -0.89 -7.04 -11.23
CA LEU A 13 0.55 -7.12 -11.33
C LEU A 13 0.95 -8.16 -12.34
N ASN A 14 0.28 -9.27 -12.28
CA ASN A 14 0.44 -10.34 -13.26
C ASN A 14 0.19 -9.82 -14.66
N GLY A 15 1.17 -10.04 -15.52
CA GLY A 15 1.11 -9.52 -16.88
C GLY A 15 1.91 -8.25 -17.02
N LEU A 16 2.33 -7.71 -15.88
CA LEU A 16 3.08 -6.47 -15.86
C LEU A 16 4.52 -6.71 -15.44
N SER A 17 5.36 -5.73 -15.73
CA SER A 17 6.74 -5.73 -15.30
C SER A 17 6.82 -5.27 -13.86
N PRO A 18 7.88 -5.65 -13.13
CA PRO A 18 8.00 -5.36 -11.69
C PRO A 18 7.69 -3.91 -11.34
N GLN A 19 8.23 -2.97 -12.11
CA GLN A 19 7.98 -1.54 -11.91
C GLN A 19 6.50 -1.21 -12.10
N GLN A 20 5.86 -1.86 -13.07
CA GLN A 20 4.45 -1.63 -13.37
C GLN A 20 3.60 -2.21 -12.26
N GLN A 21 3.95 -3.42 -11.88
CA GLN A 21 3.35 -4.10 -10.75
C GLN A 21 3.45 -3.23 -9.51
N GLN A 22 4.61 -2.64 -9.36
CA GLN A 22 4.87 -1.71 -8.29
C GLN A 22 3.92 -0.52 -8.37
N GLN A 23 3.76 0.02 -9.56
CA GLN A 23 2.91 1.19 -9.80
C GLN A 23 1.47 1.00 -9.34
N THR A 24 0.94 -0.19 -9.51
CA THR A 24 -0.39 -0.50 -9.03
C THR A 24 -0.49 -0.26 -7.54
N LEU A 25 0.53 -0.69 -6.80
CA LEU A 25 0.59 -0.42 -5.38
C LEU A 25 0.98 1.03 -5.17
N ALA A 26 1.92 1.47 -5.98
CA ALA A 26 2.41 2.84 -5.96
C ALA A 26 1.34 3.82 -6.42
N THR A 27 0.15 3.30 -6.62
CA THR A 27 -1.02 4.05 -6.96
C THR A 27 -2.10 3.80 -5.92
N LEU A 28 -2.31 2.53 -5.62
CA LEU A 28 -3.28 2.08 -4.66
C LEU A 28 -2.88 2.44 -3.25
N VAL A 29 -1.62 2.20 -2.94
CA VAL A 29 -1.09 2.47 -1.63
C VAL A 29 -1.11 3.96 -1.36
N ALA A 30 -0.91 4.71 -2.42
CA ALA A 30 -0.97 6.14 -2.36
C ALA A 30 -2.41 6.60 -2.35
N ALA A 31 -3.24 5.84 -3.04
CA ALA A 31 -4.68 6.06 -3.03
C ALA A 31 -5.20 5.82 -1.63
N ALA A 32 -4.63 4.82 -1.01
CA ALA A 32 -4.85 4.50 0.38
C ALA A 32 -4.43 5.67 1.27
N THR A 33 -3.24 6.21 1.02
CA THR A 33 -2.77 7.32 1.84
C THR A 33 -3.45 8.62 1.41
N ALA A 34 -3.99 8.62 0.21
CA ALA A 34 -4.78 9.73 -0.26
C ALA A 34 -6.10 9.76 0.50
N THR A 35 -6.50 8.61 1.00
CA THR A 35 -7.67 8.47 1.82
C THR A 35 -7.39 8.94 3.25
N VAL A 36 -6.30 8.46 3.82
CA VAL A 36 -5.98 8.72 5.22
C VAL A 36 -5.82 10.21 5.49
N LEU A 37 -5.40 10.95 4.48
CA LEU A 37 -5.18 12.38 4.64
C LEU A 37 -6.29 13.21 4.01
N GLY A 38 -7.27 12.53 3.45
CA GLY A 38 -8.38 13.19 2.80
C GLY A 38 -7.97 14.04 1.60
N HIS A 39 -7.13 13.49 0.74
CA HIS A 39 -6.71 14.19 -0.48
C HIS A 39 -7.32 13.54 -1.71
N HIS A 40 -7.56 12.23 -1.62
CA HIS A 40 -8.11 11.42 -2.71
C HIS A 40 -7.08 11.20 -3.84
N THR A 41 -6.29 12.21 -4.13
CA THR A 41 -5.30 12.12 -5.19
C THR A 41 -4.05 11.37 -4.74
N PRO A 42 -3.72 10.27 -5.42
CA PRO A 42 -2.48 9.54 -5.22
C PRO A 42 -1.32 10.32 -5.85
N GLU A 43 -1.69 11.26 -6.70
CA GLU A 43 -0.74 12.17 -7.32
C GLU A 43 -0.18 13.12 -6.28
N SER A 44 -1.03 13.50 -5.34
CA SER A 44 -0.65 14.39 -4.26
C SER A 44 0.11 13.61 -3.20
N ILE A 45 0.02 12.28 -3.29
CA ILE A 45 0.71 11.38 -2.38
C ILE A 45 2.05 10.98 -2.96
N SER A 46 3.07 11.77 -2.67
CA SER A 46 4.41 11.49 -3.16
C SER A 46 4.98 10.28 -2.45
N PRO A 47 5.77 9.44 -3.14
CA PRO A 47 6.16 8.12 -2.66
C PRO A 47 7.45 8.19 -1.88
N ALA A 48 8.07 9.35 -1.90
CA ALA A 48 9.37 9.50 -1.33
C ALA A 48 9.37 10.64 -0.31
N THR A 49 8.19 11.15 -0.04
CA THR A 49 7.97 12.18 0.95
C THR A 49 8.04 11.61 2.36
N ALA A 50 7.43 10.42 2.49
CA ALA A 50 7.29 9.66 3.73
C ALA A 50 5.93 9.85 4.33
N PHE A 51 5.37 8.75 4.79
CA PHE A 51 4.08 8.73 5.46
C PHE A 51 4.05 9.70 6.61
N LYS A 52 5.12 9.71 7.38
CA LYS A 52 5.25 10.65 8.47
C LYS A 52 5.08 12.06 7.97
N ASP A 53 5.73 12.33 6.85
CA ASP A 53 5.72 13.66 6.25
C ASP A 53 4.39 13.92 5.56
N LEU A 54 3.61 12.88 5.39
CA LEU A 54 2.33 12.94 4.72
C LEU A 54 1.22 13.24 5.70
N GLY A 55 1.44 12.87 6.96
CA GLY A 55 0.41 13.07 7.95
C GLY A 55 0.02 11.78 8.61
N ILE A 56 0.71 10.72 8.23
CA ILE A 56 0.51 9.42 8.84
C ILE A 56 0.99 9.43 10.27
N ASP A 57 0.06 9.48 11.21
CA ASP A 57 0.41 9.38 12.61
C ASP A 57 -0.49 8.35 13.29
N SER A 58 0.07 7.15 13.51
CA SER A 58 -0.57 6.06 14.27
C SER A 58 -1.97 5.68 13.73
N LEU A 59 -2.97 6.48 14.04
CA LEU A 59 -4.35 6.25 13.59
C LEU A 59 -4.43 5.99 12.10
N THR A 60 -3.88 6.91 11.34
CA THR A 60 -3.95 6.83 9.89
C THR A 60 -2.87 5.93 9.34
N ALA A 61 -1.92 5.55 10.18
CA ALA A 61 -0.99 4.51 9.82
C ALA A 61 -1.69 3.16 9.91
N LEU A 62 -2.62 3.07 10.86
CA LEU A 62 -3.43 1.88 11.03
C LEU A 62 -4.51 1.84 9.96
N GLU A 63 -5.18 2.97 9.72
CA GLU A 63 -6.17 3.06 8.69
C GLU A 63 -5.51 2.85 7.32
N LEU A 64 -4.27 3.31 7.20
CA LEU A 64 -3.47 2.96 6.04
C LEU A 64 -3.39 1.45 5.95
N ARG A 65 -3.04 0.90 7.09
CA ARG A 65 -2.83 -0.55 7.25
C ARG A 65 -4.09 -1.30 6.86
N ASN A 66 -5.20 -0.85 7.42
CA ASN A 66 -6.50 -1.42 7.21
C ASN A 66 -6.89 -1.41 5.73
N THR A 67 -6.50 -0.35 5.02
CA THR A 67 -6.75 -0.28 3.58
C THR A 67 -5.80 -1.19 2.81
N LEU A 68 -4.51 -1.04 3.10
CA LEU A 68 -3.47 -1.82 2.42
C LEU A 68 -3.75 -3.30 2.47
N THR A 69 -3.84 -3.81 3.69
CA THR A 69 -3.97 -5.23 3.92
C THR A 69 -5.26 -5.77 3.28
N HIS A 70 -6.22 -4.87 3.05
CA HIS A 70 -7.46 -5.23 2.39
C HIS A 70 -7.24 -5.39 0.88
N ASN A 71 -6.54 -4.43 0.29
CA ASN A 71 -6.36 -4.38 -1.16
C ASN A 71 -5.29 -5.34 -1.64
N THR A 72 -4.44 -5.76 -0.71
CA THR A 72 -3.35 -6.64 -1.04
C THR A 72 -3.57 -8.01 -0.47
N GLY A 73 -4.61 -8.13 0.33
CA GLY A 73 -5.07 -9.44 0.73
C GLY A 73 -4.24 -10.02 1.84
N LEU A 74 -3.32 -9.22 2.33
CA LEU A 74 -2.37 -9.67 3.30
C LEU A 74 -2.98 -9.72 4.69
N ASP A 75 -2.26 -10.30 5.63
CA ASP A 75 -2.77 -10.53 6.98
C ASP A 75 -1.72 -10.08 8.00
N LEU A 76 -1.23 -8.87 7.83
CA LEU A 76 -0.18 -8.35 8.70
C LEU A 76 -0.71 -7.17 9.52
N PRO A 77 -0.33 -7.10 10.80
CA PRO A 77 -0.74 -6.03 11.73
C PRO A 77 -0.17 -4.65 11.35
N PRO A 78 -0.41 -3.61 12.18
CA PRO A 78 0.21 -2.27 12.02
C PRO A 78 1.75 -2.31 11.99
N THR A 79 2.36 -1.17 12.31
CA THR A 79 3.81 -0.98 12.24
C THR A 79 4.35 -1.16 10.82
N LEU A 80 3.44 -1.22 9.86
CA LEU A 80 3.81 -1.28 8.45
C LEU A 80 4.47 0.03 8.04
N ILE A 81 3.91 1.12 8.53
CA ILE A 81 4.41 2.46 8.21
C ILE A 81 5.75 2.70 8.90
N PHE A 82 5.88 2.10 10.07
CA PHE A 82 7.09 2.18 10.85
C PHE A 82 8.22 1.39 10.20
N ASP A 83 7.90 0.26 9.59
CA ASP A 83 8.89 -0.56 8.90
C ASP A 83 9.11 -0.05 7.48
N HIS A 84 8.04 0.47 6.88
CA HIS A 84 8.07 1.00 5.52
C HIS A 84 7.49 2.40 5.52
N PRO A 85 8.35 3.42 5.62
CA PRO A 85 7.92 4.78 5.91
C PRO A 85 7.52 5.64 4.71
N THR A 86 7.56 5.08 3.50
CA THR A 86 7.17 5.85 2.33
C THR A 86 6.16 5.06 1.50
N PRO A 87 5.30 5.74 0.68
CA PRO A 87 4.38 5.04 -0.21
C PRO A 87 5.13 4.06 -1.13
N HIS A 88 6.35 4.44 -1.50
CA HIS A 88 7.25 3.55 -2.20
C HIS A 88 7.55 2.33 -1.33
N ALA A 89 7.97 2.59 -0.09
CA ALA A 89 8.31 1.54 0.86
C ALA A 89 7.17 0.56 1.09
N LEU A 90 6.01 1.08 1.49
CA LEU A 90 4.83 0.24 1.72
C LEU A 90 4.53 -0.61 0.51
N THR A 91 4.69 0.00 -0.64
CA THR A 91 4.50 -0.68 -1.89
C THR A 91 5.51 -1.82 -2.04
N GLN A 92 6.77 -1.50 -1.77
CA GLN A 92 7.85 -2.48 -1.79
C GLN A 92 7.50 -3.68 -0.91
N HIS A 93 6.85 -3.39 0.21
CA HIS A 93 6.41 -4.41 1.15
C HIS A 93 5.40 -5.36 0.50
N LEU A 94 4.28 -4.82 0.03
CA LEU A 94 3.20 -5.64 -0.48
C LEU A 94 3.57 -6.28 -1.81
N HIS A 95 4.48 -5.65 -2.55
CA HIS A 95 4.95 -6.20 -3.82
C HIS A 95 5.72 -7.49 -3.58
N THR A 96 6.63 -7.45 -2.61
CA THR A 96 7.38 -8.62 -2.22
C THR A 96 6.49 -9.65 -1.53
N ARG A 97 5.55 -9.18 -0.71
CA ARG A 97 4.68 -10.08 0.03
C ARG A 97 3.76 -10.88 -0.88
N LEU A 98 3.52 -10.37 -2.08
CA LEU A 98 2.79 -11.12 -3.10
C LEU A 98 3.34 -12.53 -3.24
N THR A 99 4.65 -12.64 -3.40
CA THR A 99 5.30 -13.93 -3.50
C THR A 99 5.65 -14.47 -2.12
N GLN A 100 6.07 -13.57 -1.23
CA GLN A 100 6.34 -13.91 0.15
C GLN A 100 5.05 -13.97 0.96
N SER A 101 4.18 -14.89 0.60
CA SER A 101 2.85 -14.95 1.18
C SER A 101 2.48 -16.35 1.61
N HIS A 102 1.32 -16.48 2.22
CA HIS A 102 0.83 -17.76 2.68
C HIS A 102 -0.36 -18.20 1.83
N GLY A 1 -11.62 -8.11 5.99
CA GLY A 1 -11.05 -8.92 4.87
C GLY A 1 -11.98 -8.96 3.67
N ALA A 2 -11.57 -9.68 2.64
CA ALA A 2 -12.37 -9.80 1.42
C ALA A 2 -12.05 -11.11 0.71
N ALA A 3 -12.00 -12.18 1.50
CA ALA A 3 -11.69 -13.54 0.99
C ALA A 3 -10.22 -13.65 0.60
N SER A 4 -9.83 -12.89 -0.41
CA SER A 4 -8.45 -12.84 -0.87
C SER A 4 -8.31 -11.80 -1.95
N ALA A 5 -8.18 -10.55 -1.54
CA ALA A 5 -7.90 -9.48 -2.48
C ALA A 5 -6.43 -9.50 -2.85
N ALA A 6 -5.71 -10.44 -2.27
CA ALA A 6 -4.32 -10.66 -2.61
C ALA A 6 -4.22 -11.21 -4.01
N THR A 7 -4.89 -12.34 -4.24
CA THR A 7 -4.98 -12.90 -5.58
C THR A 7 -5.76 -11.98 -6.53
N ASP A 8 -6.28 -10.87 -6.03
CA ASP A 8 -6.92 -9.86 -6.88
C ASP A 8 -5.92 -8.76 -7.15
N LEU A 9 -5.11 -8.49 -6.15
CA LEU A 9 -4.09 -7.49 -6.27
C LEU A 9 -3.03 -7.97 -7.22
N ALA A 10 -2.51 -9.14 -6.88
CA ALA A 10 -1.54 -9.82 -7.73
C ALA A 10 -2.15 -10.19 -9.07
N ALA A 11 -3.42 -9.83 -9.25
CA ALA A 11 -4.09 -9.95 -10.52
C ALA A 11 -3.84 -8.70 -11.35
N ARG A 12 -3.84 -7.53 -10.70
CA ARG A 12 -3.45 -6.29 -11.36
C ARG A 12 -2.00 -6.38 -11.79
N LEU A 13 -1.24 -7.09 -10.98
CA LEU A 13 0.20 -7.20 -11.14
C LEU A 13 0.53 -8.27 -12.16
N ASN A 14 -0.30 -9.29 -12.16
CA ASN A 14 -0.19 -10.40 -13.10
C ASN A 14 -0.16 -9.91 -14.54
N GLY A 15 0.87 -10.33 -15.25
CA GLY A 15 1.06 -9.91 -16.63
C GLY A 15 1.92 -8.68 -16.75
N LEU A 16 2.19 -8.03 -15.63
CA LEU A 16 2.95 -6.79 -15.62
C LEU A 16 4.39 -7.02 -15.20
N SER A 17 5.22 -6.02 -15.48
CA SER A 17 6.61 -6.02 -15.07
C SER A 17 6.71 -5.56 -13.63
N PRO A 18 7.81 -5.90 -12.93
CA PRO A 18 7.97 -5.59 -11.51
C PRO A 18 7.62 -4.14 -11.17
N GLN A 19 8.07 -3.21 -11.99
CA GLN A 19 7.81 -1.79 -11.79
C GLN A 19 6.36 -1.44 -12.10
N GLN A 20 5.75 -2.15 -13.04
CA GLN A 20 4.34 -1.92 -13.36
C GLN A 20 3.47 -2.50 -12.28
N GLN A 21 3.81 -3.71 -11.86
CA GLN A 21 3.22 -4.36 -10.70
C GLN A 21 3.34 -3.46 -9.48
N GLN A 22 4.44 -2.71 -9.44
CA GLN A 22 4.70 -1.77 -8.40
C GLN A 22 3.73 -0.63 -8.48
N GLN A 23 3.68 -0.01 -9.66
CA GLN A 23 2.78 1.10 -9.98
C GLN A 23 1.37 0.93 -9.42
N THR A 24 0.81 -0.26 -9.57
CA THR A 24 -0.51 -0.55 -9.04
C THR A 24 -0.58 -0.27 -7.54
N LEU A 25 0.40 -0.75 -6.81
CA LEU A 25 0.48 -0.47 -5.38
C LEU A 25 0.91 0.96 -5.19
N ALA A 26 1.83 1.38 -6.04
CA ALA A 26 2.37 2.72 -6.01
C ALA A 26 1.33 3.73 -6.49
N THR A 27 0.11 3.25 -6.63
CA THR A 27 -1.04 4.05 -6.95
C THR A 27 -2.11 3.82 -5.87
N LEU A 28 -2.33 2.54 -5.59
CA LEU A 28 -3.29 2.10 -4.61
C LEU A 28 -2.87 2.45 -3.19
N VAL A 29 -1.62 2.19 -2.90
CA VAL A 29 -1.06 2.46 -1.59
C VAL A 29 -1.07 3.95 -1.33
N ALA A 30 -0.88 4.69 -2.39
CA ALA A 30 -0.93 6.12 -2.33
C ALA A 30 -2.36 6.59 -2.29
N ALA A 31 -3.22 5.83 -2.96
CA ALA A 31 -4.65 6.06 -2.93
C ALA A 31 -5.15 5.85 -1.52
N ALA A 32 -4.58 4.83 -0.90
CA ALA A 32 -4.77 4.54 0.50
C ALA A 32 -4.35 5.72 1.36
N THR A 33 -3.16 6.25 1.12
CA THR A 33 -2.67 7.38 1.90
C THR A 33 -3.35 8.68 1.45
N ALA A 34 -3.88 8.67 0.25
CA ALA A 34 -4.68 9.78 -0.23
C ALA A 34 -5.97 9.83 0.55
N THR A 35 -6.43 8.65 0.95
CA THR A 35 -7.62 8.50 1.76
C THR A 35 -7.36 8.95 3.20
N VAL A 36 -6.28 8.42 3.80
CA VAL A 36 -5.99 8.67 5.20
C VAL A 36 -5.90 10.16 5.51
N LEU A 37 -5.42 10.92 4.55
CA LEU A 37 -5.24 12.35 4.76
C LEU A 37 -6.46 13.12 4.24
N GLY A 38 -6.98 12.70 3.09
CA GLY A 38 -8.16 13.32 2.55
C GLY A 38 -7.89 14.02 1.24
N HIS A 39 -6.84 13.60 0.56
CA HIS A 39 -6.45 14.20 -0.71
C HIS A 39 -7.19 13.53 -1.86
N HIS A 40 -7.48 12.24 -1.68
CA HIS A 40 -8.11 11.39 -2.72
C HIS A 40 -7.15 11.11 -3.87
N THR A 41 -6.33 12.10 -4.23
CA THR A 41 -5.39 11.94 -5.32
C THR A 41 -4.11 11.25 -4.86
N PRO A 42 -3.79 10.11 -5.50
CA PRO A 42 -2.53 9.41 -5.29
C PRO A 42 -1.39 10.14 -5.98
N GLU A 43 -1.77 11.03 -6.90
CA GLU A 43 -0.82 11.92 -7.56
C GLU A 43 -0.27 12.91 -6.55
N SER A 44 -1.15 13.33 -5.66
CA SER A 44 -0.81 14.27 -4.61
C SER A 44 0.07 13.55 -3.58
N ILE A 45 -0.09 12.24 -3.49
CA ILE A 45 0.67 11.42 -2.56
C ILE A 45 2.01 11.02 -3.18
N SER A 46 3.05 11.73 -2.81
CA SER A 46 4.38 11.41 -3.29
C SER A 46 4.88 10.16 -2.57
N PRO A 47 5.68 9.32 -3.26
CA PRO A 47 6.07 8.01 -2.76
C PRO A 47 7.35 8.11 -1.97
N ALA A 48 7.89 9.30 -1.94
CA ALA A 48 9.21 9.53 -1.40
C ALA A 48 9.20 10.67 -0.39
N THR A 49 8.00 11.13 -0.06
CA THR A 49 7.81 12.16 0.95
C THR A 49 7.98 11.60 2.35
N ALA A 50 7.37 10.41 2.54
CA ALA A 50 7.30 9.66 3.81
C ALA A 50 5.96 9.86 4.46
N PHE A 51 5.42 8.75 4.93
CA PHE A 51 4.15 8.73 5.63
C PHE A 51 4.13 9.71 6.78
N LYS A 52 5.20 9.71 7.56
CA LYS A 52 5.35 10.67 8.64
C LYS A 52 5.18 12.07 8.12
N ASP A 53 5.78 12.31 6.97
CA ASP A 53 5.80 13.62 6.35
C ASP A 53 4.50 13.89 5.60
N LEU A 54 3.68 12.85 5.48
CA LEU A 54 2.42 12.92 4.77
C LEU A 54 1.28 13.27 5.72
N GLY A 55 1.45 12.89 6.98
CA GLY A 55 0.39 13.11 7.95
C GLY A 55 0.00 11.84 8.65
N ILE A 56 0.66 10.75 8.29
CA ILE A 56 0.48 9.48 8.94
C ILE A 56 0.87 9.58 10.41
N ASP A 57 -0.01 9.14 11.30
CA ASP A 57 0.25 9.21 12.73
C ASP A 57 -0.60 8.21 13.50
N SER A 58 -0.14 6.95 13.54
CA SER A 58 -0.80 5.87 14.26
C SER A 58 -2.17 5.52 13.65
N LEU A 59 -3.14 6.39 13.84
CA LEU A 59 -4.50 6.15 13.38
C LEU A 59 -4.53 5.95 11.89
N THR A 60 -3.95 6.90 11.18
CA THR A 60 -3.95 6.86 9.74
C THR A 60 -2.91 5.89 9.24
N ALA A 61 -2.00 5.50 10.12
CA ALA A 61 -1.04 4.47 9.79
C ALA A 61 -1.72 3.11 9.84
N LEU A 62 -2.65 2.97 10.78
CA LEU A 62 -3.43 1.78 10.89
C LEU A 62 -4.53 1.79 9.83
N GLU A 63 -5.15 2.92 9.60
CA GLU A 63 -6.14 3.06 8.57
C GLU A 63 -5.48 2.86 7.20
N LEU A 64 -4.24 3.33 7.09
CA LEU A 64 -3.42 3.02 5.93
C LEU A 64 -3.35 1.51 5.81
N ARG A 65 -3.02 0.92 6.94
CA ARG A 65 -2.80 -0.51 7.06
C ARG A 65 -4.06 -1.27 6.70
N ASN A 66 -5.16 -0.81 7.28
CA ASN A 66 -6.47 -1.38 7.06
C ASN A 66 -6.85 -1.37 5.58
N THR A 67 -6.46 -0.32 4.87
CA THR A 67 -6.72 -0.26 3.44
C THR A 67 -5.76 -1.15 2.67
N LEU A 68 -4.46 -1.01 2.93
CA LEU A 68 -3.45 -1.82 2.27
C LEU A 68 -3.80 -3.29 2.39
N THR A 69 -3.94 -3.71 3.64
CA THR A 69 -4.25 -5.07 3.98
C THR A 69 -5.47 -5.59 3.20
N HIS A 70 -6.44 -4.72 3.01
CA HIS A 70 -7.67 -5.11 2.35
C HIS A 70 -7.45 -5.27 0.85
N ASN A 71 -6.61 -4.42 0.29
CA ASN A 71 -6.36 -4.45 -1.15
C ASN A 71 -5.25 -5.43 -1.52
N THR A 72 -4.44 -5.84 -0.55
CA THR A 72 -3.32 -6.71 -0.82
C THR A 72 -3.48 -8.06 -0.14
N GLY A 73 -4.36 -8.13 0.84
CA GLY A 73 -4.66 -9.40 1.45
C GLY A 73 -3.65 -9.80 2.50
N LEU A 74 -2.74 -8.90 2.80
CA LEU A 74 -1.68 -9.17 3.74
C LEU A 74 -2.09 -8.79 5.15
N ASP A 75 -1.67 -9.61 6.08
CA ASP A 75 -2.00 -9.39 7.47
C ASP A 75 -0.74 -9.38 8.32
N LEU A 76 0.14 -8.45 8.03
CA LEU A 76 1.33 -8.26 8.85
C LEU A 76 1.12 -7.04 9.76
N PRO A 77 1.70 -7.06 10.98
CA PRO A 77 1.64 -5.99 11.99
C PRO A 77 1.46 -4.57 11.45
N PRO A 78 0.56 -3.80 12.11
CA PRO A 78 0.30 -2.35 11.85
C PRO A 78 1.52 -1.46 11.88
N THR A 79 2.65 -2.01 12.19
CA THR A 79 3.85 -1.23 12.31
C THR A 79 4.59 -1.25 10.98
N LEU A 80 3.80 -1.36 9.91
CA LEU A 80 4.32 -1.40 8.55
C LEU A 80 4.78 -0.04 8.13
N ILE A 81 4.11 1.00 8.62
CA ILE A 81 4.53 2.38 8.31
C ILE A 81 5.85 2.68 9.01
N PHE A 82 5.96 2.16 10.22
CA PHE A 82 7.16 2.31 11.03
C PHE A 82 8.35 1.58 10.41
N ASP A 83 8.07 0.50 9.67
CA ASP A 83 9.14 -0.29 9.02
C ASP A 83 9.33 0.17 7.58
N HIS A 84 8.26 0.66 6.97
CA HIS A 84 8.28 1.12 5.59
C HIS A 84 7.67 2.51 5.54
N PRO A 85 8.50 3.55 5.63
CA PRO A 85 8.04 4.91 5.90
C PRO A 85 7.61 5.71 4.68
N THR A 86 7.58 5.13 3.50
CA THR A 86 7.14 5.87 2.33
C THR A 86 6.12 5.06 1.53
N PRO A 87 5.25 5.72 0.73
CA PRO A 87 4.33 5.00 -0.16
C PRO A 87 5.05 4.03 -1.06
N HIS A 88 6.27 4.40 -1.44
CA HIS A 88 7.16 3.51 -2.17
C HIS A 88 7.51 2.32 -1.30
N ALA A 89 7.98 2.58 -0.09
CA ALA A 89 8.35 1.55 0.86
C ALA A 89 7.21 0.58 1.14
N LEU A 90 6.06 1.10 1.56
CA LEU A 90 4.90 0.27 1.82
C LEU A 90 4.58 -0.58 0.63
N THR A 91 4.64 0.04 -0.53
CA THR A 91 4.41 -0.67 -1.77
C THR A 91 5.41 -1.80 -1.93
N GLN A 92 6.69 -1.49 -1.72
CA GLN A 92 7.76 -2.47 -1.79
C GLN A 92 7.46 -3.66 -0.87
N HIS A 93 6.86 -3.35 0.27
CA HIS A 93 6.50 -4.38 1.24
C HIS A 93 5.49 -5.36 0.65
N LEU A 94 4.37 -4.85 0.16
CA LEU A 94 3.31 -5.71 -0.35
C LEU A 94 3.68 -6.27 -1.71
N HIS A 95 4.56 -5.57 -2.42
CA HIS A 95 5.00 -6.00 -3.74
C HIS A 95 5.92 -7.21 -3.58
N THR A 96 6.59 -7.25 -2.44
CA THR A 96 7.50 -8.31 -2.12
C THR A 96 6.75 -9.45 -1.40
N ARG A 97 5.85 -9.08 -0.50
CA ARG A 97 5.08 -10.05 0.27
C ARG A 97 4.10 -10.84 -0.60
N LEU A 98 3.78 -10.29 -1.76
CA LEU A 98 2.94 -10.99 -2.72
C LEU A 98 3.43 -12.43 -2.94
N THR A 99 4.73 -12.56 -3.07
CA THR A 99 5.36 -13.86 -3.23
C THR A 99 5.85 -14.39 -1.87
N GLN A 100 6.47 -13.51 -1.11
CA GLN A 100 7.00 -13.87 0.21
C GLN A 100 5.90 -13.98 1.26
N SER A 101 4.89 -14.80 0.99
CA SER A 101 3.79 -15.01 1.91
C SER A 101 2.91 -16.15 1.40
N HIS A 102 1.83 -16.40 2.12
CA HIS A 102 0.89 -17.45 1.77
C HIS A 102 -0.51 -17.03 2.15
N GLY A 1 -14.21 -8.94 5.82
CA GLY A 1 -12.73 -8.97 5.72
C GLY A 1 -12.26 -9.45 4.37
N ALA A 2 -10.96 -9.37 4.13
CA ALA A 2 -10.37 -9.81 2.88
C ALA A 2 -10.10 -11.30 2.91
N ALA A 3 -10.84 -12.04 2.08
CA ALA A 3 -10.67 -13.48 1.99
C ALA A 3 -9.37 -13.82 1.29
N SER A 4 -9.25 -13.33 0.08
CA SER A 4 -8.11 -13.64 -0.76
C SER A 4 -7.89 -12.54 -1.78
N ALA A 5 -7.88 -11.29 -1.31
CA ALA A 5 -7.72 -10.15 -2.20
C ALA A 5 -6.28 -10.02 -2.65
N ALA A 6 -5.42 -10.88 -2.13
CA ALA A 6 -4.03 -10.95 -2.57
C ALA A 6 -3.96 -11.46 -4.00
N THR A 7 -4.60 -12.58 -4.27
CA THR A 7 -4.72 -13.07 -5.63
C THR A 7 -5.65 -12.17 -6.47
N ASP A 8 -6.11 -11.06 -5.89
CA ASP A 8 -6.84 -10.05 -6.65
C ASP A 8 -5.88 -8.94 -6.98
N LEU A 9 -5.04 -8.64 -6.02
CA LEU A 9 -4.02 -7.63 -6.19
C LEU A 9 -3.03 -8.08 -7.22
N ALA A 10 -2.45 -9.21 -6.93
CA ALA A 10 -1.50 -9.85 -7.84
C ALA A 10 -2.19 -10.26 -9.13
N ALA A 11 -3.48 -9.93 -9.23
CA ALA A 11 -4.23 -10.10 -10.45
C ALA A 11 -4.12 -8.84 -11.30
N ARG A 12 -4.09 -7.67 -10.65
CA ARG A 12 -3.79 -6.43 -11.35
C ARG A 12 -2.36 -6.47 -11.86
N LEU A 13 -1.54 -7.11 -11.06
CA LEU A 13 -0.10 -7.19 -11.32
C LEU A 13 0.18 -8.26 -12.34
N ASN A 14 -0.66 -9.27 -12.31
CA ASN A 14 -0.65 -10.36 -13.27
C ASN A 14 -0.63 -9.84 -14.69
N GLY A 15 0.37 -10.28 -15.45
CA GLY A 15 0.49 -9.84 -16.83
C GLY A 15 1.46 -8.70 -16.98
N LEU A 16 1.60 -7.93 -15.91
CA LEU A 16 2.43 -6.73 -15.93
C LEU A 16 3.87 -7.03 -15.54
N SER A 17 4.74 -6.08 -15.84
CA SER A 17 6.12 -6.16 -15.44
C SER A 17 6.27 -5.67 -14.00
N PRO A 18 7.33 -6.10 -13.30
CA PRO A 18 7.51 -5.81 -11.87
C PRO A 18 7.26 -4.35 -11.50
N GLN A 19 7.77 -3.43 -12.31
CA GLN A 19 7.59 -2.00 -12.06
C GLN A 19 6.13 -1.56 -12.27
N GLN A 20 5.47 -2.17 -13.24
CA GLN A 20 4.06 -1.87 -13.50
C GLN A 20 3.21 -2.41 -12.36
N GLN A 21 3.55 -3.63 -11.98
CA GLN A 21 2.97 -4.28 -10.82
C GLN A 21 3.14 -3.41 -9.59
N GLN A 22 4.31 -2.80 -9.50
CA GLN A 22 4.64 -1.92 -8.42
C GLN A 22 3.75 -0.69 -8.47
N GLN A 23 3.60 -0.13 -9.66
CA GLN A 23 2.79 1.07 -9.89
C GLN A 23 1.36 0.93 -9.39
N THR A 24 0.78 -0.24 -9.56
CA THR A 24 -0.56 -0.50 -9.07
C THR A 24 -0.63 -0.26 -7.57
N LEU A 25 0.37 -0.74 -6.85
CA LEU A 25 0.46 -0.48 -5.42
C LEU A 25 0.90 0.95 -5.21
N ALA A 26 1.86 1.36 -6.02
CA ALA A 26 2.40 2.70 -5.99
C ALA A 26 1.38 3.74 -6.43
N THR A 27 0.15 3.28 -6.61
CA THR A 27 -0.98 4.09 -6.92
C THR A 27 -2.06 3.85 -5.87
N LEU A 28 -2.31 2.58 -5.61
CA LEU A 28 -3.30 2.13 -4.65
C LEU A 28 -2.88 2.45 -3.23
N VAL A 29 -1.63 2.19 -2.93
CA VAL A 29 -1.08 2.43 -1.61
C VAL A 29 -1.08 3.91 -1.33
N ALA A 30 -0.87 4.67 -2.38
CA ALA A 30 -0.91 6.10 -2.29
C ALA A 30 -2.33 6.59 -2.28
N ALA A 31 -3.19 5.84 -2.95
CA ALA A 31 -4.62 6.08 -2.93
C ALA A 31 -5.13 5.84 -1.53
N ALA A 32 -4.58 4.81 -0.93
CA ALA A 32 -4.79 4.50 0.47
C ALA A 32 -4.36 5.66 1.36
N THR A 33 -3.16 6.19 1.10
CA THR A 33 -2.67 7.30 1.90
C THR A 33 -3.33 8.61 1.47
N ALA A 34 -3.88 8.63 0.27
CA ALA A 34 -4.65 9.75 -0.18
C ALA A 34 -5.94 9.83 0.61
N THR A 35 -6.40 8.67 1.05
CA THR A 35 -7.58 8.55 1.86
C THR A 35 -7.30 8.98 3.30
N VAL A 36 -6.26 8.40 3.89
CA VAL A 36 -5.93 8.60 5.30
C VAL A 36 -5.84 10.09 5.65
N LEU A 37 -5.37 10.87 4.70
CA LEU A 37 -5.20 12.29 4.93
C LEU A 37 -6.43 13.06 4.49
N GLY A 38 -6.92 12.75 3.29
CA GLY A 38 -8.09 13.42 2.76
C GLY A 38 -7.82 14.07 1.41
N HIS A 39 -6.73 13.65 0.78
CA HIS A 39 -6.37 14.18 -0.54
C HIS A 39 -7.16 13.49 -1.64
N HIS A 40 -7.61 12.27 -1.35
CA HIS A 40 -8.36 11.43 -2.29
C HIS A 40 -7.48 10.92 -3.43
N THR A 41 -6.78 11.82 -4.10
CA THR A 41 -5.94 11.41 -5.22
C THR A 41 -4.52 11.10 -4.75
N PRO A 42 -3.97 10.04 -5.33
CA PRO A 42 -2.60 9.59 -5.08
C PRO A 42 -1.57 10.54 -5.69
N GLU A 43 -2.06 11.42 -6.55
CA GLU A 43 -1.19 12.37 -7.24
C GLU A 43 -0.49 13.32 -6.28
N SER A 44 -1.14 13.60 -5.15
CA SER A 44 -0.55 14.47 -4.14
C SER A 44 0.25 13.63 -3.14
N ILE A 45 0.15 12.31 -3.29
CA ILE A 45 0.83 11.39 -2.41
C ILE A 45 2.14 10.95 -3.02
N SER A 46 3.18 11.75 -2.82
CA SER A 46 4.51 11.43 -3.32
C SER A 46 5.03 10.19 -2.59
N PRO A 47 5.82 9.35 -3.27
CA PRO A 47 6.19 8.05 -2.78
C PRO A 47 7.46 8.11 -1.97
N ALA A 48 8.04 9.29 -1.97
CA ALA A 48 9.33 9.49 -1.39
C ALA A 48 9.32 10.62 -0.38
N THR A 49 8.11 11.14 -0.13
CA THR A 49 7.89 12.16 0.87
C THR A 49 7.99 11.58 2.27
N ALA A 50 7.37 10.41 2.42
CA ALA A 50 7.26 9.64 3.67
C ALA A 50 5.90 9.83 4.29
N PHE A 51 5.37 8.74 4.80
CA PHE A 51 4.08 8.72 5.48
C PHE A 51 4.06 9.72 6.61
N LYS A 52 5.11 9.72 7.40
CA LYS A 52 5.28 10.69 8.45
C LYS A 52 5.07 12.10 7.92
N ASP A 53 5.70 12.35 6.78
CA ASP A 53 5.72 13.67 6.18
C ASP A 53 4.42 13.95 5.45
N LEU A 54 3.60 12.92 5.36
CA LEU A 54 2.31 12.99 4.67
C LEU A 54 1.19 13.31 5.65
N GLY A 55 1.36 12.89 6.89
CA GLY A 55 0.32 13.08 7.87
C GLY A 55 -0.02 11.78 8.57
N ILE A 56 0.65 10.72 8.16
CA ILE A 56 0.50 9.43 8.80
C ILE A 56 0.95 9.52 10.25
N ASP A 57 0.12 9.00 11.13
CA ASP A 57 0.46 8.91 12.54
C ASP A 57 -0.52 7.99 13.25
N SER A 58 -0.03 6.82 13.63
CA SER A 58 -0.79 5.81 14.39
C SER A 58 -2.14 5.47 13.74
N LEU A 59 -3.16 6.27 14.02
CA LEU A 59 -4.51 6.02 13.52
C LEU A 59 -4.51 5.87 12.03
N THR A 60 -3.92 6.85 11.35
CA THR A 60 -3.94 6.84 9.91
C THR A 60 -2.90 5.88 9.37
N ALA A 61 -1.98 5.47 10.22
CA ALA A 61 -1.03 4.44 9.85
C ALA A 61 -1.71 3.09 9.92
N LEU A 62 -2.66 2.95 10.84
CA LEU A 62 -3.46 1.75 10.95
C LEU A 62 -4.58 1.78 9.91
N GLU A 63 -5.18 2.94 9.69
CA GLU A 63 -6.17 3.09 8.65
C GLU A 63 -5.52 2.89 7.29
N LEU A 64 -4.26 3.32 7.17
CA LEU A 64 -3.46 2.99 5.99
C LEU A 64 -3.41 1.48 5.87
N ARG A 65 -3.13 0.89 7.02
CA ARG A 65 -2.93 -0.55 7.14
C ARG A 65 -4.22 -1.27 6.76
N ASN A 66 -5.32 -0.79 7.31
CA ASN A 66 -6.65 -1.32 7.06
C ASN A 66 -6.96 -1.39 5.58
N THR A 67 -6.51 -0.40 4.82
CA THR A 67 -6.74 -0.40 3.38
C THR A 67 -5.77 -1.34 2.68
N LEU A 68 -4.48 -1.20 2.99
CA LEU A 68 -3.43 -2.01 2.38
C LEU A 68 -3.79 -3.49 2.42
N THR A 69 -4.00 -4.01 3.63
CA THR A 69 -4.23 -5.42 3.81
C THR A 69 -5.47 -5.89 3.06
N HIS A 70 -6.40 -4.99 2.83
CA HIS A 70 -7.63 -5.33 2.14
C HIS A 70 -7.38 -5.47 0.65
N ASN A 71 -6.51 -4.62 0.13
CA ASN A 71 -6.23 -4.62 -1.29
C ASN A 71 -5.13 -5.60 -1.66
N THR A 72 -4.35 -6.03 -0.67
CA THR A 72 -3.21 -6.89 -0.92
C THR A 72 -3.34 -8.22 -0.24
N GLY A 73 -4.27 -8.33 0.71
CA GLY A 73 -4.58 -9.62 1.28
C GLY A 73 -3.61 -10.04 2.36
N LEU A 74 -2.70 -9.14 2.71
CA LEU A 74 -1.63 -9.47 3.62
C LEU A 74 -2.02 -9.22 5.05
N ASP A 75 -2.03 -10.29 5.80
CA ASP A 75 -2.50 -10.27 7.18
C ASP A 75 -1.34 -9.97 8.12
N LEU A 76 -0.82 -8.76 8.03
CA LEU A 76 0.21 -8.29 8.92
C LEU A 76 -0.31 -7.16 9.80
N PRO A 77 0.19 -7.09 11.04
CA PRO A 77 -0.22 -6.07 12.03
C PRO A 77 0.26 -4.66 11.68
N PRO A 78 0.02 -3.67 12.58
CA PRO A 78 0.60 -2.31 12.47
C PRO A 78 2.13 -2.32 12.33
N THR A 79 2.75 -1.15 12.57
CA THR A 79 4.20 -0.97 12.43
C THR A 79 4.69 -1.24 11.01
N LEU A 80 3.77 -1.29 10.06
CA LEU A 80 4.13 -1.40 8.66
C LEU A 80 4.63 -0.07 8.14
N ILE A 81 4.03 1.00 8.64
CA ILE A 81 4.47 2.35 8.28
C ILE A 81 5.81 2.65 8.93
N PHE A 82 5.96 2.13 10.14
CA PHE A 82 7.18 2.28 10.90
C PHE A 82 8.33 1.51 10.27
N ASP A 83 8.01 0.40 9.61
CA ASP A 83 9.01 -0.42 8.93
C ASP A 83 9.20 0.05 7.49
N HIS A 84 8.13 0.58 6.92
CA HIS A 84 8.14 1.10 5.56
C HIS A 84 7.53 2.49 5.53
N PRO A 85 8.36 3.52 5.75
CA PRO A 85 7.88 4.86 6.02
C PRO A 85 7.56 5.70 4.79
N THR A 86 7.59 5.13 3.59
CA THR A 86 7.21 5.89 2.41
C THR A 86 6.21 5.10 1.58
N PRO A 87 5.36 5.78 0.77
CA PRO A 87 4.44 5.08 -0.13
C PRO A 87 5.17 4.12 -1.05
N HIS A 88 6.40 4.47 -1.40
CA HIS A 88 7.30 3.59 -2.13
C HIS A 88 7.61 2.37 -1.27
N ALA A 89 8.04 2.63 -0.04
CA ALA A 89 8.37 1.57 0.92
C ALA A 89 7.22 0.61 1.15
N LEU A 90 6.05 1.14 1.56
CA LEU A 90 4.87 0.30 1.80
C LEU A 90 4.55 -0.53 0.58
N THR A 91 4.66 0.11 -0.57
CA THR A 91 4.41 -0.55 -1.82
C THR A 91 5.40 -1.70 -2.00
N GLN A 92 6.67 -1.40 -1.78
CA GLN A 92 7.74 -2.40 -1.84
C GLN A 92 7.42 -3.57 -0.91
N HIS A 93 6.90 -3.25 0.26
CA HIS A 93 6.47 -4.24 1.23
C HIS A 93 5.51 -5.25 0.61
N LEU A 94 4.39 -4.78 0.09
CA LEU A 94 3.36 -5.67 -0.44
C LEU A 94 3.77 -6.24 -1.80
N HIS A 95 4.66 -5.54 -2.51
CA HIS A 95 5.11 -5.97 -3.83
C HIS A 95 6.10 -7.10 -3.67
N THR A 96 6.78 -7.11 -2.54
CA THR A 96 7.74 -8.12 -2.22
C THR A 96 7.02 -9.30 -1.57
N ARG A 97 6.06 -8.97 -0.71
CA ARG A 97 5.31 -9.97 0.02
C ARG A 97 4.36 -10.75 -0.88
N LEU A 98 4.12 -10.25 -2.09
CA LEU A 98 3.38 -11.01 -3.09
C LEU A 98 3.95 -12.41 -3.23
N THR A 99 5.25 -12.48 -3.44
CA THR A 99 5.94 -13.75 -3.57
C THR A 99 6.42 -14.22 -2.18
N GLN A 100 6.88 -13.28 -1.38
CA GLN A 100 7.30 -13.57 -0.01
C GLN A 100 6.09 -13.71 0.91
N SER A 101 5.34 -14.78 0.72
CA SER A 101 4.18 -15.07 1.54
C SER A 101 3.82 -16.54 1.43
N HIS A 102 2.70 -16.92 2.04
CA HIS A 102 2.26 -18.31 2.01
C HIS A 102 0.74 -18.36 2.15
#